data_5I8J
# 
_entry.id   5I8J 
# 
_audit_conform.dict_name       mmcif_pdbx.dic 
_audit_conform.dict_version    5.380 
_audit_conform.dict_location   http://mmcif.pdb.org/dictionaries/ascii/mmcif_pdbx.dic 
# 
loop_
_database_2.database_id 
_database_2.database_code 
_database_2.pdbx_database_accession 
_database_2.pdbx_DOI 
PDB   5I8J         pdb_00005i8j 10.2210/pdb5i8j/pdb 
WWPDB D_1000218463 ?            ?                   
# 
_pdbx_database_related.db_name        PDB 
_pdbx_database_related.details        'homologous protein from phage T4' 
_pdbx_database_related.db_id          4I8R 
_pdbx_database_related.content_type   unspecified 
# 
_pdbx_database_status.status_code                     REL 
_pdbx_database_status.status_code_sf                  REL 
_pdbx_database_status.status_code_mr                  ? 
_pdbx_database_status.entry_id                        5I8J 
_pdbx_database_status.recvd_initial_deposition_date   2016-02-19 
_pdbx_database_status.SG_entry                        N 
_pdbx_database_status.deposit_site                    RCSB 
_pdbx_database_status.process_site                    PDBJ 
_pdbx_database_status.status_code_cs                  ? 
_pdbx_database_status.methods_development_category    ? 
_pdbx_database_status.pdb_format_compatible           Y 
_pdbx_database_status.status_code_nmr_data            ? 
# 
loop_
_audit_author.name 
_audit_author.pdbx_ordinal 
'Wei, Y.'    1 
'Zhang, H.'  2 
'Gao, Z.Q.'  3 
'Dong, Y.H.' 4 
# 
_citation.abstract                  ? 
_citation.abstract_id_CAS           ? 
_citation.book_id_ISBN              ? 
_citation.book_publisher            ? 
_citation.book_publisher_city       ? 
_citation.book_title                ? 
_citation.coordinate_linkage        ? 
_citation.country                   US 
_citation.database_id_Medline       ? 
_citation.details                   ? 
_citation.id                        primary 
_citation.journal_abbrev            'Biochem. Biophys. Res. Commun.' 
_citation.journal_id_ASTM           BBRCA9 
_citation.journal_id_CSD            0146 
_citation.journal_id_ISSN           1090-2104 
_citation.journal_full              ? 
_citation.journal_issue             ? 
_citation.journal_volume            472 
_citation.language                  ? 
_citation.page_first                592 
_citation.page_last                 597 
_citation.title                     
'Structural characterizations of phage antitoxin Dmd and its interactions with bacterial toxin RnlA' 
_citation.year                      2016 
_citation.database_id_CSD           ? 
_citation.pdbx_database_id_DOI      10.1016/j.bbrc.2016.03.025 
_citation.pdbx_database_id_PubMed   26972252 
_citation.unpublished_flag          ? 
# 
loop_
_citation_author.citation_id 
_citation_author.name 
_citation_author.ordinal 
_citation_author.identifier_ORCID 
primary 'Wei, Y.'    1 ? 
primary 'Gao, Z.Q.'  2 ? 
primary 'Zhang, H.'  3 ? 
primary 'Dong, Y.H.' 4 ? 
# 
_cell.angle_alpha                  90.00 
_cell.angle_alpha_esd              ? 
_cell.angle_beta                   90.00 
_cell.angle_beta_esd               ? 
_cell.angle_gamma                  90.00 
_cell.angle_gamma_esd              ? 
_cell.entry_id                     5I8J 
_cell.details                      ? 
_cell.formula_units_Z              ? 
_cell.length_a                     31.910 
_cell.length_a_esd                 ? 
_cell.length_b                     53.933 
_cell.length_b_esd                 ? 
_cell.length_c                     75.454 
_cell.length_c_esd                 ? 
_cell.volume                       ? 
_cell.volume_esd                   ? 
_cell.Z_PDB                        8 
_cell.reciprocal_angle_alpha       ? 
_cell.reciprocal_angle_beta        ? 
_cell.reciprocal_angle_gamma       ? 
_cell.reciprocal_angle_alpha_esd   ? 
_cell.reciprocal_angle_beta_esd    ? 
_cell.reciprocal_angle_gamma_esd   ? 
_cell.reciprocal_length_a          ? 
_cell.reciprocal_length_b          ? 
_cell.reciprocal_length_c          ? 
_cell.reciprocal_length_a_esd      ? 
_cell.reciprocal_length_b_esd      ? 
_cell.reciprocal_length_c_esd      ? 
_cell.pdbx_unique_axis             ? 
# 
_symmetry.entry_id                         5I8J 
_symmetry.cell_setting                     ? 
_symmetry.Int_Tables_number                19 
_symmetry.space_group_name_Hall            ? 
_symmetry.space_group_name_H-M             'P 21 21 21' 
_symmetry.pdbx_full_space_group_name_H-M   ? 
# 
loop_
_entity.id 
_entity.type 
_entity.src_method 
_entity.pdbx_description 
_entity.formula_weight 
_entity.pdbx_number_of_molecules 
_entity.pdbx_ec 
_entity.pdbx_mutation 
_entity.pdbx_fragment 
_entity.details 
1 polymer man 'Dmd discriminator of mRNA degradation' 7356.407 2   ? ? ? ? 
2 water   nat water                                   18.015   139 ? ? ? ? 
# 
_entity_poly.entity_id                      1 
_entity_poly.type                           'polypeptide(L)' 
_entity_poly.nstd_linkage                   no 
_entity_poly.nstd_monomer                   no 
_entity_poly.pdbx_seq_one_letter_code       SMSKLTKVTFIGWFKSGEMFTKDIMLSGDREEIEWVTVQLAEVNNALVKAFINDEKVFEADFRG 
_entity_poly.pdbx_seq_one_letter_code_can   SMSKLTKVTFIGWFKSGEMFTKDIMLSGDREEIEWVTVQLAEVNNALVKAFINDEKVFEADFRG 
_entity_poly.pdbx_strand_id                 A,B 
_entity_poly.pdbx_target_identifier         ? 
# 
loop_
_entity_poly_seq.entity_id 
_entity_poly_seq.num 
_entity_poly_seq.mon_id 
_entity_poly_seq.hetero 
1 1  SER n 
1 2  MET n 
1 3  SER n 
1 4  LYS n 
1 5  LEU n 
1 6  THR n 
1 7  LYS n 
1 8  VAL n 
1 9  THR n 
1 10 PHE n 
1 11 ILE n 
1 12 GLY n 
1 13 TRP n 
1 14 PHE n 
1 15 LYS n 
1 16 SER n 
1 17 GLY n 
1 18 GLU n 
1 19 MET n 
1 20 PHE n 
1 21 THR n 
1 22 LYS n 
1 23 ASP n 
1 24 ILE n 
1 25 MET n 
1 26 LEU n 
1 27 SER n 
1 28 GLY n 
1 29 ASP n 
1 30 ARG n 
1 31 GLU n 
1 32 GLU n 
1 33 ILE n 
1 34 GLU n 
1 35 TRP n 
1 36 VAL n 
1 37 THR n 
1 38 VAL n 
1 39 GLN n 
1 40 LEU n 
1 41 ALA n 
1 42 GLU n 
1 43 VAL n 
1 44 ASN n 
1 45 ASN n 
1 46 ALA n 
1 47 LEU n 
1 48 VAL n 
1 49 LYS n 
1 50 ALA n 
1 51 PHE n 
1 52 ILE n 
1 53 ASN n 
1 54 ASP n 
1 55 GLU n 
1 56 LYS n 
1 57 VAL n 
1 58 PHE n 
1 59 GLU n 
1 60 ALA n 
1 61 ASP n 
1 62 PHE n 
1 63 ARG n 
1 64 GLY n 
# 
_entity_src_gen.entity_id                          1 
_entity_src_gen.pdbx_src_id                        1 
_entity_src_gen.pdbx_alt_source_flag               sample 
_entity_src_gen.pdbx_seq_type                      'Biological sequence' 
_entity_src_gen.pdbx_beg_seq_num                   1 
_entity_src_gen.pdbx_end_seq_num                   64 
_entity_src_gen.gene_src_common_name               ? 
_entity_src_gen.gene_src_genus                     ? 
_entity_src_gen.pdbx_gene_src_gene                 dmd 
_entity_src_gen.gene_src_species                   ? 
_entity_src_gen.gene_src_strain                    ? 
_entity_src_gen.gene_src_tissue                    ? 
_entity_src_gen.gene_src_tissue_fraction           ? 
_entity_src_gen.gene_src_details                   ? 
_entity_src_gen.pdbx_gene_src_fragment             ? 
_entity_src_gen.pdbx_gene_src_scientific_name      'Enterobacteria phage RB69' 
_entity_src_gen.pdbx_gene_src_ncbi_taxonomy_id     12353 
_entity_src_gen.pdbx_gene_src_variant              ? 
_entity_src_gen.pdbx_gene_src_cell_line            ? 
_entity_src_gen.pdbx_gene_src_atcc                 ? 
_entity_src_gen.pdbx_gene_src_organ                ? 
_entity_src_gen.pdbx_gene_src_organelle            ? 
_entity_src_gen.pdbx_gene_src_cell                 ? 
_entity_src_gen.pdbx_gene_src_cellular_location    ? 
_entity_src_gen.host_org_common_name               ? 
_entity_src_gen.pdbx_host_org_scientific_name      'Escherichia coli BL21(DE3)' 
_entity_src_gen.pdbx_host_org_ncbi_taxonomy_id     469008 
_entity_src_gen.host_org_genus                     ? 
_entity_src_gen.pdbx_host_org_gene                 ? 
_entity_src_gen.pdbx_host_org_organ                ? 
_entity_src_gen.host_org_species                   ? 
_entity_src_gen.pdbx_host_org_tissue               ? 
_entity_src_gen.pdbx_host_org_tissue_fraction      ? 
_entity_src_gen.pdbx_host_org_strain               'BL21(DE3)' 
_entity_src_gen.pdbx_host_org_variant              ? 
_entity_src_gen.pdbx_host_org_cell_line            ? 
_entity_src_gen.pdbx_host_org_atcc                 ? 
_entity_src_gen.pdbx_host_org_culture_collection   ? 
_entity_src_gen.pdbx_host_org_cell                 ? 
_entity_src_gen.pdbx_host_org_organelle            ? 
_entity_src_gen.pdbx_host_org_cellular_location    ? 
_entity_src_gen.pdbx_host_org_vector_type          ? 
_entity_src_gen.pdbx_host_org_vector               ? 
_entity_src_gen.host_org_details                   ? 
_entity_src_gen.expression_system_id               ? 
_entity_src_gen.plasmid_name                       ? 
_entity_src_gen.plasmid_details                    ? 
_entity_src_gen.pdbx_description                   ? 
# 
_struct_ref.id                         1 
_struct_ref.db_name                    UNP 
_struct_ref.db_code                    Q7Y599_BPR69 
_struct_ref.pdbx_db_accession          Q7Y599 
_struct_ref.pdbx_db_isoform            ? 
_struct_ref.entity_id                  1 
_struct_ref.pdbx_seq_one_letter_code   MSKLTKVTFIGWFKSGEMFTKDIMLSGDREEIEWVTVQLAEVNNALVKAFINDEKVFEADFRG 
_struct_ref.pdbx_align_begin           1 
# 
loop_
_struct_ref_seq.align_id 
_struct_ref_seq.ref_id 
_struct_ref_seq.pdbx_PDB_id_code 
_struct_ref_seq.pdbx_strand_id 
_struct_ref_seq.seq_align_beg 
_struct_ref_seq.pdbx_seq_align_beg_ins_code 
_struct_ref_seq.seq_align_end 
_struct_ref_seq.pdbx_seq_align_end_ins_code 
_struct_ref_seq.pdbx_db_accession 
_struct_ref_seq.db_align_beg 
_struct_ref_seq.pdbx_db_align_beg_ins_code 
_struct_ref_seq.db_align_end 
_struct_ref_seq.pdbx_db_align_end_ins_code 
_struct_ref_seq.pdbx_auth_seq_align_beg 
_struct_ref_seq.pdbx_auth_seq_align_end 
1 1 5I8J A 2 ? 64 ? Q7Y599 1 ? 63 ? 1 63 
2 1 5I8J B 2 ? 64 ? Q7Y599 1 ? 63 ? 1 63 
# 
loop_
_struct_ref_seq_dif.align_id 
_struct_ref_seq_dif.pdbx_pdb_id_code 
_struct_ref_seq_dif.mon_id 
_struct_ref_seq_dif.pdbx_pdb_strand_id 
_struct_ref_seq_dif.seq_num 
_struct_ref_seq_dif.pdbx_pdb_ins_code 
_struct_ref_seq_dif.pdbx_seq_db_name 
_struct_ref_seq_dif.pdbx_seq_db_accession_code 
_struct_ref_seq_dif.db_mon_id 
_struct_ref_seq_dif.pdbx_seq_db_seq_num 
_struct_ref_seq_dif.details 
_struct_ref_seq_dif.pdbx_auth_seq_num 
_struct_ref_seq_dif.pdbx_ordinal 
1 5I8J SER A 1 ? UNP Q7Y599 ? ? 'expression tag' 0 1 
2 5I8J SER B 1 ? UNP Q7Y599 ? ? 'expression tag' 0 2 
# 
loop_
_chem_comp.id 
_chem_comp.type 
_chem_comp.mon_nstd_flag 
_chem_comp.name 
_chem_comp.pdbx_synonyms 
_chem_comp.formula 
_chem_comp.formula_weight 
ALA 'L-peptide linking' y ALANINE         ? 'C3 H7 N O2'     89.093  
ARG 'L-peptide linking' y ARGININE        ? 'C6 H15 N4 O2 1' 175.209 
ASN 'L-peptide linking' y ASPARAGINE      ? 'C4 H8 N2 O3'    132.118 
ASP 'L-peptide linking' y 'ASPARTIC ACID' ? 'C4 H7 N O4'     133.103 
GLN 'L-peptide linking' y GLUTAMINE       ? 'C5 H10 N2 O3'   146.144 
GLU 'L-peptide linking' y 'GLUTAMIC ACID' ? 'C5 H9 N O4'     147.129 
GLY 'peptide linking'   y GLYCINE         ? 'C2 H5 N O2'     75.067  
HOH non-polymer         . WATER           ? 'H2 O'           18.015  
ILE 'L-peptide linking' y ISOLEUCINE      ? 'C6 H13 N O2'    131.173 
LEU 'L-peptide linking' y LEUCINE         ? 'C6 H13 N O2'    131.173 
LYS 'L-peptide linking' y LYSINE          ? 'C6 H15 N2 O2 1' 147.195 
MET 'L-peptide linking' y METHIONINE      ? 'C5 H11 N O2 S'  149.211 
PHE 'L-peptide linking' y PHENYLALANINE   ? 'C9 H11 N O2'    165.189 
SER 'L-peptide linking' y SERINE          ? 'C3 H7 N O3'     105.093 
THR 'L-peptide linking' y THREONINE       ? 'C4 H9 N O3'     119.119 
TRP 'L-peptide linking' y TRYPTOPHAN      ? 'C11 H12 N2 O2'  204.225 
VAL 'L-peptide linking' y VALINE          ? 'C5 H11 N O2'    117.146 
# 
_exptl.absorpt_coefficient_mu     ? 
_exptl.absorpt_correction_T_max   ? 
_exptl.absorpt_correction_T_min   ? 
_exptl.absorpt_correction_type    ? 
_exptl.absorpt_process_details    ? 
_exptl.entry_id                   5I8J 
_exptl.crystals_number            1 
_exptl.details                    ? 
_exptl.method                     'X-RAY DIFFRACTION' 
_exptl.method_details             ? 
# 
_exptl_crystal.colour                      ? 
_exptl_crystal.density_diffrn              ? 
_exptl_crystal.density_Matthews            2.21 
_exptl_crystal.density_method              ? 
_exptl_crystal.density_percent_sol         44.26 
_exptl_crystal.description                 ? 
_exptl_crystal.F_000                       ? 
_exptl_crystal.id                          1 
_exptl_crystal.preparation                 ? 
_exptl_crystal.size_max                    ? 
_exptl_crystal.size_mid                    ? 
_exptl_crystal.size_min                    ? 
_exptl_crystal.size_rad                    ? 
_exptl_crystal.colour_lustre               ? 
_exptl_crystal.colour_modifier             ? 
_exptl_crystal.colour_primary              ? 
_exptl_crystal.density_meas                ? 
_exptl_crystal.density_meas_esd            ? 
_exptl_crystal.density_meas_gt             ? 
_exptl_crystal.density_meas_lt             ? 
_exptl_crystal.density_meas_temp           ? 
_exptl_crystal.density_meas_temp_esd       ? 
_exptl_crystal.density_meas_temp_gt        ? 
_exptl_crystal.density_meas_temp_lt        ? 
_exptl_crystal.pdbx_crystal_image_url      ? 
_exptl_crystal.pdbx_crystal_image_format   ? 
_exptl_crystal.pdbx_mosaicity              ? 
_exptl_crystal.pdbx_mosaicity_esd          ? 
# 
_exptl_crystal_grow.apparatus       ? 
_exptl_crystal_grow.atmosphere      ? 
_exptl_crystal_grow.crystal_id      1 
_exptl_crystal_grow.details         ? 
_exptl_crystal_grow.method          'VAPOR DIFFUSION, SITTING DROP' 
_exptl_crystal_grow.method_ref      ? 
_exptl_crystal_grow.pH              7.0 
_exptl_crystal_grow.pressure        ? 
_exptl_crystal_grow.pressure_esd    ? 
_exptl_crystal_grow.seeding         ? 
_exptl_crystal_grow.seeding_ref     ? 
_exptl_crystal_grow.temp            293 
_exptl_crystal_grow.temp_details    ? 
_exptl_crystal_grow.temp_esd        ? 
_exptl_crystal_grow.time            ? 
_exptl_crystal_grow.pdbx_details    
;0.1 M HEPES
25% PEG3350
;
_exptl_crystal_grow.pdbx_pH_range   ? 
# 
_diffrn.ambient_environment    ? 
_diffrn.ambient_temp           100 
_diffrn.ambient_temp_details   ? 
_diffrn.ambient_temp_esd       ? 
_diffrn.crystal_id             1 
_diffrn.crystal_support        ? 
_diffrn.crystal_treatment      ? 
_diffrn.details                ? 
_diffrn.id                     1 
_diffrn.ambient_pressure       ? 
_diffrn.ambient_pressure_esd   ? 
_diffrn.ambient_pressure_gt    ? 
_diffrn.ambient_pressure_lt    ? 
_diffrn.ambient_temp_gt        ? 
_diffrn.ambient_temp_lt        ? 
# 
_diffrn_detector.details                      ? 
_diffrn_detector.detector                     CCD 
_diffrn_detector.diffrn_id                    1 
_diffrn_detector.type                         'MAR CCD 165 mm' 
_diffrn_detector.area_resol_mean              ? 
_diffrn_detector.dtime                        ? 
_diffrn_detector.pdbx_frames_total            ? 
_diffrn_detector.pdbx_collection_time_total   ? 
_diffrn_detector.pdbx_collection_date         2013-10-05 
# 
_diffrn_radiation.collimation                      ? 
_diffrn_radiation.diffrn_id                        1 
_diffrn_radiation.filter_edge                      ? 
_diffrn_radiation.inhomogeneity                    ? 
_diffrn_radiation.monochromator                    ? 
_diffrn_radiation.polarisn_norm                    ? 
_diffrn_radiation.polarisn_ratio                   ? 
_diffrn_radiation.probe                            ? 
_diffrn_radiation.type                             ? 
_diffrn_radiation.xray_symbol                      ? 
_diffrn_radiation.wavelength_id                    1 
_diffrn_radiation.pdbx_monochromatic_or_laue_m_l   M 
_diffrn_radiation.pdbx_wavelength_list             ? 
_diffrn_radiation.pdbx_wavelength                  ? 
_diffrn_radiation.pdbx_diffrn_protocol             'SINGLE WAVELENGTH' 
_diffrn_radiation.pdbx_analyzer                    ? 
_diffrn_radiation.pdbx_scattering_type             x-ray 
# 
_diffrn_radiation_wavelength.id           1 
_diffrn_radiation_wavelength.wavelength   0.9792 
_diffrn_radiation_wavelength.wt           1.0 
# 
_diffrn_source.current                     ? 
_diffrn_source.details                     ? 
_diffrn_source.diffrn_id                   1 
_diffrn_source.power                       ? 
_diffrn_source.size                        ? 
_diffrn_source.source                      SYNCHROTRON 
_diffrn_source.target                      ? 
_diffrn_source.type                        'BSRF BEAMLINE 1W2B' 
_diffrn_source.voltage                     ? 
_diffrn_source.take-off_angle              ? 
_diffrn_source.pdbx_wavelength_list        0.9792 
_diffrn_source.pdbx_wavelength             ? 
_diffrn_source.pdbx_synchrotron_beamline   1W2B 
_diffrn_source.pdbx_synchrotron_site       BSRF 
# 
_reflns.B_iso_Wilson_estimate            ? 
_reflns.entry_id                         5I8J 
_reflns.data_reduction_details           ? 
_reflns.data_reduction_method            ? 
_reflns.d_resolution_high                1.75 
_reflns.d_resolution_low                 50 
_reflns.details                          ? 
_reflns.limit_h_max                      ? 
_reflns.limit_h_min                      ? 
_reflns.limit_k_max                      ? 
_reflns.limit_k_min                      ? 
_reflns.limit_l_max                      ? 
_reflns.limit_l_min                      ? 
_reflns.number_all                       ? 
_reflns.number_obs                       13857 
_reflns.observed_criterion               ? 
_reflns.observed_criterion_F_max         ? 
_reflns.observed_criterion_F_min         ? 
_reflns.observed_criterion_I_max         ? 
_reflns.observed_criterion_I_min         ? 
_reflns.observed_criterion_sigma_F       ? 
_reflns.observed_criterion_sigma_I       ? 
_reflns.percent_possible_obs             99.9 
_reflns.R_free_details                   ? 
_reflns.Rmerge_F_all                     ? 
_reflns.Rmerge_F_obs                     ? 
_reflns.Friedel_coverage                 ? 
_reflns.number_gt                        ? 
_reflns.threshold_expression             ? 
_reflns.pdbx_redundancy                  13.7 
_reflns.pdbx_Rmerge_I_obs                0.084 
_reflns.pdbx_Rmerge_I_all                ? 
_reflns.pdbx_Rsym_value                  ? 
_reflns.pdbx_netI_over_av_sigmaI         ? 
_reflns.pdbx_netI_over_sigmaI            53.76 
_reflns.pdbx_res_netI_over_av_sigmaI_2   ? 
_reflns.pdbx_res_netI_over_sigmaI_2      ? 
_reflns.pdbx_chi_squared                 ? 
_reflns.pdbx_scaling_rejects             ? 
_reflns.pdbx_d_res_high_opt              ? 
_reflns.pdbx_d_res_low_opt               ? 
_reflns.pdbx_d_res_opt_method            ? 
_reflns.phase_calculation_details        ? 
_reflns.pdbx_Rrim_I_all                  ? 
_reflns.pdbx_Rpim_I_all                  ? 
_reflns.pdbx_d_opt                       ? 
_reflns.pdbx_number_measured_all         ? 
_reflns.pdbx_diffrn_id                   1 
_reflns.pdbx_ordinal                     1 
_reflns.pdbx_CC_half                     ? 
_reflns.pdbx_R_split                     ? 
# 
_reflns_shell.d_res_high                  1.75 
_reflns_shell.d_res_low                   1.78 
_reflns_shell.meanI_over_sigI_all         ? 
_reflns_shell.meanI_over_sigI_obs         8.81 
_reflns_shell.number_measured_all         ? 
_reflns_shell.number_measured_obs         ? 
_reflns_shell.number_possible             ? 
_reflns_shell.number_unique_all           ? 
_reflns_shell.number_unique_obs           ? 
_reflns_shell.percent_possible_all        99.3 
_reflns_shell.percent_possible_obs        ? 
_reflns_shell.Rmerge_F_all                ? 
_reflns_shell.Rmerge_F_obs                ? 
_reflns_shell.Rmerge_I_all                ? 
_reflns_shell.Rmerge_I_obs                0.333 
_reflns_shell.meanI_over_sigI_gt          ? 
_reflns_shell.meanI_over_uI_all           ? 
_reflns_shell.meanI_over_uI_gt            ? 
_reflns_shell.number_measured_gt          ? 
_reflns_shell.number_unique_gt            ? 
_reflns_shell.percent_possible_gt         ? 
_reflns_shell.Rmerge_F_gt                 ? 
_reflns_shell.Rmerge_I_gt                 ? 
_reflns_shell.pdbx_redundancy             11.0 
_reflns_shell.pdbx_Rsym_value             ? 
_reflns_shell.pdbx_chi_squared            ? 
_reflns_shell.pdbx_netI_over_sigmaI_all   ? 
_reflns_shell.pdbx_netI_over_sigmaI_obs   ? 
_reflns_shell.pdbx_Rrim_I_all             ? 
_reflns_shell.pdbx_Rpim_I_all             ? 
_reflns_shell.pdbx_rejects                ? 
_reflns_shell.pdbx_ordinal                1 
_reflns_shell.pdbx_diffrn_id              1 
_reflns_shell.pdbx_CC_half                ? 
_reflns_shell.pdbx_R_split                ? 
# 
_refine.aniso_B[1][1]                            ? 
_refine.aniso_B[1][2]                            ? 
_refine.aniso_B[1][3]                            ? 
_refine.aniso_B[2][2]                            ? 
_refine.aniso_B[2][3]                            ? 
_refine.aniso_B[3][3]                            ? 
_refine.B_iso_max                                ? 
_refine.B_iso_mean                               ? 
_refine.B_iso_min                                ? 
_refine.correlation_coeff_Fo_to_Fc               ? 
_refine.correlation_coeff_Fo_to_Fc_free          ? 
_refine.details                                  ? 
_refine.diff_density_max                         ? 
_refine.diff_density_max_esd                     ? 
_refine.diff_density_min                         ? 
_refine.diff_density_min_esd                     ? 
_refine.diff_density_rms                         ? 
_refine.diff_density_rms_esd                     ? 
_refine.entry_id                                 5I8J 
_refine.pdbx_refine_id                           'X-RAY DIFFRACTION' 
_refine.ls_abs_structure_details                 ? 
_refine.ls_abs_structure_Flack                   ? 
_refine.ls_abs_structure_Flack_esd               ? 
_refine.ls_abs_structure_Rogers                  ? 
_refine.ls_abs_structure_Rogers_esd              ? 
_refine.ls_d_res_high                            1.750 
_refine.ls_d_res_low                             30.914 
_refine.ls_extinction_coef                       ? 
_refine.ls_extinction_coef_esd                   ? 
_refine.ls_extinction_expression                 ? 
_refine.ls_extinction_method                     ? 
_refine.ls_goodness_of_fit_all                   ? 
_refine.ls_goodness_of_fit_all_esd               ? 
_refine.ls_goodness_of_fit_obs                   ? 
_refine.ls_goodness_of_fit_obs_esd               ? 
_refine.ls_hydrogen_treatment                    ? 
_refine.ls_matrix_type                           ? 
_refine.ls_number_constraints                    ? 
_refine.ls_number_parameters                     ? 
_refine.ls_number_reflns_all                     ? 
_refine.ls_number_reflns_obs                     13689 
_refine.ls_number_reflns_R_free                  668 
_refine.ls_number_reflns_R_work                  ? 
_refine.ls_number_restraints                     ? 
_refine.ls_percent_reflns_obs                    99.83 
_refine.ls_percent_reflns_R_free                 4.88 
_refine.ls_R_factor_all                          ? 
_refine.ls_R_factor_obs                          0.1934 
_refine.ls_R_factor_R_free                       0.2230 
_refine.ls_R_factor_R_free_error                 ? 
_refine.ls_R_factor_R_free_error_details         ? 
_refine.ls_R_factor_R_work                       0.1919 
_refine.ls_R_Fsqd_factor_obs                     ? 
_refine.ls_R_I_factor_obs                        ? 
_refine.ls_redundancy_reflns_all                 ? 
_refine.ls_redundancy_reflns_obs                 ? 
_refine.ls_restrained_S_all                      ? 
_refine.ls_restrained_S_obs                      ? 
_refine.ls_shift_over_esd_max                    ? 
_refine.ls_shift_over_esd_mean                   ? 
_refine.ls_structure_factor_coef                 ? 
_refine.ls_weighting_details                     ? 
_refine.ls_weighting_scheme                      ? 
_refine.ls_wR_factor_all                         ? 
_refine.ls_wR_factor_obs                         ? 
_refine.ls_wR_factor_R_free                      ? 
_refine.ls_wR_factor_R_work                      ? 
_refine.occupancy_max                            ? 
_refine.occupancy_min                            ? 
_refine.solvent_model_details                    ? 
_refine.solvent_model_param_bsol                 ? 
_refine.solvent_model_param_ksol                 ? 
_refine.ls_R_factor_gt                           ? 
_refine.ls_goodness_of_fit_gt                    ? 
_refine.ls_goodness_of_fit_ref                   ? 
_refine.ls_shift_over_su_max                     ? 
_refine.ls_shift_over_su_max_lt                  ? 
_refine.ls_shift_over_su_mean                    ? 
_refine.ls_shift_over_su_mean_lt                 ? 
_refine.pdbx_ls_sigma_I                          ? 
_refine.pdbx_ls_sigma_F                          1.35 
_refine.pdbx_ls_sigma_Fsqd                       ? 
_refine.pdbx_data_cutoff_high_absF               ? 
_refine.pdbx_data_cutoff_high_rms_absF           ? 
_refine.pdbx_data_cutoff_low_absF                ? 
_refine.pdbx_isotropic_thermal_model             ? 
_refine.pdbx_ls_cross_valid_method               'FREE R-VALUE' 
_refine.pdbx_method_to_determine_struct          'MOLECULAR REPLACEMENT' 
_refine.pdbx_starting_model                      4I8R 
_refine.pdbx_stereochemistry_target_values       ? 
_refine.pdbx_R_Free_selection_details            ? 
_refine.pdbx_stereochem_target_val_spec_case     ? 
_refine.pdbx_overall_ESU_R                       ? 
_refine.pdbx_overall_ESU_R_Free                  ? 
_refine.pdbx_solvent_vdw_probe_radii             1.11 
_refine.pdbx_solvent_ion_probe_radii             ? 
_refine.pdbx_solvent_shrinkage_radii             0.90 
_refine.pdbx_real_space_R                        ? 
_refine.pdbx_density_correlation                 ? 
_refine.pdbx_pd_number_of_powder_patterns        ? 
_refine.pdbx_pd_number_of_points                 ? 
_refine.pdbx_pd_meas_number_of_points            ? 
_refine.pdbx_pd_proc_ls_prof_R_factor            ? 
_refine.pdbx_pd_proc_ls_prof_wR_factor           ? 
_refine.pdbx_pd_Marquardt_correlation_coeff      ? 
_refine.pdbx_pd_Fsqrd_R_factor                   ? 
_refine.pdbx_pd_ls_matrix_band_width             ? 
_refine.pdbx_overall_phase_error                 23.36 
_refine.pdbx_overall_SU_R_free_Cruickshank_DPI   ? 
_refine.pdbx_overall_SU_R_free_Blow_DPI          ? 
_refine.pdbx_overall_SU_R_Blow_DPI               ? 
_refine.pdbx_TLS_residual_ADP_flag               ? 
_refine.pdbx_diffrn_id                           1 
_refine.overall_SU_B                             ? 
_refine.overall_SU_ML                            0.17 
_refine.overall_SU_R_Cruickshank_DPI             ? 
_refine.overall_SU_R_free                        ? 
_refine.overall_FOM_free_R_set                   ? 
_refine.overall_FOM_work_R_set                   ? 
_refine.pdbx_average_fsc_overall                 ? 
_refine.pdbx_average_fsc_work                    ? 
_refine.pdbx_average_fsc_free                    ? 
# 
_refine_hist.pdbx_refine_id                   'X-RAY DIFFRACTION' 
_refine_hist.cycle_id                         LAST 
_refine_hist.pdbx_number_atoms_protein        1022 
_refine_hist.pdbx_number_atoms_nucleic_acid   0 
_refine_hist.pdbx_number_atoms_ligand         0 
_refine_hist.number_atoms_solvent             139 
_refine_hist.number_atoms_total               1161 
_refine_hist.d_res_high                       1.750 
_refine_hist.d_res_low                        30.914 
# 
loop_
_refine_ls_restr.pdbx_refine_id 
_refine_ls_restr.criterion 
_refine_ls_restr.dev_ideal 
_refine_ls_restr.dev_ideal_target 
_refine_ls_restr.number 
_refine_ls_restr.rejects 
_refine_ls_restr.type 
_refine_ls_restr.weight 
_refine_ls_restr.pdbx_restraint_function 
'X-RAY DIFFRACTION' ? 0.006  ? 1040 ? f_bond_d           ? ? 
'X-RAY DIFFRACTION' ? 0.964  ? 1395 ? f_angle_d          ? ? 
'X-RAY DIFFRACTION' ? 13.296 ? 377  ? f_dihedral_angle_d ? ? 
'X-RAY DIFFRACTION' ? 0.046  ? 155  ? f_chiral_restr     ? ? 
'X-RAY DIFFRACTION' ? 0.004  ? 174  ? f_plane_restr      ? ? 
# 
loop_
_refine_ls_shell.pdbx_refine_id 
_refine_ls_shell.d_res_high 
_refine_ls_shell.d_res_low 
_refine_ls_shell.number_reflns_all 
_refine_ls_shell.number_reflns_obs 
_refine_ls_shell.number_reflns_R_free 
_refine_ls_shell.number_reflns_R_work 
_refine_ls_shell.percent_reflns_obs 
_refine_ls_shell.percent_reflns_R_free 
_refine_ls_shell.R_factor_all 
_refine_ls_shell.R_factor_obs 
_refine_ls_shell.R_factor_R_free 
_refine_ls_shell.R_factor_R_free_error 
_refine_ls_shell.R_factor_R_work 
_refine_ls_shell.redundancy_reflns_all 
_refine_ls_shell.redundancy_reflns_obs 
_refine_ls_shell.wR_factor_all 
_refine_ls_shell.wR_factor_obs 
_refine_ls_shell.wR_factor_R_free 
_refine_ls_shell.wR_factor_R_work 
_refine_ls_shell.pdbx_total_number_of_bins_used 
_refine_ls_shell.pdbx_phase_error 
_refine_ls_shell.pdbx_fsc_work 
_refine_ls_shell.pdbx_fsc_free 
'X-RAY DIFFRACTION' 1.7501 1.8852  . . 117 2550 100.00 . . . 0.2753 . 0.2127 . . . . . . . . . . 
'X-RAY DIFFRACTION' 1.8852 2.0749  . . 140 2547 100.00 . . . 0.2182 . 0.1891 . . . . . . . . . . 
'X-RAY DIFFRACTION' 2.0749 2.3750  . . 138 2562 100.00 . . . 0.2474 . 0.1953 . . . . . . . . . . 
'X-RAY DIFFRACTION' 2.3750 2.9919  . . 132 2625 100.00 . . . 0.2333 . 0.2086 . . . . . . . . . . 
'X-RAY DIFFRACTION' 2.9919 30.9190 . . 141 2737 100.00 . . . 0.2005 . 0.1790 . . . . . . . . . . 
# 
_struct.entry_id                     5I8J 
_struct.title                        'Crystal structure of Dmd from phage RB69' 
_struct.pdbx_model_details           ? 
_struct.pdbx_formula_weight          ? 
_struct.pdbx_formula_weight_method   ? 
_struct.pdbx_model_type_details      ? 
_struct.pdbx_CASP_flag               ? 
# 
_struct_keywords.entry_id        5I8J 
_struct_keywords.text            antitoxin 
_struct_keywords.pdbx_keywords   ANTITOXIN 
# 
loop_
_struct_asym.id 
_struct_asym.pdbx_blank_PDB_chainid_flag 
_struct_asym.pdbx_modified 
_struct_asym.entity_id 
_struct_asym.details 
A N N 1 ? 
B N N 1 ? 
C N N 2 ? 
D N N 2 ? 
# 
loop_
_struct_conf.conf_type_id 
_struct_conf.id 
_struct_conf.pdbx_PDB_helix_id 
_struct_conf.beg_label_comp_id 
_struct_conf.beg_label_asym_id 
_struct_conf.beg_label_seq_id 
_struct_conf.pdbx_beg_PDB_ins_code 
_struct_conf.end_label_comp_id 
_struct_conf.end_label_asym_id 
_struct_conf.end_label_seq_id 
_struct_conf.pdbx_end_PDB_ins_code 
_struct_conf.beg_auth_comp_id 
_struct_conf.beg_auth_asym_id 
_struct_conf.beg_auth_seq_id 
_struct_conf.end_auth_comp_id 
_struct_conf.end_auth_asym_id 
_struct_conf.end_auth_seq_id 
_struct_conf.pdbx_PDB_helix_class 
_struct_conf.details 
_struct_conf.pdbx_PDB_helix_length 
HELX_P HELX_P1 AA1 ASP A 29 ? ASN A 45 ? ASP A 28 ASN A 44 1 ? 17 
HELX_P HELX_P2 AA2 ASP B 29 ? ASN B 44 ? ASP B 28 ASN B 43 1 ? 16 
# 
_struct_conf_type.id          HELX_P 
_struct_conf_type.criteria    ? 
_struct_conf_type.reference   ? 
# 
loop_
_struct_sheet.id 
_struct_sheet.type 
_struct_sheet.number_strands 
_struct_sheet.details 
AA1 ? 4 ? 
AA2 ? 4 ? 
# 
loop_
_struct_sheet_order.sheet_id 
_struct_sheet_order.range_id_1 
_struct_sheet_order.range_id_2 
_struct_sheet_order.offset 
_struct_sheet_order.sense 
AA1 1 2 ? anti-parallel 
AA1 2 3 ? anti-parallel 
AA1 3 4 ? anti-parallel 
AA2 1 2 ? anti-parallel 
AA2 2 3 ? anti-parallel 
AA2 3 4 ? anti-parallel 
# 
loop_
_struct_sheet_range.sheet_id 
_struct_sheet_range.id 
_struct_sheet_range.beg_label_comp_id 
_struct_sheet_range.beg_label_asym_id 
_struct_sheet_range.beg_label_seq_id 
_struct_sheet_range.pdbx_beg_PDB_ins_code 
_struct_sheet_range.end_label_comp_id 
_struct_sheet_range.end_label_asym_id 
_struct_sheet_range.end_label_seq_id 
_struct_sheet_range.pdbx_end_PDB_ins_code 
_struct_sheet_range.beg_auth_comp_id 
_struct_sheet_range.beg_auth_asym_id 
_struct_sheet_range.beg_auth_seq_id 
_struct_sheet_range.end_auth_comp_id 
_struct_sheet_range.end_auth_asym_id 
_struct_sheet_range.end_auth_seq_id 
AA1 1 MET A 19 ? LEU A 26 ? MET A 18 LEU A 25 
AA1 2 THR A 6  ? PHE A 14 ? THR A 5  PHE A 13 
AA1 3 ALA A 46 ? ILE A 52 ? ALA A 45 ILE A 51 
AA1 4 GLU A 55 ? ASP A 61 ? GLU A 54 ASP A 60 
AA2 1 MET B 19 ? SER B 27 ? MET B 18 SER B 26 
AA2 2 LEU B 5  ? PHE B 14 ? LEU B 4  PHE B 13 
AA2 3 ALA B 46 ? ILE B 52 ? ALA B 45 ILE B 51 
AA2 4 GLU B 55 ? ASP B 61 ? GLU B 54 ASP B 60 
# 
loop_
_pdbx_struct_sheet_hbond.sheet_id 
_pdbx_struct_sheet_hbond.range_id_1 
_pdbx_struct_sheet_hbond.range_id_2 
_pdbx_struct_sheet_hbond.range_1_label_atom_id 
_pdbx_struct_sheet_hbond.range_1_label_comp_id 
_pdbx_struct_sheet_hbond.range_1_label_asym_id 
_pdbx_struct_sheet_hbond.range_1_label_seq_id 
_pdbx_struct_sheet_hbond.range_1_PDB_ins_code 
_pdbx_struct_sheet_hbond.range_1_auth_atom_id 
_pdbx_struct_sheet_hbond.range_1_auth_comp_id 
_pdbx_struct_sheet_hbond.range_1_auth_asym_id 
_pdbx_struct_sheet_hbond.range_1_auth_seq_id 
_pdbx_struct_sheet_hbond.range_2_label_atom_id 
_pdbx_struct_sheet_hbond.range_2_label_comp_id 
_pdbx_struct_sheet_hbond.range_2_label_asym_id 
_pdbx_struct_sheet_hbond.range_2_label_seq_id 
_pdbx_struct_sheet_hbond.range_2_PDB_ins_code 
_pdbx_struct_sheet_hbond.range_2_auth_atom_id 
_pdbx_struct_sheet_hbond.range_2_auth_comp_id 
_pdbx_struct_sheet_hbond.range_2_auth_asym_id 
_pdbx_struct_sheet_hbond.range_2_auth_seq_id 
AA1 1 2 O PHE A 20 ? O PHE A 19 N GLY A 12 ? N GLY A 11 
AA1 2 3 N ILE A 11 ? N ILE A 10 O LYS A 49 ? O LYS A 48 
AA1 3 4 N ALA A 50 ? N ALA A 49 O VAL A 57 ? O VAL A 56 
AA2 1 2 O LYS B 22 ? O LYS B 21 N PHE B 10 ? N PHE B 9  
AA2 2 3 N THR B 9  ? N THR B 8  O PHE B 51 ? O PHE B 50 
AA2 3 4 N ALA B 50 ? N ALA B 49 O VAL B 57 ? O VAL B 56 
# 
_atom_sites.entry_id                    5I8J 
_atom_sites.fract_transf_matrix[1][1]   0.01655761 
_atom_sites.fract_transf_matrix[1][2]   0.00183139 
_atom_sites.fract_transf_matrix[1][3]   -0.02654358 
_atom_sites.fract_transf_matrix[2][1]   0.01040555 
_atom_sites.fract_transf_matrix[2][2]   0.01343524 
_atom_sites.fract_transf_matrix[2][3]   0.00741785 
_atom_sites.fract_transf_matrix[3][1]   0.00844360 
_atom_sites.fract_transf_matrix[3][2]   -0.00910089 
_atom_sites.fract_transf_matrix[3][3]   0.00463911 
_atom_sites.fract_transf_vector[1]      0.260092 
_atom_sites.fract_transf_vector[2]      0.034742 
_atom_sites.fract_transf_vector[3]      0.015977 
# 
loop_
_atom_type.symbol 
C 
N 
O 
S 
# 
loop_
_atom_site.group_PDB 
_atom_site.id 
_atom_site.type_symbol 
_atom_site.label_atom_id 
_atom_site.label_alt_id 
_atom_site.label_comp_id 
_atom_site.label_asym_id 
_atom_site.label_entity_id 
_atom_site.label_seq_id 
_atom_site.pdbx_PDB_ins_code 
_atom_site.Cartn_x 
_atom_site.Cartn_y 
_atom_site.Cartn_z 
_atom_site.occupancy 
_atom_site.B_iso_or_equiv 
_atom_site.pdbx_formal_charge 
_atom_site.auth_seq_id 
_atom_site.auth_comp_id 
_atom_site.auth_asym_id 
_atom_site.auth_atom_id 
_atom_site.pdbx_PDB_model_num 
ATOM   1    N N   . SER A 1 1  ? -3.334  -17.873 11.417  1.00 15.84 ? 0   SER A N   1 
ATOM   2    C CA  . SER A 1 1  ? -2.839  -19.179 11.857  1.00 16.09 ? 0   SER A CA  1 
ATOM   3    C C   . SER A 1 1  ? -2.003  -19.816 10.761  1.00 14.39 ? 0   SER A C   1 
ATOM   4    O O   . SER A 1 1  ? -1.836  -19.244 9.694   1.00 15.68 ? 0   SER A O   1 
ATOM   5    C CB  . SER A 1 1  ? -4.005  -20.088 12.204  1.00 15.34 ? 0   SER A CB  1 
ATOM   6    O OG  . SER A 1 1  ? -4.780  -20.277 11.043  1.00 15.02 ? 0   SER A OG  1 
ATOM   7    N N   . MET A 1 2  ? -1.479  -21.009 11.010  1.00 11.84 ? 1   MET A N   1 
ATOM   8    C CA  . MET A 1 2  ? -0.785  -21.719 9.948   1.00 16.08 ? 1   MET A CA  1 
ATOM   9    C C   . MET A 1 2  ? -1.772  -22.221 8.898   1.00 16.27 ? 1   MET A C   1 
ATOM   10   O O   . MET A 1 2  ? -1.500  -22.165 7.697   1.00 18.62 ? 1   MET A O   1 
ATOM   11   C CB  . MET A 1 2  ? 0.015   -22.897 10.506  1.00 13.90 ? 1   MET A CB  1 
ATOM   12   C CG  . MET A 1 2  ? 1.091   -23.367 9.566   1.00 16.08 ? 1   MET A CG  1 
ATOM   13   S SD  . MET A 1 2  ? 2.412   -22.137 9.504   1.00 17.07 ? 1   MET A SD  1 
ATOM   14   C CE  . MET A 1 2  ? 2.899   -22.097 11.229  1.00 17.26 ? 1   MET A CE  1 
ATOM   15   N N   . SER A 1 3  ? -2.925  -22.712 9.348   1.00 16.57 ? 2   SER A N   1 
ATOM   16   C CA  . SER A 1 3  ? -3.920  -23.256 8.414   1.00 15.63 ? 2   SER A CA  1 
ATOM   17   C C   . SER A 1 3  ? -4.668  -22.172 7.643   1.00 21.38 ? 2   SER A C   1 
ATOM   18   O O   . SER A 1 3  ? -5.213  -22.421 6.557   1.00 18.44 ? 2   SER A O   1 
ATOM   19   C CB  . SER A 1 3  ? -4.939  -24.134 9.153   1.00 17.55 ? 2   SER A CB  1 
ATOM   20   O OG  . SER A 1 3  ? -4.326  -25.257 9.771   1.00 21.46 ? 2   SER A OG  1 
ATOM   21   N N   . LYS A 1 4  ? -4.691  -20.977 8.220   1.00 16.38 ? 3   LYS A N   1 
ATOM   22   C CA  . LYS A 1 4  ? -5.332  -19.807 7.638   1.00 19.11 ? 3   LYS A CA  1 
ATOM   23   C C   . LYS A 1 4  ? -4.393  -18.626 7.785   1.00 16.52 ? 3   LYS A C   1 
ATOM   24   O O   . LYS A 1 4  ? -4.497  -17.856 8.739   1.00 17.77 ? 3   LYS A O   1 
ATOM   25   C CB  . LYS A 1 4  ? -6.649  -19.512 8.339   1.00 20.62 ? 3   LYS A CB  1 
ATOM   26   C CG  . LYS A 1 4  ? -7.429  -18.396 7.706   1.00 28.12 ? 3   LYS A CG  1 
ATOM   27   C CD  . LYS A 1 4  ? -8.278  -17.594 8.682   1.00 33.16 ? 3   LYS A CD  1 
ATOM   28   C CE  . LYS A 1 4  ? -9.006  -16.534 7.916   1.00 34.45 ? 3   LYS A CE  1 
ATOM   29   N NZ  . LYS A 1 4  ? -8.996  -16.778 6.478   1.00 32.20 ? 3   LYS A NZ  1 
ATOM   30   N N   . LEU A 1 5  ? -3.447  -18.518 6.866   1.00 15.58 ? 4   LEU A N   1 
ATOM   31   C CA  . LEU A 1 5  ? -2.433  -17.477 6.955   1.00 14.78 ? 4   LEU A CA  1 
ATOM   32   C C   . LEU A 1 5  ? -3.062  -16.091 6.841   1.00 15.16 ? 4   LEU A C   1 
ATOM   33   O O   . LEU A 1 5  ? -4.086  -15.909 6.189   1.00 17.88 ? 4   LEU A O   1 
ATOM   34   C CB  . LEU A 1 5  ? -1.376  -17.681 5.874   1.00 13.95 ? 4   LEU A CB  1 
ATOM   35   C CG  . LEU A 1 5  ? -0.566  -18.974 5.998   1.00 16.73 ? 4   LEU A CG  1 
ATOM   36   C CD1 . LEU A 1 5  ? 0.115   -19.314 4.694   1.00 16.18 ? 4   LEU A CD1 1 
ATOM   37   C CD2 . LEU A 1 5  ? 0.465   -18.861 7.115   1.00 12.58 ? 4   LEU A CD2 1 
ATOM   38   N N   . THR A 1 6  ? -2.455  -15.120 7.501   1.00 13.61 ? 5   THR A N   1 
ATOM   39   C CA  . THR A 1 6  ? -2.869  -13.722 7.395   1.00 12.31 ? 5   THR A CA  1 
ATOM   40   C C   . THR A 1 6  ? -2.058  -13.072 6.286   1.00 16.06 ? 5   THR A C   1 
ATOM   41   O O   . THR A 1 6  ? -0.835  -13.126 6.308   1.00 14.38 ? 5   THR A O   1 
ATOM   42   C CB  . THR A 1 6  ? -2.659  -12.975 8.722   1.00 16.06 ? 5   THR A CB  1 
ATOM   43   O OG1 . THR A 1 6  ? -3.424  -13.609 9.755   1.00 16.76 ? 5   THR A OG1 1 
ATOM   44   C CG2 . THR A 1 6  ? -3.076  -11.515 8.613   1.00 16.34 ? 5   THR A CG2 1 
ATOM   45   N N   . LYS A 1 7  ? -2.728  -12.476 5.299   1.00 15.93 ? 6   LYS A N   1 
ATOM   46   C CA  . LYS A 1 7  ? -2.008  -11.776 4.244   1.00 13.74 ? 6   LYS A CA  1 
ATOM   47   C C   . LYS A 1 7  ? -1.829  -10.317 4.640   1.00 15.57 ? 6   LYS A C   1 
ATOM   48   O O   . LYS A 1 7  ? -2.803  -9.575  4.795   1.00 14.87 ? 6   LYS A O   1 
ATOM   49   C CB  . LYS A 1 7  ? -2.740  -11.865 2.900   1.00 17.60 ? 6   LYS A CB  1 
ATOM   50   C CG  . LYS A 1 7  ? -1.970  -11.211 1.754   1.00 16.59 ? 6   LYS A CG  1 
ATOM   51   C CD  . LYS A 1 7  ? -2.737  -11.308 0.444   1.00 20.16 ? 6   LYS A CD  1 
ATOM   52   C CE  . LYS A 1 7  ? -4.090  -10.614 0.555   1.00 24.71 ? 6   LYS A CE  1 
ATOM   53   N NZ  . LYS A 1 7  ? -4.916  -10.769 -0.674  1.00 33.32 ? 6   LYS A NZ  1 
ATOM   54   N N   . VAL A 1 8  ? -0.580  -9.913  4.811   1.00 14.38 ? 7   VAL A N   1 
ATOM   55   C CA  . VAL A 1 8  ? -0.290  -8.545  5.209   1.00 11.58 ? 7   VAL A CA  1 
ATOM   56   C C   . VAL A 1 8  ? 0.342   -7.813  4.043   1.00 13.54 ? 7   VAL A C   1 
ATOM   57   O O   . VAL A 1 8  ? 1.322   -8.269  3.475   1.00 11.57 ? 7   VAL A O   1 
ATOM   58   C CB  . VAL A 1 8  ? 0.644   -8.496  6.436   1.00 12.43 ? 7   VAL A CB  1 
ATOM   59   C CG1 . VAL A 1 8  ? 0.785   -7.057  6.934   1.00 13.23 ? 7   VAL A CG1 1 
ATOM   60   C CG2 . VAL A 1 8  ? 0.092   -9.383  7.547   1.00 16.51 ? 7   VAL A CG2 1 
ATOM   61   N N   . THR A 1 9  ? -0.246  -6.683  3.668   1.00 12.02 ? 8   THR A N   1 
ATOM   62   C CA  . THR A 1 9  ? 0.342   -5.836  2.640   1.00 11.30 ? 8   THR A CA  1 
ATOM   63   C C   . THR A 1 9  ? 1.176   -4.752  3.318   1.00 11.67 ? 8   THR A C   1 
ATOM   64   O O   . THR A 1 9  ? 0.662   -3.997  4.132   1.00 10.44 ? 8   THR A O   1 
ATOM   65   C CB  . THR A 1 9  ? -0.731  -5.177  1.752   1.00 12.67 ? 8   THR A CB  1 
ATOM   66   O OG1 . THR A 1 9  ? -1.515  -6.192  1.096   1.00 13.91 ? 8   THR A OG1 1 
ATOM   67   C CG2 . THR A 1 9  ? -0.075  -4.279  0.708   1.00 14.63 ? 8   THR A CG2 1 
ATOM   68   N N   . PHE A 1 10 ? 2.456   -4.704  2.990   1.00 11.71 ? 9   PHE A N   1 
ATOM   69   C CA  . PHE A 1 10 ? 3.372   -3.711  3.529   1.00 12.24 ? 9   PHE A CA  1 
ATOM   70   C C   . PHE A 1 10 ? 3.639   -2.665  2.467   1.00 11.75 ? 9   PHE A C   1 
ATOM   71   O O   . PHE A 1 10 ? 3.909   -3.003  1.303   1.00 13.14 ? 9   PHE A O   1 
ATOM   72   C CB  . PHE A 1 10 ? 4.689   -4.356  3.977   1.00 11.13 ? 9   PHE A CB  1 
ATOM   73   C CG  . PHE A 1 10 ? 4.550   -5.276  5.154   1.00 12.68 ? 9   PHE A CG  1 
ATOM   74   C CD1 . PHE A 1 10 ? 4.683   -4.794  6.451   1.00 12.55 ? 9   PHE A CD1 1 
ATOM   75   C CD2 . PHE A 1 10 ? 4.280   -6.620  4.968   1.00 13.80 ? 9   PHE A CD2 1 
ATOM   76   C CE1 . PHE A 1 10 ? 4.556   -5.636  7.533   1.00 12.89 ? 9   PHE A CE1 1 
ATOM   77   C CE2 . PHE A 1 10 ? 4.146   -7.473  6.050   1.00 15.38 ? 9   PHE A CE2 1 
ATOM   78   C CZ  . PHE A 1 10 ? 4.283   -6.985  7.332   1.00 14.60 ? 9   PHE A CZ  1 
ATOM   79   N N   . ILE A 1 11 ? 3.552   -1.398  2.863   1.00 11.10 ? 10  ILE A N   1 
ATOM   80   C CA  . ILE A 1 11 ? 3.907   -0.300  1.977   1.00 8.62  ? 10  ILE A CA  1 
ATOM   81   C C   . ILE A 1 11 ? 5.011   0.498   2.627   1.00 9.62  ? 10  ILE A C   1 
ATOM   82   O O   . ILE A 1 11 ? 4.895   0.883   3.777   1.00 9.70  ? 10  ILE A O   1 
ATOM   83   C CB  . ILE A 1 11 ? 2.730   0.632   1.692   1.00 13.40 ? 10  ILE A CB  1 
ATOM   84   C CG1 . ILE A 1 11 ? 1.491   -0.168  1.298   1.00 16.09 ? 10  ILE A CG1 1 
ATOM   85   C CG2 . ILE A 1 11 ? 3.110   1.623   0.603   1.00 12.91 ? 10  ILE A CG2 1 
ATOM   86   C CD1 . ILE A 1 11 ? 0.254   0.678   1.397   1.00 20.15 ? 10  ILE A CD1 1 
ATOM   87   N N   . GLY A 1 12 ? 6.090   0.722   1.891   1.00 9.69  ? 11  GLY A N   1 
ATOM   88   C CA  . GLY A 1 12 ? 7.269   1.379   2.426   1.00 10.38 ? 11  GLY A CA  1 
ATOM   89   C C   . GLY A 1 12 ? 7.647   2.621   1.637   1.00 10.99 ? 11  GLY A C   1 
ATOM   90   O O   . GLY A 1 12 ? 7.487   2.666   0.410   1.00 10.53 ? 11  GLY A O   1 
ATOM   91   N N   . TRP A 1 13 ? 8.110   3.635   2.364   1.00 9.18  ? 12  TRP A N   1 
ATOM   92   C CA  . TRP A 1 13 ? 8.710   4.838   1.799   1.00 10.95 ? 12  TRP A CA  1 
ATOM   93   C C   . TRP A 1 13 ? 10.152  4.986   2.253   1.00 10.37 ? 12  TRP A C   1 
ATOM   94   O O   . TRP A 1 13 ? 10.422  5.085   3.457   1.00 11.37 ? 12  TRP A O   1 
ATOM   95   C CB  . TRP A 1 13 ? 7.944   6.093   2.221   1.00 9.39  ? 12  TRP A CB  1 
ATOM   96   C CG  . TRP A 1 13 ? 6.604   6.258   1.598   1.00 12.03 ? 12  TRP A CG  1 
ATOM   97   C CD1 . TRP A 1 13 ? 6.283   7.072   0.545   1.00 13.93 ? 12  TRP A CD1 1 
ATOM   98   C CD2 . TRP A 1 13 ? 5.383   5.634   2.015   1.00 9.85  ? 12  TRP A CD2 1 
ATOM   99   N NE1 . TRP A 1 13 ? 4.936   6.970   0.270   1.00 11.38 ? 12  TRP A NE1 1 
ATOM   100  C CE2 . TRP A 1 13 ? 4.364   6.102   1.156   1.00 12.76 ? 12  TRP A CE2 1 
ATOM   101  C CE3 . TRP A 1 13 ? 5.056   4.720   3.019   1.00 12.05 ? 12  TRP A CE3 1 
ATOM   102  C CZ2 . TRP A 1 13 ? 3.037   5.680   1.272   1.00 12.64 ? 12  TRP A CZ2 1 
ATOM   103  C CZ3 . TRP A 1 13 ? 3.729   4.305   3.133   1.00 12.09 ? 12  TRP A CZ3 1 
ATOM   104  C CH2 . TRP A 1 13 ? 2.740   4.791   2.260   1.00 12.24 ? 12  TRP A CH2 1 
ATOM   105  N N   . PHE A 1 14 ? 11.074  5.000   1.294   1.00 10.50 ? 13  PHE A N   1 
ATOM   106  C CA  . PHE A 1 14 ? 12.470  5.307   1.586   1.00 13.57 ? 13  PHE A CA  1 
ATOM   107  C C   . PHE A 1 14 ? 12.594  6.796   1.895   1.00 12.19 ? 13  PHE A C   1 
ATOM   108  O O   . PHE A 1 14 ? 11.677  7.570   1.616   1.00 13.86 ? 13  PHE A O   1 
ATOM   109  C CB  . PHE A 1 14 ? 13.385  4.946   0.409   1.00 12.66 ? 13  PHE A CB  1 
ATOM   110  C CG  . PHE A 1 14 ? 13.472  3.474   0.128   1.00 16.92 ? 13  PHE A CG  1 
ATOM   111  C CD1 . PHE A 1 14 ? 14.111  2.616   1.012   1.00 16.20 ? 13  PHE A CD1 1 
ATOM   112  C CD2 . PHE A 1 14 ? 12.934  2.949   -1.033  1.00 15.07 ? 13  PHE A CD2 1 
ATOM   113  C CE1 . PHE A 1 14 ? 14.190  1.259   0.741   1.00 16.93 ? 13  PHE A CE1 1 
ATOM   114  C CE2 . PHE A 1 14 ? 13.012  1.595   -1.307  1.00 18.50 ? 13  PHE A CE2 1 
ATOM   115  C CZ  . PHE A 1 14 ? 13.638  0.749   -0.419  1.00 17.48 ? 13  PHE A CZ  1 
ATOM   116  N N   . LYS A 1 15 ? 13.725  7.199   2.471   1.00 14.57 ? 14  LYS A N   1 
ATOM   117  C CA  . LYS A 1 15 ? 13.969  8.620   2.739   1.00 16.99 ? 14  LYS A CA  1 
ATOM   118  C C   . LYS A 1 15 ? 13.908  9.457   1.468   1.00 16.22 ? 14  LYS A C   1 
ATOM   119  O O   . LYS A 1 15 ? 13.473  10.613  1.485   1.00 17.82 ? 14  LYS A O   1 
ATOM   120  C CB  . LYS A 1 15 ? 15.325  8.810   3.418   1.00 18.52 ? 14  LYS A CB  1 
ATOM   121  C CG  . LYS A 1 15 ? 15.416  8.179   4.797   1.00 22.97 ? 14  LYS A CG  1 
ATOM   122  C CD  . LYS A 1 15 ? 16.855  8.200   5.304   1.00 28.30 ? 14  LYS A CD  1 
ATOM   123  C CE  . LYS A 1 15 ? 17.383  9.620   5.386   1.00 30.12 ? 14  LYS A CE  1 
ATOM   124  N NZ  . LYS A 1 15 ? 16.516  10.502  6.232   1.00 31.59 ? 14  LYS A NZ  1 
ATOM   125  N N   . SER A 1 16 ? 14.339  8.859   0.363   1.00 15.57 ? 15  SER A N   1 
ATOM   126  C CA  . SER A 1 16 ? 14.251  9.482   -0.967  1.00 16.30 ? 15  SER A CA  1 
ATOM   127  C C   . SER A 1 16 ? 12.830  9.764   -1.448  1.00 20.19 ? 15  SER A C   1 
ATOM   128  O O   . SER A 1 16 ? 12.630  10.515  -2.408  1.00 18.98 ? 15  SER A O   1 
ATOM   129  C CB  . SER A 1 16 ? 14.924  8.580   -1.996  1.00 17.18 ? 15  SER A CB  1 
ATOM   130  O OG  . SER A 1 16 ? 14.147  7.402   -2.165  1.00 16.05 ? 15  SER A OG  1 
ATOM   131  N N   . GLY A 1 17 ? 11.840  9.140   -0.819  1.00 16.39 ? 16  GLY A N   1 
ATOM   132  C CA  . GLY A 1 17 ? 10.484  9.230   -1.329  1.00 13.74 ? 16  GLY A CA  1 
ATOM   133  C C   . GLY A 1 17 ? 10.147  8.092   -2.281  1.00 16.89 ? 16  GLY A C   1 
ATOM   134  O O   . GLY A 1 17 ? 8.982   7.905   -2.656  1.00 14.08 ? 16  GLY A O   1 
ATOM   135  N N   . GLU A 1 18 ? 11.169  7.343   -2.698  1.00 15.02 ? 17  GLU A N   1 
ATOM   136  C CA  . GLU A 1 18 ? 10.936  6.110   -3.445  1.00 16.27 ? 17  GLU A CA  1 
ATOM   137  C C   . GLU A 1 18 ? 10.157  5.132   -2.578  1.00 17.23 ? 17  GLU A C   1 
ATOM   138  O O   . GLU A 1 18 ? 10.239  5.191   -1.360  1.00 12.48 ? 17  GLU A O   1 
ATOM   139  C CB  . GLU A 1 18 ? 12.247  5.476   -3.893  1.00 18.12 ? 17  GLU A CB  1 
ATOM   140  C CG  . GLU A 1 18 ? 12.865  6.073   -5.132  1.00 20.73 ? 17  GLU A CG  1 
ATOM   141  C CD  . GLU A 1 18 ? 14.009  5.208   -5.640  1.00 30.23 ? 17  GLU A CD  1 
ATOM   142  O OE1 . GLU A 1 18 ? 14.214  4.103   -5.085  1.00 36.21 ? 17  GLU A OE1 1 
ATOM   143  O OE2 . GLU A 1 18 ? 14.698  5.618   -6.591  1.00 41.01 ? 17  GLU A OE2 1 
ATOM   144  N N   . MET A 1 19 ? 9.416   4.224   -3.208  1.00 13.57 ? 18  MET A N   1 
ATOM   145  C CA  . MET A 1 19 ? 8.541   3.331   -2.462  1.00 12.33 ? 18  MET A CA  1 
ATOM   146  C C   . MET A 1 19 ? 8.827   1.873   -2.749  1.00 14.53 ? 18  MET A C   1 
ATOM   147  O O   . MET A 1 19 ? 9.452   1.542   -3.761  1.00 13.46 ? 18  MET A O   1 
ATOM   148  C CB  . MET A 1 19 ? 7.076   3.649   -2.784  1.00 13.10 ? 18  MET A CB  1 
ATOM   149  C CG  . MET A 1 19 ? 6.697   5.047   -2.336  1.00 13.74 ? 18  MET A CG  1 
ATOM   150  S SD  . MET A 1 19 ? 5.108   5.594   -2.995  1.00 21.58 ? 18  MET A SD  1 
ATOM   151  C CE  . MET A 1 19 ? 4.032   4.417   -2.245  1.00 13.07 ? 18  MET A CE  1 
ATOM   152  N N   . PHE A 1 20 ? 8.382   1.008   -1.842  1.00 13.33 ? 19  PHE A N   1 
ATOM   153  C CA  . PHE A 1 20 ? 8.361   -0.427  -2.107  1.00 15.06 ? 19  PHE A CA  1 
ATOM   154  C C   . PHE A 1 20 ? 7.110   -1.032  -1.500  1.00 15.88 ? 19  PHE A C   1 
ATOM   155  O O   . PHE A 1 20 ? 6.487   -0.436  -0.638  1.00 14.57 ? 19  PHE A O   1 
ATOM   156  C CB  . PHE A 1 20 ? 9.622   -1.120  -1.567  1.00 16.54 ? 19  PHE A CB  1 
ATOM   157  C CG  . PHE A 1 20 ? 9.798   -1.023  -0.077  1.00 17.11 ? 19  PHE A CG  1 
ATOM   158  C CD1 . PHE A 1 20 ? 10.418  0.082   0.492   1.00 18.82 ? 19  PHE A CD1 1 
ATOM   159  C CD2 . PHE A 1 20 ? 9.373   -2.051  0.752   1.00 22.33 ? 19  PHE A CD2 1 
ATOM   160  C CE1 . PHE A 1 20 ? 10.591  0.169   1.863   1.00 19.34 ? 19  PHE A CE1 1 
ATOM   161  C CE2 . PHE A 1 20 ? 9.547   -1.968  2.129   1.00 18.60 ? 19  PHE A CE2 1 
ATOM   162  C CZ  . PHE A 1 20 ? 10.153  -0.867  2.681   1.00 15.64 ? 19  PHE A CZ  1 
ATOM   163  N N   . THR A 1 21 ? 6.718   -2.209  -1.961  1.00 13.20 ? 20  THR A N   1 
ATOM   164  C CA  . THR A 1 21 ? 5.517   -2.826  -1.412  1.00 11.50 ? 20  THR A CA  1 
ATOM   165  C C   . THR A 1 21 ? 5.642   -4.345  -1.520  1.00 17.07 ? 20  THR A C   1 
ATOM   166  O O   . THR A 1 21 ? 6.284   -4.848  -2.436  1.00 15.87 ? 20  THR A O   1 
ATOM   167  C CB  . THR A 1 21 ? 4.244   -2.300  -2.122  1.00 12.71 ? 20  THR A CB  1 
ATOM   168  O OG1 . THR A 1 21 ? 3.078   -2.797  -1.458  1.00 15.21 ? 20  THR A OG1 1 
ATOM   169  C CG2 . THR A 1 21 ? 4.220   -2.715  -3.592  1.00 16.87 ? 20  THR A CG2 1 
ATOM   170  N N   . LYS A 1 22 ? 5.088   -5.058  -0.539  1.00 14.93 ? 21  LYS A N   1 
ATOM   171  C CA  . LYS A 1 22 ? 5.158   -6.521  -0.527  1.00 14.59 ? 21  LYS A CA  1 
ATOM   172  C C   . LYS A 1 22 ? 3.925   -7.109  0.111   1.00 15.19 ? 21  LYS A C   1 
ATOM   173  O O   . LYS A 1 22 ? 3.413   -6.540  1.056   1.00 15.31 ? 21  LYS A O   1 
ATOM   174  C CB  . LYS A 1 22 ? 6.372   -7.024  0.267   1.00 18.37 ? 21  LYS A CB  1 
ATOM   175  C CG  . LYS A 1 22 ? 7.727   -6.595  -0.213  1.00 25.48 ? 21  LYS A CG  1 
ATOM   176  C CD  . LYS A 1 22 ? 8.802   -7.261  0.621   1.00 26.88 ? 21  LYS A CD  1 
ATOM   177  C CE  . LYS A 1 22 ? 8.836   -8.756  0.369   1.00 28.97 ? 21  LYS A CE  1 
ATOM   178  N NZ  . LYS A 1 22 ? 10.101  -9.353  0.896   1.00 34.12 ? 21  LYS A NZ  1 
ATOM   179  N N   . ASP A 1 23 ? 3.479   -8.267  -0.380  1.00 13.99 ? 22  ASP A N   1 
ATOM   180  C CA  . ASP A 1 23 ? 2.485   -9.077  0.324   1.00 12.97 ? 22  ASP A CA  1 
ATOM   181  C C   . ASP A 1 23 ? 3.206   -10.211 1.029   1.00 14.84 ? 22  ASP A C   1 
ATOM   182  O O   . ASP A 1 23 ? 3.952   -10.945 0.392   1.00 16.62 ? 22  ASP A O   1 
ATOM   183  C CB  . ASP A 1 23 ? 1.446   -9.658  -0.640  1.00 13.33 ? 22  ASP A CB  1 
ATOM   184  C CG  . ASP A 1 23 ? 0.323   -8.695  -0.936  1.00 18.48 ? 22  ASP A CG  1 
ATOM   185  O OD1 . ASP A 1 23 ? 0.318   -7.596  -0.352  1.00 15.63 ? 22  ASP A OD1 1 
ATOM   186  O OD2 . ASP A 1 23 ? -0.569  -9.049  -1.729  1.00 15.67 ? 22  ASP A OD2 1 
ATOM   187  N N   . ILE A 1 24 ? 2.991   -10.353 2.332   1.00 12.80 ? 23  ILE A N   1 
ATOM   188  C CA  . ILE A 1 24 ? 3.667   -11.400 3.104   1.00 13.62 ? 23  ILE A CA  1 
ATOM   189  C C   . ILE A 1 24 ? 2.623   -12.230 3.834   1.00 12.64 ? 23  ILE A C   1 
ATOM   190  O O   . ILE A 1 24 ? 1.719   -11.670 4.448   1.00 12.94 ? 23  ILE A O   1 
ATOM   191  C CB  . ILE A 1 24 ? 4.671   -10.798 4.115   1.00 12.16 ? 23  ILE A CB  1 
ATOM   192  C CG1 . ILE A 1 24 ? 5.692   -9.929  3.381   1.00 18.19 ? 23  ILE A CG1 1 
ATOM   193  C CG2 . ILE A 1 24 ? 5.421   -11.904 4.877   1.00 15.15 ? 23  ILE A CG2 1 
ATOM   194  C CD1 . ILE A 1 24 ? 6.686   -9.232  4.291   1.00 16.48 ? 23  ILE A CD1 1 
ATOM   195  N N   . MET A 1 25 ? 2.726   -13.561 3.757   1.00 12.14 ? 24  MET A N   1 
ATOM   196  C CA  . MET A 1 25 ? 1.802   -14.419 4.494   1.00 14.16 ? 24  MET A CA  1 
ATOM   197  C C   . MET A 1 25 ? 2.393   -14.753 5.851   1.00 13.45 ? 24  MET A C   1 
ATOM   198  O O   . MET A 1 25 ? 3.495   -15.308 5.932   1.00 13.33 ? 24  MET A O   1 
ATOM   199  C CB  . MET A 1 25 ? 1.516   -15.723 3.741   1.00 14.60 ? 24  MET A CB  1 
ATOM   200  C CG  . MET A 1 25 ? 1.001   -15.559 2.324   1.00 17.65 ? 24  MET A CG  1 
ATOM   201  S SD  . MET A 1 25 ? -0.440  -14.498 2.240   1.00 21.94 ? 24  MET A SD  1 
ATOM   202  C CE  . MET A 1 25 ? -1.634  -15.411 3.192   1.00 19.60 ? 24  MET A CE  1 
ATOM   203  N N   . LEU A 1 26 ? 1.658   -14.443 6.912   1.00 13.39 ? 25  LEU A N   1 
ATOM   204  C CA  . LEU A 1 26 ? 2.150   -14.663 8.269   1.00 12.49 ? 25  LEU A CA  1 
ATOM   205  C C   . LEU A 1 26 ? 1.221   -15.587 9.031   1.00 13.80 ? 25  LEU A C   1 
ATOM   206  O O   . LEU A 1 26 ? 0.005   -15.471 8.934   1.00 15.05 ? 25  LEU A O   1 
ATOM   207  C CB  . LEU A 1 26 ? 2.281   -13.336 9.019   1.00 12.55 ? 25  LEU A CB  1 
ATOM   208  C CG  . LEU A 1 26 ? 3.218   -12.300 8.396   1.00 13.26 ? 25  LEU A CG  1 
ATOM   209  C CD1 . LEU A 1 26 ? 3.138   -10.992 9.188   1.00 12.84 ? 25  LEU A CD1 1 
ATOM   210  C CD2 . LEU A 1 26 ? 4.652   -12.838 8.330   1.00 14.80 ? 25  LEU A CD2 1 
ATOM   211  N N   . SER A 1 27 ? 1.794   -16.504 9.802   1.00 13.12 ? 26  SER A N   1 
ATOM   212  C CA  . SER A 1 27 ? 0.975   -17.459 10.530  1.00 14.40 ? 26  SER A CA  1 
ATOM   213  C C   . SER A 1 27 ? 0.675   -16.998 11.951  1.00 16.84 ? 26  SER A C   1 
ATOM   214  O O   . SER A 1 27 ? -0.159  -17.598 12.637  1.00 17.57 ? 26  SER A O   1 
ATOM   215  C CB  . SER A 1 27 ? 1.666   -18.813 10.567  1.00 14.37 ? 26  SER A CB  1 
ATOM   216  O OG  . SER A 1 27 ? 2.868   -18.706 11.308  1.00 14.92 ? 26  SER A OG  1 
ATOM   217  N N   . GLY A 1 28 ? 1.340   -15.930 12.386  1.00 14.62 ? 27  GLY A N   1 
ATOM   218  C CA  . GLY A 1 28 ? 1.201   -15.453 13.746  1.00 15.98 ? 27  GLY A CA  1 
ATOM   219  C C   . GLY A 1 28 ? 0.196   -14.328 13.894  1.00 20.42 ? 27  GLY A C   1 
ATOM   220  O O   . GLY A 1 28 ? -0.736  -14.199 13.103  1.00 17.58 ? 27  GLY A O   1 
ATOM   221  N N   . ASP A 1 29 ? 0.399   -13.501 14.913  1.00 16.32 ? 28  ASP A N   1 
ATOM   222  C CA  . ASP A 1 29 ? -0.577  -12.486 15.258  1.00 19.42 ? 28  ASP A CA  1 
ATOM   223  C C   . ASP A 1 29 ? 0.117   -11.158 15.522  1.00 18.72 ? 28  ASP A C   1 
ATOM   224  O O   . ASP A 1 29 ? 1.107   -10.843 14.862  1.00 17.66 ? 28  ASP A O   1 
ATOM   225  C CB  . ASP A 1 29 ? -1.399  -12.959 16.454  1.00 23.39 ? 28  ASP A CB  1 
ATOM   226  C CG  . ASP A 1 29 ? -2.153  -14.252 16.157  1.00 32.02 ? 28  ASP A CG  1 
ATOM   227  O OD1 . ASP A 1 29 ? -2.838  -14.319 15.108  1.00 36.60 ? 28  ASP A OD1 1 
ATOM   228  O OD2 . ASP A 1 29 ? -2.037  -15.214 16.947  1.00 38.63 ? 28  ASP A OD2 1 
ATOM   229  N N   . ARG A 1 30 ? -0.383  -10.395 16.487  1.00 17.94 ? 29  ARG A N   1 
ATOM   230  C CA  . ARG A 1 30 ? 0.064   -9.018  16.685  1.00 20.37 ? 29  ARG A CA  1 
ATOM   231  C C   . ARG A 1 30 ? 1.574   -8.866  16.800  1.00 18.54 ? 29  ARG A C   1 
ATOM   232  O O   . ARG A 1 30 ? 2.181   -8.046  16.102  1.00 19.56 ? 29  ARG A O   1 
ATOM   233  C CB  . ARG A 1 30 ? -0.587  -8.427  17.942  1.00 23.04 ? 29  ARG A CB  1 
ATOM   234  C CG  . ARG A 1 30 ? -0.285  -6.957  18.134  1.00 24.27 ? 29  ARG A CG  1 
ATOM   235  C CD  . ARG A 1 30 ? -0.718  -6.173  16.907  1.00 29.36 ? 29  ARG A CD  1 
ATOM   236  N NE  . ARG A 1 30 ? -0.482  -4.743  17.068  1.00 35.40 ? 29  ARG A NE  1 
ATOM   237  C CZ  . ARG A 1 30 ? -0.698  -3.837  16.122  1.00 25.53 ? 29  ARG A CZ  1 
ATOM   238  N NH1 . ARG A 1 30 ? -1.153  -4.204  14.934  1.00 27.80 ? 29  ARG A NH1 1 
ATOM   239  N NH2 . ARG A 1 30 ? -0.448  -2.558  16.368  1.00 32.85 ? 29  ARG A NH2 1 
ATOM   240  N N   . GLU A 1 31 ? 2.182   -9.657  17.674  1.00 16.48 ? 30  GLU A N   1 
ATOM   241  C CA  . GLU A 1 31 ? 3.598   -9.494  17.945  1.00 19.10 ? 30  GLU A CA  1 
ATOM   242  C C   . GLU A 1 31 ? 4.429   -9.718  16.685  1.00 18.83 ? 30  GLU A C   1 
ATOM   243  O O   . GLU A 1 31 ? 5.314   -8.918  16.375  1.00 16.57 ? 30  GLU A O   1 
ATOM   244  C CB  . GLU A 1 31 ? 4.056   -10.433 19.057  1.00 19.87 ? 30  GLU A CB  1 
ATOM   245  C CG  . GLU A 1 31 ? 5.556   -10.391 19.262  1.00 23.29 ? 30  GLU A CG  1 
ATOM   246  C CD  . GLU A 1 31 ? 5.989   -10.972 20.584  1.00 29.86 ? 30  GLU A CD  1 
ATOM   247  O OE1 . GLU A 1 31 ? 5.260   -11.822 21.140  1.00 26.84 ? 30  GLU A OE1 1 
ATOM   248  O OE2 . GLU A 1 31 ? 7.075   -10.582 21.056  1.00 32.72 ? 30  GLU A OE2 1 
ATOM   249  N N   . GLU A 1 32 ? 4.130   -10.781 15.941  1.00 15.30 ? 31  GLU A N   1 
ATOM   250  C CA  . GLU A 1 32 ? 4.869   -11.037 14.713  1.00 14.27 ? 31  GLU A CA  1 
ATOM   251  C C   . GLU A 1 32 ? 4.715   -9.910  13.702  1.00 13.00 ? 31  GLU A C   1 
ATOM   252  O O   . GLU A 1 32 ? 5.680   -9.494  13.080  1.00 13.43 ? 31  GLU A O   1 
ATOM   253  C CB  . GLU A 1 32 ? 4.431   -12.353 14.063  1.00 16.40 ? 31  GLU A CB  1 
ATOM   254  C CG  . GLU A 1 32 ? 5.206   -12.623 12.781  1.00 14.93 ? 31  GLU A CG  1 
ATOM   255  C CD  . GLU A 1 32 ? 4.754   -13.858 12.053  1.00 13.56 ? 31  GLU A CD  1 
ATOM   256  O OE1 . GLU A 1 32 ? 3.595   -14.265 12.244  1.00 15.11 ? 31  GLU A OE1 1 
ATOM   257  O OE2 . GLU A 1 32 ? 5.560   -14.408 11.275  1.00 11.00 ? 31  GLU A OE2 1 
ATOM   258  N N   . ILE A 1 33 ? 3.492   -9.439  13.525  1.00 12.82 ? 32  ILE A N   1 
ATOM   259  C CA  . ILE A 1 33 ? 3.232   -8.375  12.560  1.00 13.71 ? 32  ILE A CA  1 
ATOM   260  C C   . ILE A 1 33 ? 4.036   -7.127  12.918  1.00 13.53 ? 32  ILE A C   1 
ATOM   261  O O   . ILE A 1 33 ? 4.678   -6.511  12.054  1.00 14.57 ? 32  ILE A O   1 
ATOM   262  C CB  . ILE A 1 33 ? 1.735   -8.041  12.498  1.00 14.78 ? 32  ILE A CB  1 
ATOM   263  C CG1 . ILE A 1 33 ? 0.954   -9.250  11.975  1.00 16.96 ? 32  ILE A CG1 1 
ATOM   264  C CG2 . ILE A 1 33 ? 1.495   -6.851  11.585  1.00 17.40 ? 32  ILE A CG2 1 
ATOM   265  C CD1 . ILE A 1 33 ? -0.540  -9.153  12.180  1.00 19.67 ? 32  ILE A CD1 1 
ATOM   266  N N   . GLU A 1 34 ? 4.028   -6.769  14.199  1.00 12.91 ? 33  GLU A N   1 
ATOM   267  C CA  . GLU A 1 34 ? 4.784   -5.589  14.632  1.00 13.74 ? 33  GLU A CA  1 
ATOM   268  C C   . GLU A 1 34 ? 6.288   -5.770  14.433  1.00 15.73 ? 33  GLU A C   1 
ATOM   269  O O   . GLU A 1 34 ? 6.975   -4.856  13.949  1.00 13.95 ? 33  GLU A O   1 
ATOM   270  C CB  . GLU A 1 34 ? 4.470   -5.256  16.097  1.00 13.53 ? 33  GLU A CB  1 
ATOM   271  C CG  . GLU A 1 34 ? 3.052   -4.723  16.304  1.00 17.37 ? 33  GLU A CG  1 
ATOM   272  C CD  . GLU A 1 34 ? 2.773   -4.294  17.742  1.00 19.05 ? 33  GLU A CD  1 
ATOM   273  O OE1 . GLU A 1 34 ? 3.722   -4.186  18.541  1.00 24.10 ? 33  GLU A OE1 1 
ATOM   274  O OE2 . GLU A 1 34 ? 1.594   -4.058  18.065  1.00 23.06 ? 33  GLU A OE2 1 
ATOM   275  N N   . TRP A 1 35 ? 6.809   -6.936  14.814  1.00 12.65 ? 34  TRP A N   1 
ATOM   276  C CA  . TRP A 1 35 ? 8.246   -7.195  14.692  1.00 14.05 ? 34  TRP A CA  1 
ATOM   277  C C   . TRP A 1 35 ? 8.673   -7.151  13.225  1.00 12.83 ? 34  TRP A C   1 
ATOM   278  O O   . TRP A 1 35 ? 9.679   -6.547  12.877  1.00 13.65 ? 34  TRP A O   1 
ATOM   279  C CB  . TRP A 1 35 ? 8.637   -8.553  15.309  1.00 15.09 ? 34  TRP A CB  1 
ATOM   280  C CG  . TRP A 1 35 ? 10.122  -8.667  15.467  1.00 15.12 ? 34  TRP A CG  1 
ATOM   281  C CD1 . TRP A 1 35 ? 10.857  -8.319  16.565  1.00 20.59 ? 34  TRP A CD1 1 
ATOM   282  C CD2 . TRP A 1 35 ? 11.064  -9.095  14.473  1.00 16.40 ? 34  TRP A CD2 1 
ATOM   283  N NE1 . TRP A 1 35 ? 12.195  -8.527  16.324  1.00 19.28 ? 34  TRP A NE1 1 
ATOM   284  C CE2 . TRP A 1 35 ? 12.349  -9.002  15.050  1.00 15.42 ? 34  TRP A CE2 1 
ATOM   285  C CE3 . TRP A 1 35 ? 10.945  -9.560  13.159  1.00 15.25 ? 34  TRP A CE3 1 
ATOM   286  C CZ2 . TRP A 1 35 ? 13.507  -9.359  14.357  1.00 15.91 ? 34  TRP A CZ2 1 
ATOM   287  C CZ3 . TRP A 1 35 ? 12.102  -9.922  12.476  1.00 13.05 ? 34  TRP A CZ3 1 
ATOM   288  C CH2 . TRP A 1 35 ? 13.361  -9.812  13.073  1.00 13.78 ? 34  TRP A CH2 1 
ATOM   289  N N   . VAL A 1 36 ? 7.892   -7.794  12.367  1.00 11.17 ? 35  VAL A N   1 
ATOM   290  C CA  . VAL A 1 36 ? 8.200   -7.828  10.944  1.00 12.08 ? 35  VAL A CA  1 
ATOM   291  C C   . VAL A 1 36 ? 8.181   -6.406  10.383  1.00 10.77 ? 35  VAL A C   1 
ATOM   292  O O   . VAL A 1 36 ? 9.050   -6.037  9.581   1.00 12.00 ? 35  VAL A O   1 
ATOM   293  C CB  . VAL A 1 36 ? 7.211   -8.742  10.183  1.00 12.15 ? 35  VAL A CB  1 
ATOM   294  C CG1 . VAL A 1 36 ? 7.329   -8.553  8.678   1.00 11.90 ? 35  VAL A CG1 1 
ATOM   295  C CG2 . VAL A 1 36 ? 7.494   -10.189 10.545  1.00 12.73 ? 35  VAL A CG2 1 
ATOM   296  N N   . THR A 1 37 ? 7.235   -5.603  10.851  1.00 10.70 ? 36  THR A N   1 
ATOM   297  C CA  . THR A 1 37 ? 7.128   -4.210  10.397  1.00 10.68 ? 36  THR A CA  1 
ATOM   298  C C   . THR A 1 37 ? 8.359   -3.415  10.810  1.00 12.81 ? 36  THR A C   1 
ATOM   299  O O   . THR A 1 37 ? 8.959   -2.698  10.003  1.00 11.92 ? 36  THR A O   1 
ATOM   300  C CB  . THR A 1 37 ? 5.866   -3.533  10.951  1.00 12.19 ? 36  THR A CB  1 
ATOM   301  O OG1 . THR A 1 37 ? 4.706   -4.251  10.497  1.00 10.53 ? 36  THR A OG1 1 
ATOM   302  C CG2 . THR A 1 37 ? 5.775   -2.079  10.464  1.00 13.53 ? 36  THR A CG2 1 
ATOM   303  N N   . VAL A 1 38 ? 8.745   -3.559  12.075  1.00 10.56 ? 37  VAL A N   1 
ATOM   304  C CA  . VAL A 1 38 ? 9.888   -2.825  12.595  1.00 13.67 ? 37  VAL A CA  1 
ATOM   305  C C   . VAL A 1 38 ? 11.151  -3.240  11.866  1.00 12.10 ? 37  VAL A C   1 
ATOM   306  O O   . VAL A 1 38 ? 11.974  -2.398  11.512  1.00 12.31 ? 37  VAL A O   1 
ATOM   307  C CB  . VAL A 1 38 ? 10.043  -3.042  14.109  1.00 12.51 ? 37  VAL A CB  1 
ATOM   308  C CG1 . VAL A 1 38 ? 11.394  -2.519  14.605  1.00 13.16 ? 37  VAL A CG1 1 
ATOM   309  C CG2 . VAL A 1 38 ? 8.879   -2.397  14.843  1.00 12.41 ? 37  VAL A CG2 1 
ATOM   310  N N   . GLN A 1 39 ? 11.303  -4.538  11.627  1.00 10.60 ? 38  GLN A N   1 
ATOM   311  C CA  . GLN A 1 39 ? 12.490  -5.033  10.941  1.00 12.41 ? 38  GLN A CA  1 
ATOM   312  C C   . GLN A 1 39 ? 12.559  -4.505  9.515   1.00 12.19 ? 38  GLN A C   1 
ATOM   313  O O   . GLN A 1 39 ? 13.603  -4.037  9.066   1.00 13.46 ? 38  GLN A O   1 
ATOM   314  C CB  . GLN A 1 39 ? 12.503  -6.566  10.948  1.00 12.77 ? 38  GLN A CB  1 
ATOM   315  C CG  . GLN A 1 39 ? 13.629  -7.201  10.133  1.00 14.35 ? 38  GLN A CG  1 
ATOM   316  C CD  . GLN A 1 39 ? 15.016  -6.991  10.719  1.00 15.93 ? 38  GLN A CD  1 
ATOM   317  O OE1 . GLN A 1 39 ? 15.193  -6.323  11.737  1.00 15.29 ? 38  GLN A OE1 1 
ATOM   318  N NE2 . GLN A 1 39 ? 16.013  -7.572  10.068  1.00 23.23 ? 38  GLN A NE2 1 
ATOM   319  N N   . LEU A 1 40 ? 11.438  -4.580  8.806   1.00 12.11 ? 39  LEU A N   1 
ATOM   320  C CA  . LEU A 1 40 ? 11.373  -4.050  7.448   1.00 12.88 ? 39  LEU A CA  1 
ATOM   321  C C   . LEU A 1 40 ? 11.751  -2.576  7.420   1.00 12.03 ? 39  LEU A C   1 
ATOM   322  O O   . LEU A 1 40 ? 12.523  -2.133  6.566   1.00 13.09 ? 39  LEU A O   1 
ATOM   323  C CB  . LEU A 1 40 ? 9.969   -4.230  6.867   1.00 13.34 ? 39  LEU A CB  1 
ATOM   324  C CG  . LEU A 1 40 ? 9.692   -5.451  5.998   1.00 19.08 ? 39  LEU A CG  1 
ATOM   325  C CD1 . LEU A 1 40 ? 8.243   -5.406  5.526   1.00 18.19 ? 39  LEU A CD1 1 
ATOM   326  C CD2 . LEU A 1 40 ? 10.653  -5.484  4.810   1.00 22.37 ? 39  LEU A CD2 1 
ATOM   327  N N   . ALA A 1 41 ? 11.220  -1.819  8.371   1.00 11.69 ? 40  ALA A N   1 
ATOM   328  C CA  . ALA A 1 41 ? 11.452  -0.386  8.369   1.00 10.27 ? 40  ALA A CA  1 
ATOM   329  C C   . ALA A 1 41 ? 12.908  -0.100  8.711   1.00 12.83 ? 40  ALA A C   1 
ATOM   330  O O   . ALA A 1 41 ? 13.558  0.716   8.059   1.00 12.08 ? 40  ALA A O   1 
ATOM   331  C CB  . ALA A 1 41 ? 10.513  0.308   9.337   1.00 11.92 ? 40  ALA A CB  1 
ATOM   332  N N   . GLU A 1 42 ? 13.436  -0.808  9.710   1.00 11.59 ? 41  GLU A N   1 
ATOM   333  C CA  . GLU A 1 42 ? 14.777  -0.509  10.202  1.00 13.07 ? 41  GLU A CA  1 
ATOM   334  C C   . GLU A 1 42 ? 15.841  -0.885  9.175   1.00 12.40 ? 41  GLU A C   1 
ATOM   335  O O   . GLU A 1 42 ? 16.746  -0.095  8.900   1.00 15.52 ? 41  GLU A O   1 
ATOM   336  C CB  . GLU A 1 42 ? 15.059  -1.225  11.526  1.00 14.12 ? 41  GLU A CB  1 
ATOM   337  C CG  . GLU A 1 42 ? 16.392  -0.803  12.115  1.00 16.01 ? 41  GLU A CG  1 
ATOM   338  C CD  . GLU A 1 42 ? 16.617  -1.317  13.521  1.00 15.04 ? 41  GLU A CD  1 
ATOM   339  O OE1 . GLU A 1 42 ? 16.255  -2.483  13.801  1.00 12.92 ? 41  GLU A OE1 1 
ATOM   340  O OE2 . GLU A 1 42 ? 17.159  -0.534  14.343  1.00 15.41 ? 41  GLU A OE2 1 
ATOM   341  N N   . VAL A 1 43 ? 15.722  -2.084  8.609   1.00 15.18 ? 42  VAL A N   1 
ATOM   342  C CA  . VAL A 1 43 ? 16.663  -2.546  7.584   1.00 18.17 ? 42  VAL A CA  1 
ATOM   343  C C   . VAL A 1 43 ? 16.716  -1.568  6.407   1.00 18.38 ? 42  VAL A C   1 
ATOM   344  O O   . VAL A 1 43 ? 17.776  -1.323  5.825   1.00 17.56 ? 42  VAL A O   1 
ATOM   345  C CB  . VAL A 1 43 ? 16.282  -3.950  7.078   1.00 20.41 ? 42  VAL A CB  1 
ATOM   346  C CG1 . VAL A 1 43 ? 17.068  -4.324  5.824   1.00 27.16 ? 42  VAL A CG1 1 
ATOM   347  C CG2 . VAL A 1 43 ? 16.514  -4.980  8.167   1.00 20.00 ? 42  VAL A CG2 1 
ATOM   348  N N   . ASN A 1 44 ? 15.570  -0.982  6.084   1.00 15.71 ? 43  ASN A N   1 
ATOM   349  C CA  . ASN A 1 44 ? 15.472  -0.146  4.899   1.00 14.78 ? 43  ASN A CA  1 
ATOM   350  C C   . ASN A 1 44 ? 15.551  1.348   5.172   1.00 16.49 ? 43  ASN A C   1 
ATOM   351  O O   . ASN A 1 44 ? 15.422  2.154   4.243   1.00 18.33 ? 43  ASN A O   1 
ATOM   352  C CB  . ASN A 1 44 ? 14.175  -0.485  4.159   1.00 14.67 ? 43  ASN A CB  1 
ATOM   353  C CG  . ASN A 1 44 ? 14.269  -1.816  3.429   1.00 18.49 ? 43  ASN A CG  1 
ATOM   354  O OD1 . ASN A 1 44 ? 15.009  -1.938  2.458   1.00 21.59 ? 43  ASN A OD1 1 
ATOM   355  N ND2 . ASN A 1 44 ? 13.530  -2.819  3.901   1.00 17.45 ? 43  ASN A ND2 1 
ATOM   356  N N   . ASN A 1 45 ? 15.782  1.713   6.431   1.00 14.59 ? 44  ASN A N   1 
ATOM   357  C CA  . ASN A 1 45 ? 15.737  3.114   6.849   1.00 16.89 ? 44  ASN A CA  1 
ATOM   358  C C   . ASN A 1 45 ? 14.492  3.792   6.289   1.00 14.48 ? 44  ASN A C   1 
ATOM   359  O O   . ASN A 1 45 ? 14.569  4.839   5.654   1.00 14.01 ? 44  ASN A O   1 
ATOM   360  C CB  . ASN A 1 45 ? 16.995  3.852   6.403   1.00 19.47 ? 44  ASN A CB  1 
ATOM   361  C CG  . ASN A 1 45 ? 18.240  3.332   7.090   1.00 24.99 ? 44  ASN A CG  1 
ATOM   362  O OD1 . ASN A 1 45 ? 18.469  3.618   8.260   1.00 26.10 ? 44  ASN A OD1 1 
ATOM   363  N ND2 . ASN A 1 45 ? 19.045  2.561   6.368   1.00 27.24 ? 44  ASN A ND2 1 
ATOM   364  N N   . ALA A 1 46 ? 13.345  3.166   6.525   1.00 13.00 ? 45  ALA A N   1 
ATOM   365  C CA  . ALA A 1 46 ? 12.122  3.534   5.832   1.00 11.44 ? 45  ALA A CA  1 
ATOM   366  C C   . ALA A 1 46 ? 10.940  3.710   6.780   1.00 12.61 ? 45  ALA A C   1 
ATOM   367  O O   . ALA A 1 46 ? 10.991  3.325   7.948   1.00 11.94 ? 45  ALA A O   1 
ATOM   368  C CB  . ALA A 1 46 ? 11.791  2.467   4.773   1.00 13.68 ? 45  ALA A CB  1 
ATOM   369  N N   . LEU A 1 47 ? 9.885   4.313   6.259   1.00 10.50 ? 46  LEU A N   1 
ATOM   370  C CA  . LEU A 1 47 ? 8.576   4.291   6.891   1.00 10.75 ? 46  LEU A CA  1 
ATOM   371  C C   . LEU A 1 47 ? 7.855   3.090   6.317   1.00 10.57 ? 46  LEU A C   1 
ATOM   372  O O   . LEU A 1 47 ? 7.762   2.964   5.105   1.00 10.93 ? 46  LEU A O   1 
ATOM   373  C CB  . LEU A 1 47 ? 7.797   5.577   6.602   1.00 11.42 ? 46  LEU A CB  1 
ATOM   374  C CG  . LEU A 1 47 ? 6.287   5.549   6.853   1.00 11.58 ? 46  LEU A CG  1 
ATOM   375  C CD1 . LEU A 1 47 ? 5.985   5.413   8.340   1.00 14.29 ? 46  LEU A CD1 1 
ATOM   376  C CD2 . LEU A 1 47 ? 5.619   6.790   6.277   1.00 13.78 ? 46  LEU A CD2 1 
ATOM   377  N N   . VAL A 1 48 ? 7.370   2.190   7.162   1.00 9.38  ? 47  VAL A N   1 
ATOM   378  C CA  . VAL A 1 48 ? 6.623   1.037   6.652   1.00 9.06  ? 47  VAL A CA  1 
ATOM   379  C C   . VAL A 1 48 ? 5.285   0.940   7.357   1.00 10.80 ? 47  VAL A C   1 
ATOM   380  O O   . VAL A 1 48 ? 5.220   1.054   8.584   1.00 12.00 ? 47  VAL A O   1 
ATOM   381  C CB  . VAL A 1 48 ? 7.406   -0.285  6.840   1.00 10.19 ? 47  VAL A CB  1 
ATOM   382  C CG1 . VAL A 1 48 ? 6.572   -1.487  6.339   1.00 8.44  ? 47  VAL A CG1 1 
ATOM   383  C CG2 . VAL A 1 48 ? 8.734   -0.220  6.110   1.00 7.95  ? 47  VAL A CG2 1 
ATOM   384  N N   . LYS A 1 49 ? 4.220   0.764   6.568   1.00 8.68  ? 48  LYS A N   1 
ATOM   385  C CA  . LYS A 1 49 ? 2.868   0.570   7.075   1.00 9.36  ? 48  LYS A CA  1 
ATOM   386  C C   . LYS A 1 49 ? 2.414   -0.844  6.761   1.00 11.87 ? 48  LYS A C   1 
ATOM   387  O O   . LYS A 1 49 ? 2.636   -1.332  5.647   1.00 11.20 ? 48  LYS A O   1 
ATOM   388  C CB  . LYS A 1 49 ? 1.885   1.563   6.454   1.00 11.72 ? 48  LYS A CB  1 
ATOM   389  C CG  . LYS A 1 49 ? 2.265   3.024   6.614   1.00 11.16 ? 48  LYS A CG  1 
ATOM   390  C CD  . LYS A 1 49 ? 1.356   3.898   5.728   1.00 10.70 ? 48  LYS A CD  1 
ATOM   391  C CE  . LYS A 1 49 ? 1.792   5.355   5.730   1.00 15.20 ? 48  LYS A CE  1 
ATOM   392  N NZ  . LYS A 1 49 ? 1.315   6.099   6.914   1.00 15.91 ? 48  LYS A NZ  1 
ATOM   393  N N   . ALA A 1 50 ? 1.781   -1.487  7.741   1.00 9.44  ? 49  ALA A N   1 
ATOM   394  C CA  . ALA A 1 50 ? 1.203   -2.820  7.553   1.00 11.04 ? 49  ALA A CA  1 
ATOM   395  C C   . ALA A 1 50 ? -0.325  -2.726  7.438   1.00 11.96 ? 49  ALA A C   1 
ATOM   396  O O   . ALA A 1 50 ? -0.984  -2.093  8.253   1.00 11.99 ? 49  ALA A O   1 
ATOM   397  C CB  . ALA A 1 50 ? 1.607   -3.747  8.708   1.00 11.38 ? 49  ALA A CB  1 
ATOM   398  N N   . PHE A 1 51 ? -0.868  -3.361  6.406   1.00 11.36 ? 50  PHE A N   1 
ATOM   399  C CA  . PHE A 1 51 ? -2.290  -3.366  6.120   1.00 12.86 ? 50  PHE A CA  1 
ATOM   400  C C   . PHE A 1 51 ? -2.825  -4.794  6.147   1.00 12.62 ? 50  PHE A C   1 
ATOM   401  O O   . PHE A 1 51 ? -2.217  -5.692  5.571   1.00 12.81 ? 50  PHE A O   1 
ATOM   402  C CB  . PHE A 1 51 ? -2.579  -2.749  4.742   1.00 12.96 ? 50  PHE A CB  1 
ATOM   403  C CG  . PHE A 1 51 ? -2.419  -1.251  4.684   1.00 13.63 ? 50  PHE A CG  1 
ATOM   404  C CD1 . PHE A 1 51 ? -1.163  -0.668  4.535   1.00 15.30 ? 50  PHE A CD1 1 
ATOM   405  C CD2 . PHE A 1 51 ? -3.536  -0.425  4.738   1.00 14.83 ? 50  PHE A CD2 1 
ATOM   406  C CE1 . PHE A 1 51 ? -1.029  0.718   4.471   1.00 14.43 ? 50  PHE A CE1 1 
ATOM   407  C CE2 . PHE A 1 51 ? -3.403  0.961   4.675   1.00 14.21 ? 50  PHE A CE2 1 
ATOM   408  C CZ  . PHE A 1 51 ? -2.153  1.529   4.535   1.00 15.73 ? 50  PHE A CZ  1 
ATOM   409  N N   . ILE A 1 52 ? -3.965  -4.996  6.802   1.00 12.09 ? 51  ILE A N   1 
ATOM   410  C CA  . ILE A 1 52 ? -4.689  -6.263  6.717   1.00 12.48 ? 51  ILE A CA  1 
ATOM   411  C C   . ILE A 1 52 ? -6.123  -5.950  6.309   1.00 16.86 ? 51  ILE A C   1 
ATOM   412  O O   . ILE A 1 52 ? -6.763  -5.083  6.906   1.00 15.35 ? 51  ILE A O   1 
ATOM   413  C CB  . ILE A 1 52 ? -4.672  -7.047  8.040   1.00 16.56 ? 51  ILE A CB  1 
ATOM   414  C CG1 . ILE A 1 52 ? -3.233  -7.356  8.461   1.00 16.99 ? 51  ILE A CG1 1 
ATOM   415  C CG2 . ILE A 1 52 ? -5.471  -8.357  7.900   1.00 16.69 ? 51  ILE A CG2 1 
ATOM   416  C CD1 . ILE A 1 52 ? -3.119  -7.919  9.878   1.00 18.53 ? 51  ILE A CD1 1 
ATOM   417  N N   . ASN A 1 53 ? -6.609  -6.630  5.275   1.00 15.74 ? 52  ASN A N   1 
ATOM   418  C CA  . ASN A 1 53 ? -7.945  -6.341  4.742   1.00 17.71 ? 52  ASN A CA  1 
ATOM   419  C C   . ASN A 1 53 ? -8.108  -4.858  4.426   1.00 18.84 ? 52  ASN A C   1 
ATOM   420  O O   . ASN A 1 53 ? -9.151  -4.264  4.718   1.00 19.88 ? 52  ASN A O   1 
ATOM   421  C CB  . ASN A 1 53 ? -9.033  -6.787  5.724   1.00 20.89 ? 52  ASN A CB  1 
ATOM   422  C CG  . ASN A 1 53 ? -9.062  -8.296  5.923   1.00 26.76 ? 52  ASN A CG  1 
ATOM   423  O OD1 . ASN A 1 53 ? -8.768  -9.060  5.003   1.00 33.23 ? 52  ASN A OD1 1 
ATOM   424  N ND2 . ASN A 1 53 ? -9.424  -8.730  7.126   1.00 30.67 ? 52  ASN A ND2 1 
ATOM   425  N N   . ASP A 1 54 ? -7.048  -4.267  3.876   1.00 16.88 ? 53  ASP A N   1 
ATOM   426  C CA  . ASP A 1 54 ? -7.039  -2.865  3.431   1.00 17.18 ? 53  ASP A CA  1 
ATOM   427  C C   . ASP A 1 54 ? -7.109  -1.844  4.572   1.00 17.83 ? 53  ASP A C   1 
ATOM   428  O O   . ASP A 1 54 ? -7.345  -0.664  4.340   1.00 19.50 ? 53  ASP A O   1 
ATOM   429  C CB  . ASP A 1 54 ? -8.178  -2.622  2.437   1.00 21.68 ? 53  ASP A CB  1 
ATOM   430  C CG  . ASP A 1 54 ? -8.004  -3.412  1.157   1.00 21.47 ? 53  ASP A CG  1 
ATOM   431  O OD1 . ASP A 1 54 ? -6.844  -3.578  0.728   1.00 22.42 ? 53  ASP A OD1 1 
ATOM   432  O OD2 . ASP A 1 54 ? -9.018  -3.873  0.592   1.00 27.68 ? 53  ASP A OD2 1 
ATOM   433  N N   . GLU A 1 55 ? -6.869  -2.284  5.801   1.00 16.50 ? 54  GLU A N   1 
ATOM   434  C CA  . GLU A 1 55 ? -6.867  -1.360  6.930   1.00 17.97 ? 54  GLU A CA  1 
ATOM   435  C C   . GLU A 1 55 ? -5.489  -1.325  7.575   1.00 15.61 ? 54  GLU A C   1 
ATOM   436  O O   . GLU A 1 55 ? -4.860  -2.363  7.734   1.00 14.63 ? 54  GLU A O   1 
ATOM   437  C CB  . GLU A 1 55 ? -7.934  -1.763  7.946   1.00 19.80 ? 54  GLU A CB  1 
ATOM   438  C CG  . GLU A 1 55 ? -9.341  -1.709  7.376   1.00 28.02 ? 54  GLU A CG  1 
ATOM   439  C CD  . GLU A 1 55 ? -10.404 -2.003  8.410   1.00 41.48 ? 54  GLU A CD  1 
ATOM   440  O OE1 . GLU A 1 55 ? -10.320 -1.438  9.522   1.00 43.64 ? 54  GLU A OE1 1 
ATOM   441  O OE2 . GLU A 1 55 ? -11.332 -2.784  8.104   1.00 47.14 ? 54  GLU A OE2 1 
ATOM   442  N N   . LYS A 1 56 ? -5.006  -0.131  7.921   1.00 13.84 ? 55  LYS A N   1 
ATOM   443  C CA  . LYS A 1 56 ? -3.677  -0.018  8.518   1.00 12.09 ? 55  LYS A CA  1 
ATOM   444  C C   . LYS A 1 56 ? -3.694  -0.515  9.955   1.00 16.04 ? 55  LYS A C   1 
ATOM   445  O O   . LYS A 1 56 ? -4.495  -0.045  10.762  1.00 16.19 ? 55  LYS A O   1 
ATOM   446  C CB  . LYS A 1 56 ? -3.176  1.427   8.480   1.00 13.74 ? 55  LYS A CB  1 
ATOM   447  C CG  . LYS A 1 56 ? -1.779  1.585   9.061   1.00 13.25 ? 55  LYS A CG  1 
ATOM   448  C CD  . LYS A 1 56 ? -1.271  3.012   8.912   1.00 14.95 ? 55  LYS A CD  1 
ATOM   449  C CE  . LYS A 1 56 ? -2.156  3.982   9.664   1.00 20.23 ? 55  LYS A CE  1 
ATOM   450  N NZ  . LYS A 1 56 ? -1.614  5.380   9.606   1.00 17.33 ? 55  LYS A NZ  1 
ATOM   451  N N   . VAL A 1 57 ? -2.815  -1.459  10.281  1.00 14.98 ? 56  VAL A N   1 
ATOM   452  C CA  . VAL A 1 57 ? -2.826  -2.044  11.620  1.00 15.34 ? 56  VAL A CA  1 
ATOM   453  C C   . VAL A 1 57 ? -1.591  -1.667  12.442  1.00 15.88 ? 56  VAL A C   1 
ATOM   454  O O   . VAL A 1 57 ? -1.595  -1.781  13.670  1.00 17.05 ? 56  VAL A O   1 
ATOM   455  C CB  . VAL A 1 57 ? -2.960  -3.591  11.546  1.00 14.52 ? 56  VAL A CB  1 
ATOM   456  C CG1 . VAL A 1 57 ? -4.277  -3.984  10.854  1.00 14.59 ? 56  VAL A CG1 1 
ATOM   457  C CG2 . VAL A 1 57 ? -1.764  -4.214  10.828  1.00 16.75 ? 56  VAL A CG2 1 
ATOM   458  N N   . PHE A 1 58 ? -0.539  -1.215  11.768  1.00 13.58 ? 57  PHE A N   1 
ATOM   459  C CA  . PHE A 1 58 ? 0.691   -0.832  12.446  1.00 14.49 ? 57  PHE A CA  1 
ATOM   460  C C   . PHE A 1 58 ? 1.575   -0.044  11.498  1.00 14.22 ? 57  PHE A C   1 
ATOM   461  O O   . PHE A 1 58 ? 1.446   -0.171  10.289  1.00 12.67 ? 57  PHE A O   1 
ATOM   462  C CB  . PHE A 1 58 ? 1.434   -2.077  12.954  1.00 14.14 ? 57  PHE A CB  1 
ATOM   463  C CG  . PHE A 1 58 ? 2.545   -1.779  13.906  1.00 14.33 ? 57  PHE A CG  1 
ATOM   464  C CD1 . PHE A 1 58 ? 2.280   -1.254  15.158  1.00 18.47 ? 57  PHE A CD1 1 
ATOM   465  C CD2 . PHE A 1 58 ? 3.860   -2.047  13.560  1.00 13.36 ? 57  PHE A CD2 1 
ATOM   466  C CE1 . PHE A 1 58 ? 3.309   -0.986  16.040  1.00 18.68 ? 57  PHE A CE1 1 
ATOM   467  C CE2 . PHE A 1 58 ? 4.890   -1.782  14.437  1.00 15.79 ? 57  PHE A CE2 1 
ATOM   468  C CZ  . PHE A 1 58 ? 4.610   -1.247  15.683  1.00 15.51 ? 57  PHE A CZ  1 
ATOM   469  N N   . GLU A 1 59 ? 2.473   0.773   12.043  1.00 13.63 ? 58  GLU A N   1 
ATOM   470  C CA  . GLU A 1 59 ? 3.508   1.367   11.211  1.00 13.61 ? 58  GLU A CA  1 
ATOM   471  C C   . GLU A 1 59 ? 4.724   1.726   12.037  1.00 14.80 ? 58  GLU A C   1 
ATOM   472  O O   . GLU A 1 59 ? 4.618   1.911   13.251  1.00 14.27 ? 58  GLU A O   1 
ATOM   473  C CB  . GLU A 1 59 ? 2.983   2.600   10.477  1.00 15.94 ? 58  GLU A CB  1 
ATOM   474  C CG  . GLU A 1 59 ? 2.587   3.748   11.363  1.00 17.41 ? 58  GLU A CG  1 
ATOM   475  C CD  . GLU A 1 59 ? 1.754   4.762   10.599  1.00 21.73 ? 58  GLU A CD  1 
ATOM   476  O OE1 . GLU A 1 59 ? 2.227   5.219   9.538   1.00 20.81 ? 58  GLU A OE1 1 
ATOM   477  O OE2 . GLU A 1 59 ? 0.620   5.077   11.035  1.00 23.59 ? 58  GLU A OE2 1 
ATOM   478  N N   . ALA A 1 60 ? 5.872   1.799   11.367  1.00 12.99 ? 59  ALA A N   1 
ATOM   479  C CA  . ALA A 1 60 ? 7.144   2.117   12.015  1.00 11.51 ? 59  ALA A CA  1 
ATOM   480  C C   . ALA A 1 60 ? 7.942   3.020   11.092  1.00 14.69 ? 59  ALA A C   1 
ATOM   481  O O   . ALA A 1 60 ? 8.032   2.760   9.899   1.00 13.85 ? 59  ALA A O   1 
ATOM   482  C CB  . ALA A 1 60 ? 7.925   0.847   12.339  1.00 14.93 ? 59  ALA A CB  1 
ATOM   483  N N   . ASP A 1 61 ? 8.520   4.083   11.639  1.00 13.05 ? 60  ASP A N   1 
ATOM   484  C CA  . ASP A 1 61 ? 9.225   5.056   10.810  1.00 11.46 ? 60  ASP A CA  1 
ATOM   485  C C   . ASP A 1 61 ? 10.688  5.132   11.216  1.00 14.43 ? 60  ASP A C   1 
ATOM   486  O O   . ASP A 1 61 ? 11.025  5.688   12.268  1.00 16.27 ? 60  ASP A O   1 
ATOM   487  C CB  . ASP A 1 61 ? 8.579   6.436   10.927  1.00 13.42 ? 60  ASP A CB  1 
ATOM   488  C CG  . ASP A 1 61 ? 9.139   7.439   9.923   1.00 14.89 ? 60  ASP A CG  1 
ATOM   489  O OD1 . ASP A 1 61 ? 10.078  7.096   9.186   1.00 14.23 ? 60  ASP A OD1 1 
ATOM   490  O OD2 . ASP A 1 61 ? 8.649   8.587   9.885   1.00 16.53 ? 60  ASP A OD2 1 
ATOM   491  N N   . PHE A 1 62 ? 11.557  4.596   10.368  1.00 12.64 ? 61  PHE A N   1 
ATOM   492  C CA  . PHE A 1 62 ? 12.986  4.647   10.628  1.00 14.98 ? 61  PHE A CA  1 
ATOM   493  C C   . PHE A 1 62 ? 13.730  5.530   9.627   1.00 17.01 ? 61  PHE A C   1 
ATOM   494  O O   . PHE A 1 62 ? 14.903  5.318   9.352   1.00 17.27 ? 61  PHE A O   1 
ATOM   495  C CB  . PHE A 1 62 ? 13.559  3.231   10.631  1.00 14.99 ? 61  PHE A CB  1 
ATOM   496  C CG  . PHE A 1 62 ? 13.276  2.489   11.902  1.00 14.39 ? 61  PHE A CG  1 
ATOM   497  C CD1 . PHE A 1 62 ? 12.031  1.931   12.130  1.00 15.03 ? 61  PHE A CD1 1 
ATOM   498  C CD2 . PHE A 1 62 ? 14.251  2.373   12.884  1.00 17.04 ? 61  PHE A CD2 1 
ATOM   499  C CE1 . PHE A 1 62 ? 11.756  1.258   13.305  1.00 14.07 ? 61  PHE A CE1 1 
ATOM   500  C CE2 . PHE A 1 62 ? 13.986  1.708   14.069  1.00 18.04 ? 61  PHE A CE2 1 
ATOM   501  C CZ  . PHE A 1 62 ? 12.736  1.152   14.282  1.00 15.76 ? 61  PHE A CZ  1 
ATOM   502  N N   . ARG A 1 63 ? 13.059  6.542   9.099   1.00 16.28 ? 62  ARG A N   1 
ATOM   503  C CA  . ARG A 1 63 ? 13.723  7.431   8.155   1.00 18.30 ? 62  ARG A CA  1 
ATOM   504  C C   . ARG A 1 63 ? 14.657  8.401   8.884   1.00 22.52 ? 62  ARG A C   1 
ATOM   505  O O   . ARG A 1 63 ? 15.547  8.998   8.274   1.00 26.78 ? 62  ARG A O   1 
ATOM   506  C CB  . ARG A 1 63 ? 12.700  8.194   7.324   1.00 17.45 ? 62  ARG A CB  1 
ATOM   507  C CG  . ARG A 1 63 ? 11.949  7.307   6.341   1.00 14.04 ? 62  ARG A CG  1 
ATOM   508  C CD  . ARG A 1 63 ? 10.857  8.106   5.649   1.00 15.47 ? 62  ARG A CD  1 
ATOM   509  N NE  . ARG A 1 63 ? 9.857   8.575   6.602   1.00 16.98 ? 62  ARG A NE  1 
ATOM   510  C CZ  . ARG A 1 63 ? 8.813   9.337   6.280   1.00 18.72 ? 62  ARG A CZ  1 
ATOM   511  N NH1 . ARG A 1 63 ? 8.611   9.718   5.021   1.00 17.86 ? 62  ARG A NH1 1 
ATOM   512  N NH2 . ARG A 1 63 ? 7.968   9.720   7.225   1.00 19.02 ? 62  ARG A NH2 1 
ATOM   513  N N   . GLY A 1 64 ? 14.454  8.547   10.189  1.00 24.58 ? 63  GLY A N   1 
ATOM   514  C CA  . GLY A 1 64 ? 15.337  9.358   11.012  1.00 29.14 ? 63  GLY A CA  1 
ATOM   515  C C   . GLY A 1 64 ? 14.778  10.739  11.300  1.00 39.77 ? 63  GLY A C   1 
ATOM   516  O O   . GLY A 1 64 ? 14.224  11.395  10.417  1.00 43.05 ? 63  GLY A O   1 
ATOM   517  N N   . MET B 1 2  ? -3.392  24.767  -3.608  1.00 28.12 ? 1   MET B N   1 
ATOM   518  C CA  . MET B 1 2  ? -2.883  23.594  -2.904  1.00 25.94 ? 1   MET B CA  1 
ATOM   519  C C   . MET B 1 2  ? -3.970  22.918  -2.078  1.00 25.95 ? 1   MET B C   1 
ATOM   520  O O   . MET B 1 2  ? -3.968  21.696  -1.921  1.00 24.88 ? 1   MET B O   1 
ATOM   521  C CB  . MET B 1 2  ? -1.711  23.964  -1.986  1.00 27.10 ? 1   MET B CB  1 
ATOM   522  C CG  . MET B 1 2  ? -0.437  24.390  -2.705  1.00 22.86 ? 1   MET B CG  1 
ATOM   523  S SD  . MET B 1 2  ? 0.083   23.224  -3.991  1.00 21.92 ? 1   MET B SD  1 
ATOM   524  C CE  . MET B 1 2  ? 0.168   21.667  -3.084  1.00 21.32 ? 1   MET B CE  1 
ATOM   525  N N   . SER B 1 3  ? -4.887  23.720  -1.543  1.00 26.76 ? 2   SER B N   1 
ATOM   526  C CA  . SER B 1 3  ? -5.931  23.216  -0.651  1.00 29.23 ? 2   SER B CA  1 
ATOM   527  C C   . SER B 1 3  ? -6.876  22.286  -1.398  1.00 27.37 ? 2   SER B C   1 
ATOM   528  O O   . SER B 1 3  ? -7.625  21.510  -0.791  1.00 29.62 ? 2   SER B O   1 
ATOM   529  C CB  . SER B 1 3  ? -6.711  24.375  -0.028  1.00 29.92 ? 2   SER B CB  1 
ATOM   530  O OG  . SER B 1 3  ? -7.182  25.265  -1.029  1.00 35.80 ? 2   SER B OG  1 
ATOM   531  N N   . LYS B 1 4  ? -6.826  22.367  -2.721  1.00 21.96 ? 3   LYS B N   1 
ATOM   532  C CA  . LYS B 1 4  ? -7.680  21.557  -3.573  1.00 22.89 ? 3   LYS B CA  1 
ATOM   533  C C   . LYS B 1 4  ? -6.999  20.244  -3.983  1.00 19.80 ? 3   LYS B C   1 
ATOM   534  O O   . LYS B 1 4  ? -7.600  19.441  -4.700  1.00 22.45 ? 3   LYS B O   1 
ATOM   535  C CB  . LYS B 1 4  ? -8.075  22.347  -4.817  1.00 25.74 ? 3   LYS B CB  1 
ATOM   536  C CG  . LYS B 1 4  ? -8.824  23.647  -4.523  1.00 32.87 ? 3   LYS B CG  1 
ATOM   537  C CD  . LYS B 1 4  ? -10.203 23.377  -3.941  1.00 34.22 ? 3   LYS B CD  1 
ATOM   538  C CE  . LYS B 1 4  ? -10.963 24.679  -3.701  1.00 40.62 ? 3   LYS B CE  1 
ATOM   539  N NZ  . LYS B 1 4  ? -11.232 25.423  -4.963  1.00 41.75 ? 3   LYS B NZ  1 
ATOM   540  N N   . LEU B 1 5  ? -5.759  20.040  -3.536  1.00 19.19 ? 4   LEU B N   1 
ATOM   541  C CA  . LEU B 1 5  ? -4.968  18.867  -3.931  1.00 18.27 ? 4   LEU B CA  1 
ATOM   542  C C   . LEU B 1 5  ? -4.701  17.909  -2.773  1.00 21.70 ? 4   LEU B C   1 
ATOM   543  O O   . LEU B 1 5  ? -4.622  18.311  -1.613  1.00 22.16 ? 4   LEU B O   1 
ATOM   544  C CB  . LEU B 1 5  ? -3.624  19.298  -4.539  1.00 18.10 ? 4   LEU B CB  1 
ATOM   545  C CG  . LEU B 1 5  ? -3.652  20.275  -5.719  1.00 18.82 ? 4   LEU B CG  1 
ATOM   546  C CD1 . LEU B 1 5  ? -2.242  20.516  -6.217  1.00 18.89 ? 4   LEU B CD1 1 
ATOM   547  C CD2 . LEU B 1 5  ? -4.535  19.741  -6.844  1.00 16.73 ? 4   LEU B CD2 1 
ATOM   548  N N   . THR B 1 6  ? -4.538  16.632  -3.096  1.00 16.74 ? 5   THR B N   1 
ATOM   549  C CA  . THR B 1 6  ? -4.168  15.648  -2.093  1.00 19.08 ? 5   THR B CA  1 
ATOM   550  C C   . THR B 1 6  ? -3.166  14.656  -2.679  1.00 17.56 ? 5   THR B C   1 
ATOM   551  O O   . THR B 1 6  ? -3.155  14.397  -3.886  1.00 15.35 ? 5   THR B O   1 
ATOM   552  C CB  . THR B 1 6  ? -5.399  14.898  -1.551  1.00 24.42 ? 5   THR B CB  1 
ATOM   553  O OG1 . THR B 1 6  ? -4.996  14.031  -0.483  1.00 25.85 ? 5   THR B OG1 1 
ATOM   554  C CG2 . THR B 1 6  ? -6.061  14.078  -2.655  1.00 20.51 ? 5   THR B CG2 1 
ATOM   555  N N   . LYS B 1 7  ? -2.300  14.111  -1.834  1.00 16.58 ? 6   LYS B N   1 
ATOM   556  C CA  . LYS B 1 7  ? -1.441  13.030  -2.286  1.00 17.29 ? 6   LYS B CA  1 
ATOM   557  C C   . LYS B 1 7  ? -2.188  11.705  -2.141  1.00 17.05 ? 6   LYS B C   1 
ATOM   558  O O   . LYS B 1 7  ? -2.758  11.424  -1.091  1.00 22.39 ? 6   LYS B O   1 
ATOM   559  C CB  . LYS B 1 7  ? -0.134  12.996  -1.492  1.00 19.33 ? 6   LYS B CB  1 
ATOM   560  C CG  . LYS B 1 7  ? 0.961   12.148  -2.137  1.00 23.10 ? 6   LYS B CG  1 
ATOM   561  C CD  . LYS B 1 7  ? 2.125   13.022  -2.621  1.00 30.46 ? 6   LYS B CD  1 
ATOM   562  C CE  . LYS B 1 7  ? 3.385   12.184  -2.824  1.00 37.07 ? 6   LYS B CE  1 
ATOM   563  N NZ  . LYS B 1 7  ? 4.594   12.995  -3.173  1.00 39.85 ? 6   LYS B NZ  1 
ATOM   564  N N   . VAL B 1 8  ? -2.201  10.909  -3.199  1.00 12.10 ? 7   VAL B N   1 
ATOM   565  C CA  . VAL B 1 8  ? -2.879  9.619   -3.180  1.00 12.72 ? 7   VAL B CA  1 
ATOM   566  C C   . VAL B 1 8  ? -1.886  8.488   -3.403  1.00 15.11 ? 7   VAL B C   1 
ATOM   567  O O   . VAL B 1 8  ? -1.056  8.558   -4.308  1.00 16.33 ? 7   VAL B O   1 
ATOM   568  C CB  . VAL B 1 8  ? -3.969  9.551   -4.260  1.00 15.73 ? 7   VAL B CB  1 
ATOM   569  C CG1 . VAL B 1 8  ? -4.752  8.258   -4.134  1.00 15.93 ? 7   VAL B CG1 1 
ATOM   570  C CG2 . VAL B 1 8  ? -4.883  10.764  -4.148  1.00 15.98 ? 7   VAL B CG2 1 
ATOM   571  N N   . THR B 1 9  ? -1.984  7.444   -2.587  1.00 12.74 ? 8   THR B N   1 
ATOM   572  C CA  . THR B 1 9  ? -1.089  6.301   -2.700  1.00 12.91 ? 8   THR B CA  1 
ATOM   573  C C   . THR B 1 9  ? -1.809  5.169   -3.409  1.00 12.17 ? 8   THR B C   1 
ATOM   574  O O   . THR B 1 9  ? -2.827  4.712   -2.936  1.00 14.12 ? 8   THR B O   1 
ATOM   575  C CB  . THR B 1 9  ? -0.619  5.812   -1.321  1.00 14.92 ? 8   THR B CB  1 
ATOM   576  O OG1 . THR B 1 9  ? 0.120   6.853   -0.679  1.00 15.53 ? 8   THR B OG1 1 
ATOM   577  C CG2 . THR B 1 9  ? 0.258   4.560   -1.453  1.00 16.78 ? 8   THR B CG2 1 
ATOM   578  N N   . PHE B 1 10 ? -1.286  4.740   -4.546  1.00 12.56 ? 9   PHE B N   1 
ATOM   579  C CA  . PHE B 1 10 ? -1.848  3.625   -5.296  1.00 12.52 ? 9   PHE B CA  1 
ATOM   580  C C   . PHE B 1 10 ? -0.997  2.385   -5.101  1.00 15.00 ? 9   PHE B C   1 
ATOM   581  O O   . PHE B 1 10 ? 0.228   2.460   -5.147  1.00 15.36 ? 9   PHE B O   1 
ATOM   582  C CB  . PHE B 1 10 ? -1.928  3.968   -6.781  1.00 10.52 ? 9   PHE B CB  1 
ATOM   583  C CG  . PHE B 1 10 ? -2.882  5.084   -7.092  1.00 12.42 ? 9   PHE B CG  1 
ATOM   584  C CD1 . PHE B 1 10 ? -4.226  4.814   -7.328  1.00 12.68 ? 9   PHE B CD1 1 
ATOM   585  C CD2 . PHE B 1 10 ? -2.442  6.406   -7.135  1.00 14.85 ? 9   PHE B CD2 1 
ATOM   586  C CE1 . PHE B 1 10 ? -5.113  5.847   -7.611  1.00 12.40 ? 9   PHE B CE1 1 
ATOM   587  C CE2 . PHE B 1 10 ? -3.325  7.432   -7.414  1.00 14.10 ? 9   PHE B CE2 1 
ATOM   588  C CZ  . PHE B 1 10 ? -4.660  7.152   -7.660  1.00 13.51 ? 9   PHE B CZ  1 
ATOM   589  N N   . ILE B 1 11 ? -1.650  1.252   -4.858  1.00 13.58 ? 10  ILE B N   1 
ATOM   590  C CA  . ILE B 1 11 ? -0.981  -0.042  -4.875  1.00 13.95 ? 10  ILE B CA  1 
ATOM   591  C C   . ILE B 1 11 ? -1.587  -0.869  -5.994  1.00 13.80 ? 10  ILE B C   1 
ATOM   592  O O   . ILE B 1 11 ? -2.802  -0.904  -6.134  1.00 13.56 ? 10  ILE B O   1 
ATOM   593  C CB  . ILE B 1 11 ? -1.153  -0.827  -3.579  1.00 14.87 ? 10  ILE B CB  1 
ATOM   594  C CG1 . ILE B 1 11 ? -0.941  0.042   -2.352  1.00 17.66 ? 10  ILE B CG1 1 
ATOM   595  C CG2 . ILE B 1 11 ? -0.223  -2.047  -3.560  1.00 16.13 ? 10  ILE B CG2 1 
ATOM   596  C CD1 . ILE B 1 11 ? -1.283  -0.722  -1.129  1.00 22.84 ? 10  ILE B CD1 1 
ATOM   597  N N   . GLY B 1 12 ? -0.749  -1.535  -6.777  1.00 14.65 ? 11  GLY B N   1 
ATOM   598  C CA  . GLY B 1 12 ? -1.231  -2.352  -7.872  1.00 13.28 ? 11  GLY B CA  1 
ATOM   599  C C   . GLY B 1 12 ? -0.646  -3.753  -7.862  1.00 17.78 ? 11  GLY B C   1 
ATOM   600  O O   . GLY B 1 12 ? 0.463   -3.967  -7.378  1.00 16.24 ? 11  GLY B O   1 
ATOM   601  N N   . TRP B 1 13 ? -1.417  -4.695  -8.393  1.00 15.77 ? 12  TRP B N   1 
ATOM   602  C CA  . TRP B 1 13 ? -1.025  -6.092  -8.559  1.00 15.02 ? 12  TRP B CA  1 
ATOM   603  C C   . TRP B 1 13 ? -1.213  -6.469  -10.021 1.00 19.13 ? 12  TRP B C   1 
ATOM   604  O O   . TRP B 1 13 ? -2.336  -6.400  -10.534 1.00 19.41 ? 12  TRP B O   1 
ATOM   605  C CB  . TRP B 1 13 ? -1.879  -7.022  -7.692  1.00 18.52 ? 12  TRP B CB  1 
ATOM   606  C CG  . TRP B 1 13 ? -1.644  -6.939  -6.206  1.00 18.69 ? 12  TRP B CG  1 
ATOM   607  C CD1 . TRP B 1 13 ? -0.913  -7.810  -5.442  1.00 19.97 ? 12  TRP B CD1 1 
ATOM   608  C CD2 . TRP B 1 13 ? -2.176  -5.961  -5.302  1.00 16.59 ? 12  TRP B CD2 1 
ATOM   609  N NE1 . TRP B 1 13 ? -0.941  -7.421  -4.122  1.00 18.68 ? 12  TRP B NE1 1 
ATOM   610  C CE2 . TRP B 1 13 ? -1.706  -6.293  -4.009  1.00 18.52 ? 12  TRP B CE2 1 
ATOM   611  C CE3 . TRP B 1 13 ? -2.985  -4.831  -5.459  1.00 16.66 ? 12  TRP B CE3 1 
ATOM   612  C CZ2 . TRP B 1 13 ? -2.026  -5.532  -2.886  1.00 17.54 ? 12  TRP B CZ2 1 
ATOM   613  C CZ3 . TRP B 1 13 ? -3.301  -4.078  -4.333  1.00 16.07 ? 12  TRP B CZ3 1 
ATOM   614  C CH2 . TRP B 1 13 ? -2.821  -4.434  -3.064  1.00 15.64 ? 12  TRP B CH2 1 
ATOM   615  N N   . PHE B 1 14 ? -0.127  -6.840  -10.698 1.00 19.47 ? 13  PHE B N   1 
ATOM   616  C CA  . PHE B 1 14 ? -0.243  -7.446  -12.027 1.00 22.79 ? 13  PHE B CA  1 
ATOM   617  C C   . PHE B 1 14 ? -0.830  -8.849  -11.858 1.00 24.29 ? 13  PHE B C   1 
ATOM   618  O O   . PHE B 1 14 ? -0.849  -9.372  -10.747 1.00 26.54 ? 13  PHE B O   1 
ATOM   619  C CB  . PHE B 1 14 ? 1.112   -7.508  -12.732 1.00 22.23 ? 13  PHE B CB  1 
ATOM   620  C CG  . PHE B 1 14 ? 1.708   -6.163  -13.038 1.00 25.52 ? 13  PHE B CG  1 
ATOM   621  C CD1 . PHE B 1 14 ? 1.134   -5.331  -13.995 1.00 25.18 ? 13  PHE B CD1 1 
ATOM   622  C CD2 . PHE B 1 14 ? 2.854   -5.738  -12.387 1.00 23.15 ? 13  PHE B CD2 1 
ATOM   623  C CE1 . PHE B 1 14 ? 1.700   -4.097  -14.286 1.00 23.78 ? 13  PHE B CE1 1 
ATOM   624  C CE2 . PHE B 1 14 ? 3.426   -4.507  -12.679 1.00 25.59 ? 13  PHE B CE2 1 
ATOM   625  C CZ  . PHE B 1 14 ? 2.841   -3.685  -13.627 1.00 23.16 ? 13  PHE B CZ  1 
ATOM   626  N N   . LYS B 1 15 ? -1.313  -9.466  -12.938 1.00 27.60 ? 14  LYS B N   1 
ATOM   627  C CA  . LYS B 1 15 ? -1.937  -10.782 -12.803 1.00 28.34 ? 14  LYS B CA  1 
ATOM   628  C C   . LYS B 1 15 ? -0.907  -11.835 -12.367 1.00 25.61 ? 14  LYS B C   1 
ATOM   629  O O   . LYS B 1 15 ? -1.254  -12.823 -11.728 1.00 30.97 ? 14  LYS B O   1 
ATOM   630  C CB  . LYS B 1 15 ? -2.626  -11.211 -14.104 1.00 31.31 ? 14  LYS B CB  1 
ATOM   631  C CG  . LYS B 1 15 ? -3.509  -12.469 -13.954 1.00 33.77 ? 14  LYS B CG  1 
ATOM   632  C CD  . LYS B 1 15 ? -4.333  -12.430 -12.660 1.00 36.12 ? 14  LYS B CD  1 
ATOM   633  C CE  . LYS B 1 15 ? -5.834  -12.622 -12.906 1.00 40.19 ? 14  LYS B CE  1 
ATOM   634  N NZ  . LYS B 1 15 ? -6.613  -12.679 -11.624 1.00 36.72 ? 14  LYS B NZ  1 
ATOM   635  N N   . SER B 1 16 ? 0.359   -11.602 -12.700 1.00 26.52 ? 15  SER B N   1 
ATOM   636  C CA  . SER B 1 16 ? 1.459   -12.444 -12.217 1.00 28.40 ? 15  SER B CA  1 
ATOM   637  C C   . SER B 1 16 ? 1.603   -12.415 -10.695 1.00 28.67 ? 15  SER B C   1 
ATOM   638  O O   . SER B 1 16 ? 2.199   -13.312 -10.094 1.00 25.35 ? 15  SER B O   1 
ATOM   639  C CB  . SER B 1 16 ? 2.774   -12.004 -12.848 1.00 28.68 ? 15  SER B CB  1 
ATOM   640  O OG  . SER B 1 16 ? 3.212   -10.784 -12.266 1.00 28.90 ? 15  SER B OG  1 
ATOM   641  N N   . GLY B 1 17 ? 1.080   -11.367 -10.072 1.00 27.94 ? 16  GLY B N   1 
ATOM   642  C CA  . GLY B 1 17 ? 1.175   -11.227 -8.632  1.00 24.49 ? 16  GLY B CA  1 
ATOM   643  C C   . GLY B 1 17 ? 2.256   -10.240 -8.264  1.00 22.28 ? 16  GLY B C   1 
ATOM   644  O O   . GLY B 1 17 ? 2.414   -9.885  -7.096  1.00 22.87 ? 16  GLY B O   1 
ATOM   645  N N   . GLU B 1 18 ? 3.011   -9.800  -9.265  1.00 21.53 ? 17  GLU B N   1 
ATOM   646  C CA  . GLU B 1 18 ? 4.015   -8.772  -9.054  1.00 22.05 ? 17  GLU B CA  1 
ATOM   647  C C   . GLU B 1 18 ? 3.300   -7.471  -8.703  1.00 21.08 ? 17  GLU B C   1 
ATOM   648  O O   . GLU B 1 18 ? 2.226   -7.190  -9.231  1.00 19.56 ? 17  GLU B O   1 
ATOM   649  C CB  . GLU B 1 18 ? 4.896   -8.595  -10.290 1.00 23.17 ? 17  GLU B CB  1 
ATOM   650  C CG  . GLU B 1 18 ? 5.583   -7.237  -10.368 1.00 26.66 ? 17  GLU B CG  1 
ATOM   651  C CD  . GLU B 1 18 ? 6.782   -7.233  -11.290 1.00 38.29 ? 17  GLU B CD  1 
ATOM   652  O OE1 . GLU B 1 18 ? 7.291   -8.331  -11.612 1.00 49.05 ? 17  GLU B OE1 1 
ATOM   653  O OE2 . GLU B 1 18 ? 7.212   -6.131  -11.698 1.00 41.20 ? 17  GLU B OE2 1 
ATOM   654  N N   . MET B 1 19 ? 3.890   -6.688  -7.805  1.00 17.13 ? 18  MET B N   1 
ATOM   655  C CA  . MET B 1 19 ? 3.231   -5.481  -7.316  1.00 16.93 ? 18  MET B CA  1 
ATOM   656  C C   . MET B 1 19 ? 3.927   -4.192  -7.759  1.00 17.18 ? 18  MET B C   1 
ATOM   657  O O   . MET B 1 19 ? 5.098   -4.195  -8.129  1.00 20.98 ? 18  MET B O   1 
ATOM   658  C CB  . MET B 1 19 ? 3.137   -5.542  -5.781  1.00 15.45 ? 18  MET B CB  1 
ATOM   659  C CG  . MET B 1 19 ? 2.258   -6.697  -5.290  1.00 17.79 ? 18  MET B CG  1 
ATOM   660  S SD  . MET B 1 19 ? 2.272   -7.007  -3.502  1.00 19.93 ? 18  MET B SD  1 
ATOM   661  C CE  . MET B 1 19 ? 1.591   -5.458  -2.897  1.00 18.68 ? 18  MET B CE  1 
ATOM   662  N N   . PHE B 1 20 ? 3.188   -3.084  -7.735  1.00 17.13 ? 19  PHE B N   1 
ATOM   663  C CA  . PHE B 1 20 ? 3.779   -1.763  -7.930  1.00 20.23 ? 19  PHE B CA  1 
ATOM   664  C C   . PHE B 1 20 ? 3.081   -0.779  -7.006  1.00 18.01 ? 19  PHE B C   1 
ATOM   665  O O   . PHE B 1 20 ? 1.993   -1.047  -6.531  1.00 15.51 ? 19  PHE B O   1 
ATOM   666  C CB  . PHE B 1 20 ? 3.689   -1.323  -9.397  1.00 21.34 ? 19  PHE B CB  1 
ATOM   667  C CG  . PHE B 1 20 ? 2.281   -1.158  -9.926  1.00 22.29 ? 19  PHE B CG  1 
ATOM   668  C CD1 . PHE B 1 20 ? 1.594   -2.236  -10.463 1.00 21.12 ? 19  PHE B CD1 1 
ATOM   669  C CD2 . PHE B 1 20 ? 1.678   0.094   -9.954  1.00 20.91 ? 19  PHE B CD2 1 
ATOM   670  C CE1 . PHE B 1 20 ? 0.318   -2.079  -10.987 1.00 23.16 ? 19  PHE B CE1 1 
ATOM   671  C CE2 . PHE B 1 20 ? 0.405   0.255   -10.474 1.00 20.45 ? 19  PHE B CE2 1 
ATOM   672  C CZ  . PHE B 1 20 ? -0.275  -0.837  -10.988 1.00 18.08 ? 19  PHE B CZ  1 
ATOM   673  N N   . THR B 1 21 ? 3.721   0.335   -6.700  1.00 19.47 ? 20  THR B N   1 
ATOM   674  C CA  . THR B 1 21 ? 3.072   1.304   -5.829  1.00 20.51 ? 20  THR B CA  1 
ATOM   675  C C   . THR B 1 21 ? 3.591   2.691   -6.158  1.00 25.63 ? 20  THR B C   1 
ATOM   676  O O   . THR B 1 21 ? 4.800   2.886   -6.343  1.00 22.94 ? 20  THR B O   1 
ATOM   677  C CB  . THR B 1 21 ? 3.280   0.957   -4.321  1.00 16.99 ? 20  THR B CB  1 
ATOM   678  O OG1 . THR B 1 21 ? 2.541   1.868   -3.495  1.00 20.49 ? 20  THR B OG1 1 
ATOM   679  C CG2 . THR B 1 21 ? 4.747   0.993   -3.920  1.00 18.08 ? 20  THR B CG2 1 
ATOM   680  N N   . LYS B 1 22 ? 2.650   3.639   -6.219  1.00 19.59 ? 21  LYS B N   1 
ATOM   681  C CA  . LYS B 1 22 ? 2.793   4.939   -6.870  1.00 27.17 ? 21  LYS B CA  1 
ATOM   682  C C   . LYS B 1 22 ? 2.242   6.011   -5.936  1.00 22.41 ? 21  LYS B C   1 
ATOM   683  O O   . LYS B 1 22 ? 1.169   5.823   -5.395  1.00 18.77 ? 21  LYS B O   1 
ATOM   684  C CB  . LYS B 1 22 ? 2.004   4.932   -8.186  1.00 24.43 ? 21  LYS B CB  1 
ATOM   685  C CG  . LYS B 1 22 ? 2.502   5.832   -9.300  1.00 34.47 ? 21  LYS B CG  1 
ATOM   686  C CD  . LYS B 1 22 ? 2.195   5.163   -10.630 1.00 31.05 ? 21  LYS B CD  1 
ATOM   687  C CE  . LYS B 1 22 ? 2.517   6.050   -11.818 1.00 40.15 ? 21  LYS B CE  1 
ATOM   688  N NZ  . LYS B 1 22 ? 3.942   5.961   -12.221 1.00 44.81 ? 21  LYS B NZ  1 
ATOM   689  N N   . ASP B 1 23 ? 2.953   7.118   -5.738  1.00 19.35 ? 22  ASP B N   1 
ATOM   690  C CA  . ASP B 1 23 ? 2.421   8.245   -4.968  1.00 16.89 ? 22  ASP B CA  1 
ATOM   691  C C   . ASP B 1 23 ? 2.154   9.398   -5.928  1.00 21.21 ? 22  ASP B C   1 
ATOM   692  O O   . ASP B 1 23 ? 3.095   9.931   -6.510  1.00 20.87 ? 22  ASP B O   1 
ATOM   693  C CB  . ASP B 1 23 ? 3.412   8.700   -3.880  1.00 25.49 ? 22  ASP B CB  1 
ATOM   694  C CG  . ASP B 1 23 ? 2.975   8.334   -2.467  1.00 19.67 ? 22  ASP B CG  1 
ATOM   695  O OD1 . ASP B 1 23 ? 1.981   7.596   -2.293  1.00 20.45 ? 22  ASP B OD1 1 
ATOM   696  O OD2 . ASP B 1 23 ? 3.671   8.755   -1.512  1.00 20.78 ? 22  ASP B OD2 1 
ATOM   697  N N   . ILE B 1 24 ? 0.886   9.792   -6.066  1.00 17.93 ? 23  ILE B N   1 
ATOM   698  C CA  . ILE B 1 24 ? 0.449   10.710  -7.125  1.00 22.06 ? 23  ILE B CA  1 
ATOM   699  C C   . ILE B 1 24 ? -0.344  11.867  -6.537  1.00 21.54 ? 23  ILE B C   1 
ATOM   700  O O   . ILE B 1 24 ? -1.316  11.649  -5.816  1.00 20.21 ? 23  ILE B O   1 
ATOM   701  C CB  . ILE B 1 24 ? -0.441  9.986   -8.165  1.00 18.11 ? 23  ILE B CB  1 
ATOM   702  C CG1 . ILE B 1 24 ? 0.235   8.703   -8.665  1.00 22.97 ? 23  ILE B CG1 1 
ATOM   703  C CG2 . ILE B 1 24 ? -0.777  10.883  -9.339  1.00 23.96 ? 23  ILE B CG2 1 
ATOM   704  C CD1 . ILE B 1 24 ? -0.560  7.979   -9.753  1.00 24.25 ? 23  ILE B CD1 1 
ATOM   705  N N   . MET B 1 25 ? 0.049   13.095  -6.848  1.00 16.18 ? 24  MET B N   1 
ATOM   706  C CA  . MET B 1 25 ? -0.749  14.230  -6.422  1.00 12.97 ? 24  MET B CA  1 
ATOM   707  C C   . MET B 1 25 ? -1.949  14.409  -7.347  1.00 13.52 ? 24  MET B C   1 
ATOM   708  O O   . MET B 1 25 ? -1.792  14.393  -8.561  1.00 14.00 ? 24  MET B O   1 
ATOM   709  C CB  . MET B 1 25 ? 0.084   15.497  -6.414  1.00 15.84 ? 24  MET B CB  1 
ATOM   710  C CG  . MET B 1 25 ? -0.683  16.686  -5.974  1.00 19.71 ? 24  MET B CG  1 
ATOM   711  S SD  . MET B 1 25 ? 0.493   18.017  -5.748  1.00 35.69 ? 24  MET B SD  1 
ATOM   712  C CE  . MET B 1 25 ? 1.701   17.195  -4.701  1.00 16.65 ? 24  MET B CE  1 
ATOM   713  N N   . LEU B 1 26 ? -3.135  14.564  -6.772  1.00 10.49 ? 25  LEU B N   1 
ATOM   714  C CA  . LEU B 1 26 ? -4.368  14.701  -7.567  1.00 11.39 ? 25  LEU B CA  1 
ATOM   715  C C   . LEU B 1 26 ? -5.289  15.726  -6.957  1.00 12.04 ? 25  LEU B C   1 
ATOM   716  O O   . LEU B 1 26 ? -5.080  16.158  -5.839  1.00 12.59 ? 25  LEU B O   1 
ATOM   717  C CB  . LEU B 1 26 ? -5.112  13.367  -7.653  1.00 11.50 ? 25  LEU B CB  1 
ATOM   718  C CG  . LEU B 1 26 ? -4.402  12.219  -8.348  1.00 14.07 ? 25  LEU B CG  1 
ATOM   719  C CD1 . LEU B 1 26 ? -5.232  10.946  -8.172  1.00 12.10 ? 25  LEU B CD1 1 
ATOM   720  C CD2 . LEU B 1 26 ? -4.173  12.555  -9.822  1.00 14.07 ? 25  LEU B CD2 1 
ATOM   721  N N   . SER B 1 27 ? -6.333  16.103  -7.689  1.00 12.46 ? 26  SER B N   1 
ATOM   722  C CA  . SER B 1 27 ? -7.410  16.872  -7.094  1.00 11.80 ? 26  SER B CA  1 
ATOM   723  C C   . SER B 1 27 ? -8.000  16.065  -5.947  1.00 13.97 ? 26  SER B C   1 
ATOM   724  O O   . SER B 1 27 ? -8.112  14.843  -6.045  1.00 15.04 ? 26  SER B O   1 
ATOM   725  C CB  . SER B 1 27 ? -8.504  17.175  -8.122  1.00 10.76 ? 26  SER B CB  1 
ATOM   726  O OG  . SER B 1 27 ? -9.681  17.630  -7.470  1.00 13.56 ? 26  SER B OG  1 
ATOM   727  N N   . GLY B 1 28 ? -8.390  16.745  -4.878  1.00 13.00 ? 27  GLY B N   1 
ATOM   728  C CA  . GLY B 1 28 ? -9.007  16.080  -3.747  1.00 14.50 ? 27  GLY B CA  1 
ATOM   729  C C   . GLY B 1 28 ? -10.413 15.566  -4.023  1.00 17.44 ? 27  GLY B C   1 
ATOM   730  O O   . GLY B 1 28 ? -10.944 14.766  -3.251  1.00 17.79 ? 27  GLY B O   1 
ATOM   731  N N   . ASP B 1 29 ? -11.034 16.017  -5.115  1.00 17.87 ? 28  ASP B N   1 
ATOM   732  C CA  . ASP B 1 29 ? -12.383 15.548  -5.429  1.00 14.89 ? 28  ASP B CA  1 
ATOM   733  C C   . ASP B 1 29 ? -12.359 14.073  -5.819  1.00 14.37 ? 28  ASP B C   1 
ATOM   734  O O   . ASP B 1 29 ? -11.594 13.660  -6.687  1.00 12.97 ? 28  ASP B O   1 
ATOM   735  C CB  . ASP B 1 29 ? -13.004 16.398  -6.533  1.00 16.14 ? 28  ASP B CB  1 
ATOM   736  C CG  . ASP B 1 29 ? -13.287 17.817  -6.067  1.00 20.38 ? 28  ASP B CG  1 
ATOM   737  O OD1 . ASP B 1 29 ? -13.397 18.032  -4.840  1.00 27.75 ? 28  ASP B OD1 1 
ATOM   738  O OD2 . ASP B 1 29 ? -13.360 18.720  -6.907  1.00 20.27 ? 28  ASP B OD2 1 
ATOM   739  N N   . ARG B 1 30 ? -13.198 13.285  -5.153  1.00 14.41 ? 29  ARG B N   1 
ATOM   740  C CA  . ARG B 1 30 ? -13.156 11.830  -5.257  1.00 17.77 ? 29  ARG B CA  1 
ATOM   741  C C   . ARG B 1 30 ? -13.348 11.314  -6.681  1.00 15.32 ? 29  ARG B C   1 
ATOM   742  O O   . ARG B 1 30 ? -12.841 10.253  -7.023  1.00 14.24 ? 29  ARG B O   1 
ATOM   743  C CB  . ARG B 1 30 ? -14.214 11.203  -4.338  1.00 23.00 ? 29  ARG B CB  1 
ATOM   744  C CG  . ARG B 1 30 ? -13.838 11.198  -2.853  1.00 29.73 ? 29  ARG B CG  1 
ATOM   745  C CD  . ARG B 1 30 ? -12.390 10.749  -2.635  1.00 34.04 ? 29  ARG B CD  1 
ATOM   746  N NE  . ARG B 1 30 ? -12.134 10.320  -1.259  1.00 38.17 ? 29  ARG B NE  1 
ATOM   747  C CZ  . ARG B 1 30 ? -11.813 11.141  -0.262  1.00 41.60 ? 29  ARG B CZ  1 
ATOM   748  N NH1 . ARG B 1 30 ? -11.717 12.446  -0.477  1.00 43.69 ? 29  ARG B NH1 1 
ATOM   749  N NH2 . ARG B 1 30 ? -11.597 10.659  0.956   1.00 44.22 ? 29  ARG B NH2 1 
ATOM   750  N N   . GLU B 1 31 ? -14.087 12.053  -7.506  1.00 14.29 ? 30  GLU B N   1 
ATOM   751  C CA  . GLU B 1 31 ? -14.335 11.609  -8.877  1.00 12.42 ? 30  GLU B CA  1 
ATOM   752  C C   . GLU B 1 31 ? -13.034 11.492  -9.667  1.00 12.45 ? 30  GLU B C   1 
ATOM   753  O O   . GLU B 1 31 ? -12.860 10.567  -10.480 1.00 11.79 ? 30  GLU B O   1 
ATOM   754  C CB  . GLU B 1 31 ? -15.305 12.557  -9.582  1.00 13.56 ? 30  GLU B CB  1 
ATOM   755  C CG  . GLU B 1 31 ? -16.752 12.422  -9.106  1.00 17.20 ? 30  GLU B CG  1 
ATOM   756  C CD  . GLU B 1 31 ? -17.035 13.149  -7.800  1.00 19.34 ? 30  GLU B CD  1 
ATOM   757  O OE1 . GLU B 1 31 ? -18.163 13.013  -7.271  1.00 20.90 ? 30  GLU B OE1 1 
ATOM   758  O OE2 . GLU B 1 31 ? -16.141 13.859  -7.303  1.00 16.96 ? 30  GLU B OE2 1 
ATOM   759  N N   . GLU B 1 32 ? -12.108 12.414  -9.408  1.00 10.87 ? 31  GLU B N   1 
ATOM   760  C CA  . GLU B 1 32 ? -10.805 12.375  -10.067 1.00 10.78 ? 31  GLU B CA  1 
ATOM   761  C C   . GLU B 1 32 ? -9.983  11.175  -9.591  1.00 12.21 ? 31  GLU B C   1 
ATOM   762  O O   . GLU B 1 32 ? -9.359  10.485  -10.390 1.00 11.67 ? 31  GLU B O   1 
ATOM   763  C CB  . GLU B 1 32 ? -10.017 13.666  -9.820  1.00 11.00 ? 31  GLU B CB  1 
ATOM   764  C CG  . GLU B 1 32 ? -8.527  13.554  -10.171 1.00 11.69 ? 31  GLU B CG  1 
ATOM   765  C CD  . GLU B 1 32 ? -7.966  14.817  -10.805 1.00 13.85 ? 31  GLU B CD  1 
ATOM   766  O OE1 . GLU B 1 32 ? -8.630  15.402  -11.693 1.00 12.42 ? 31  GLU B OE1 1 
ATOM   767  O OE2 . GLU B 1 32 ? -6.857  15.234  -10.409 1.00 11.63 ? 31  GLU B OE2 1 
ATOM   768  N N   . ILE B 1 33 ? -10.008 10.926  -8.290  1.00 10.58 ? 32  ILE B N   1 
ATOM   769  C CA  . ILE B 1 33 ? -9.222  9.830   -7.729  1.00 11.16 ? 32  ILE B CA  1 
ATOM   770  C C   . ILE B 1 33 ? -9.763  8.492   -8.251  1.00 12.85 ? 32  ILE B C   1 
ATOM   771  O O   . ILE B 1 33 ? -9.000  7.572   -8.564  1.00 11.45 ? 32  ILE B O   1 
ATOM   772  C CB  . ILE B 1 33 ? -9.224  9.889   -6.204  1.00 12.92 ? 32  ILE B CB  1 
ATOM   773  C CG1 . ILE B 1 33 ? -8.478  11.157  -5.774  1.00 13.10 ? 32  ILE B CG1 1 
ATOM   774  C CG2 . ILE B 1 33 ? -8.523  8.665   -5.612  1.00 14.71 ? 32  ILE B CG2 1 
ATOM   775  C CD1 . ILE B 1 33 ? -8.982  11.772  -4.528  1.00 21.96 ? 32  ILE B CD1 1 
ATOM   776  N N   . GLU B 1 34 ? -11.083 8.410   -8.382  1.00 12.31 ? 33  GLU B N   1 
ATOM   777  C CA  . GLU B 1 34 ? -11.715 7.223   -8.944  1.00 11.83 ? 33  GLU B CA  1 
ATOM   778  C C   . GLU B 1 34 ? -11.288 7.010   -10.391 1.00 12.70 ? 33  GLU B C   1 
ATOM   779  O O   . GLU B 1 34 ? -10.927 5.885   -10.792 1.00 11.92 ? 33  GLU B O   1 
ATOM   780  C CB  . GLU B 1 34 ? -13.237 7.330   -8.857  1.00 13.77 ? 33  GLU B CB  1 
ATOM   781  C CG  . GLU B 1 34 ? -13.957 6.087   -9.356  1.00 18.82 ? 33  GLU B CG  1 
ATOM   782  C CD  . GLU B 1 34 ? -15.452 6.162   -9.103  1.00 19.88 ? 33  GLU B CD  1 
ATOM   783  O OE1 . GLU B 1 34 ? -16.001 7.281   -9.138  1.00 16.89 ? 33  GLU B OE1 1 
ATOM   784  O OE2 . GLU B 1 34 ? -16.070 5.104   -8.855  1.00 23.09 ? 33  GLU B OE2 1 
ATOM   785  N N   . TRP B 1 35 ? -11.323 8.083   -11.179 1.00 12.29 ? 34  TRP B N   1 
ATOM   786  C CA  . TRP B 1 35 ? -10.901 7.974   -12.571 1.00 10.83 ? 34  TRP B CA  1 
ATOM   787  C C   . TRP B 1 35 ? -9.457  7.517   -12.705 1.00 13.35 ? 34  TRP B C   1 
ATOM   788  O O   . TRP B 1 35 ? -9.158  6.636   -13.515 1.00 13.71 ? 34  TRP B O   1 
ATOM   789  C CB  . TRP B 1 35 ? -11.083 9.299   -13.309 1.00 13.35 ? 34  TRP B CB  1 
ATOM   790  C CG  . TRP B 1 35 ? -10.509 9.235   -14.682 1.00 16.86 ? 34  TRP B CG  1 
ATOM   791  C CD1 . TRP B 1 35 ? -10.963 8.478   -15.732 1.00 14.89 ? 34  TRP B CD1 1 
ATOM   792  C CD2 . TRP B 1 35 ? -9.355  9.923   -15.157 1.00 15.79 ? 34  TRP B CD2 1 
ATOM   793  N NE1 . TRP B 1 35 ? -10.168 8.668   -16.833 1.00 18.33 ? 34  TRP B NE1 1 
ATOM   794  C CE2 . TRP B 1 35 ? -9.173  9.553   -16.504 1.00 22.69 ? 34  TRP B CE2 1 
ATOM   795  C CE3 . TRP B 1 35 ? -8.455  10.820  -14.569 1.00 15.51 ? 34  TRP B CE3 1 
ATOM   796  C CZ2 . TRP B 1 35 ? -8.132  10.049  -17.274 1.00 21.27 ? 34  TRP B CZ2 1 
ATOM   797  C CZ3 . TRP B 1 35 ? -7.429  11.312  -15.338 1.00 20.68 ? 34  TRP B CZ3 1 
ATOM   798  C CH2 . TRP B 1 35 ? -7.272  10.926  -16.676 1.00 25.26 ? 34  TRP B CH2 1 
ATOM   799  N N   . VAL B 1 36 ? -8.553  8.091   -11.907 1.00 12.03 ? 35  VAL B N   1 
ATOM   800  C CA  . VAL B 1 36 ? -7.155  7.660   -11.975 1.00 13.20 ? 35  VAL B CA  1 
ATOM   801  C C   . VAL B 1 36 ? -6.999  6.203   -11.538 1.00 12.52 ? 35  VAL B C   1 
ATOM   802  O O   . VAL B 1 36 ? -6.228  5.464   -12.148 1.00 13.68 ? 35  VAL B O   1 
ATOM   803  C CB  . VAL B 1 36 ? -6.243  8.572   -11.142 1.00 12.73 ? 35  VAL B CB  1 
ATOM   804  C CG1 . VAL B 1 36 ? -4.804  8.048   -11.135 1.00 14.36 ? 35  VAL B CG1 1 
ATOM   805  C CG2 . VAL B 1 36 ? -6.283  9.981   -11.713 1.00 11.56 ? 35  VAL B CG2 1 
ATOM   806  N N   . THR B 1 37 ? -7.730  5.776   -10.506 1.00 10.42 ? 36  THR B N   1 
ATOM   807  C CA  . THR B 1 37 ? -7.710  4.371   -10.093 1.00 11.76 ? 36  THR B CA  1 
ATOM   808  C C   . THR B 1 37 ? -8.067  3.445   -11.254 1.00 13.67 ? 36  THR B C   1 
ATOM   809  O O   . THR B 1 37 ? -7.356  2.464   -11.551 1.00 12.73 ? 36  THR B O   1 
ATOM   810  C CB  . THR B 1 37 ? -8.692  4.098   -8.940  1.00 13.48 ? 36  THR B CB  1 
ATOM   811  O OG1 . THR B 1 37 ? -8.429  4.995   -7.859  1.00 12.15 ? 36  THR B OG1 1 
ATOM   812  C CG2 . THR B 1 37 ? -8.550  2.667   -8.437  1.00 13.30 ? 36  THR B CG2 1 
ATOM   813  N N   . VAL B 1 38 ? -9.181  3.757   -11.910 1.00 13.08 ? 37  VAL B N   1 
ATOM   814  C CA  . VAL B 1 38 ? -9.620  2.928   -13.024 1.00 13.92 ? 37  VAL B CA  1 
ATOM   815  C C   . VAL B 1 38 ? -8.620  2.972   -14.180 1.00 14.67 ? 37  VAL B C   1 
ATOM   816  O O   . VAL B 1 38 ? -8.312  1.942   -14.763 1.00 18.12 ? 37  VAL B O   1 
ATOM   817  C CB  . VAL B 1 38 ? -11.016 3.355   -13.519 1.00 12.94 ? 37  VAL B CB  1 
ATOM   818  C CG1 . VAL B 1 38 ? -11.391 2.570   -14.769 1.00 17.08 ? 37  VAL B CG1 1 
ATOM   819  C CG2 . VAL B 1 38 ? -12.040 3.126   -12.423 1.00 12.38 ? 37  VAL B CG2 1 
ATOM   820  N N   . GLN B 1 39 ? -8.105  4.156   -14.512 1.00 14.18 ? 38  GLN B N   1 
ATOM   821  C CA  . GLN B 1 39 ? -7.140  4.274   -15.609 1.00 16.23 ? 38  GLN B CA  1 
ATOM   822  C C   . GLN B 1 39 ? -5.863  3.476   -15.346 1.00 19.79 ? 38  GLN B C   1 
ATOM   823  O O   . GLN B 1 39 ? -5.378  2.745   -16.216 1.00 19.76 ? 38  GLN B O   1 
ATOM   824  C CB  . GLN B 1 39 ? -6.781  5.737   -15.863 1.00 17.08 ? 38  GLN B CB  1 
ATOM   825  C CG  . GLN B 1 39 ? -5.744  5.921   -16.957 1.00 22.59 ? 38  GLN B CG  1 
ATOM   826  C CD  . GLN B 1 39 ? -5.410  7.375   -17.213 1.00 28.24 ? 38  GLN B CD  1 
ATOM   827  O OE1 . GLN B 1 39 ? -4.788  8.036   -16.379 1.00 30.38 ? 38  GLN B OE1 1 
ATOM   828  N NE2 . GLN B 1 39 ? -5.806  7.880   -18.379 1.00 25.33 ? 38  GLN B NE2 1 
ATOM   829  N N   . LEU B 1 40 ? -5.315  3.624   -14.145 1.00 15.87 ? 39  LEU B N   1 
ATOM   830  C CA  . LEU B 1 40 ? -4.126  2.861   -13.765 1.00 16.59 ? 39  LEU B CA  1 
ATOM   831  C C   . LEU B 1 40 ? -4.390  1.366   -13.863 1.00 16.42 ? 39  LEU B C   1 
ATOM   832  O O   . LEU B 1 40 ? -3.551  0.628   -14.375 1.00 20.83 ? 39  LEU B O   1 
ATOM   833  C CB  . LEU B 1 40 ? -3.676  3.224   -12.354 1.00 16.16 ? 39  LEU B CB  1 
ATOM   834  C CG  . LEU B 1 40 ? -2.784  4.455   -12.248 1.00 21.41 ? 39  LEU B CG  1 
ATOM   835  C CD1 . LEU B 1 40 ? -2.652  4.875   -10.794 1.00 19.55 ? 39  LEU B CD1 1 
ATOM   836  C CD2 . LEU B 1 40 ? -1.420  4.143   -12.840 1.00 27.60 ? 39  LEU B CD2 1 
ATOM   837  N N   . ALA B 1 41 ? -5.553  0.920   -13.393 1.00 16.09 ? 40  ALA B N   1 
ATOM   838  C CA  . ALA B 1 41 ? -5.885  -0.509  -13.460 1.00 16.67 ? 40  ALA B CA  1 
ATOM   839  C C   . ALA B 1 41 ? -6.038  -1.013  -14.908 1.00 23.02 ? 40  ALA B C   1 
ATOM   840  O O   . ALA B 1 41 ? -5.543  -2.088  -15.263 1.00 21.03 ? 40  ALA B O   1 
ATOM   841  C CB  . ALA B 1 41 ? -7.160  -0.796  -12.673 1.00 14.64 ? 40  ALA B CB  1 
ATOM   842  N N   . GLU B 1 42 ? -6.718  -0.230  -15.735 1.00 19.65 ? 41  GLU B N   1 
ATOM   843  C CA  . GLU B 1 42 ? -7.036  -0.633  -17.106 1.00 21.32 ? 41  GLU B CA  1 
ATOM   844  C C   . GLU B 1 42 ? -5.805  -0.637  -18.009 1.00 25.59 ? 41  GLU B C   1 
ATOM   845  O O   . GLU B 1 42 ? -5.620  -1.557  -18.814 1.00 28.85 ? 41  GLU B O   1 
ATOM   846  C CB  . GLU B 1 42 ? -8.112  0.288   -17.693 1.00 22.95 ? 41  GLU B CB  1 
ATOM   847  C CG  . GLU B 1 42 ? -8.924  -0.327  -18.829 1.00 28.75 ? 41  GLU B CG  1 
ATOM   848  C CD  . GLU B 1 42 ? -10.303 0.304   -18.974 1.00 35.20 ? 41  GLU B CD  1 
ATOM   849  O OE1 . GLU B 1 42 ? -10.488 1.445   -18.497 1.00 34.46 ? 41  GLU B OE1 1 
ATOM   850  O OE2 . GLU B 1 42 ? -11.200 -0.330  -19.576 1.00 34.83 ? 41  GLU B OE2 1 
ATOM   851  N N   . VAL B 1 43 ? -4.967  0.386   -17.878 1.00 21.77 ? 42  VAL B N   1 
ATOM   852  C CA  . VAL B 1 43 ? -3.744  0.496   -18.675 1.00 23.21 ? 42  VAL B CA  1 
ATOM   853  C C   . VAL B 1 43 ? -2.740  -0.606  -18.338 1.00 29.45 ? 42  VAL B C   1 
ATOM   854  O O   . VAL B 1 43 ? -2.132  -1.193  -19.232 1.00 31.77 ? 42  VAL B O   1 
ATOM   855  C CB  . VAL B 1 43 ? -3.072  1.874   -18.488 1.00 26.11 ? 42  VAL B CB  1 
ATOM   856  C CG1 . VAL B 1 43 ? -1.681  1.885   -19.089 1.00 29.45 ? 42  VAL B CG1 1 
ATOM   857  C CG2 . VAL B 1 43 ? -3.933  2.973   -19.121 1.00 26.87 ? 42  VAL B CG2 1 
ATOM   858  N N   . ASN B 1 44 ? -2.589  -0.900  -17.052 1.00 23.34 ? 43  ASN B N   1 
ATOM   859  C CA  . ASN B 1 44 ? -1.613  -1.885  -16.610 1.00 25.44 ? 43  ASN B CA  1 
ATOM   860  C C   . ASN B 1 44 ? -2.177  -3.295  -16.482 1.00 26.28 ? 43  ASN B C   1 
ATOM   861  O O   . ASN B 1 44 ? -1.466  -4.208  -16.040 1.00 25.72 ? 43  ASN B O   1 
ATOM   862  C CB  . ASN B 1 44 ? -1.008  -1.454  -15.272 1.00 23.45 ? 43  ASN B CB  1 
ATOM   863  C CG  . ASN B 1 44 ? -0.158  -0.215  -15.400 1.00 29.14 ? 43  ASN B CG  1 
ATOM   864  O OD1 . ASN B 1 44 ? 0.959   -0.269  -15.915 1.00 32.30 ? 43  ASN B OD1 1 
ATOM   865  N ND2 . ASN B 1 44 ? -0.675  0.912   -14.923 1.00 26.46 ? 43  ASN B ND2 1 
ATOM   866  N N   . ASN B 1 45 ? -3.439  -3.466  -16.874 1.00 23.57 ? 44  ASN B N   1 
ATOM   867  C CA  . ASN B 1 45 ? -4.149  -4.736  -16.716 1.00 27.72 ? 44  ASN B CA  1 
ATOM   868  C C   . ASN B 1 45 ? -3.935  -5.301  -15.319 1.00 26.84 ? 44  ASN B C   1 
ATOM   869  O O   . ASN B 1 45 ? -3.464  -6.435  -15.147 1.00 24.36 ? 44  ASN B O   1 
ATOM   870  C CB  . ASN B 1 45 ? -3.704  -5.743  -17.775 1.00 26.17 ? 44  ASN B CB  1 
ATOM   871  C CG  . ASN B 1 45 ? -4.230  -5.398  -19.153 1.00 31.77 ? 44  ASN B CG  1 
ATOM   872  O OD1 . ASN B 1 45 ? -5.367  -5.729  -19.494 1.00 32.76 ? 44  ASN B OD1 1 
ATOM   873  N ND2 . ASN B 1 45 ? -3.411  -4.726  -19.949 1.00 32.66 ? 44  ASN B ND2 1 
ATOM   874  N N   . ALA B 1 46 ? -4.282  -4.487  -14.327 1.00 19.84 ? 45  ALA B N   1 
ATOM   875  C CA  . ALA B 1 46 ? -3.921  -4.748  -12.944 1.00 20.42 ? 45  ALA B CA  1 
ATOM   876  C C   . ALA B 1 46 ? -5.097  -4.558  -12.000 1.00 19.82 ? 45  ALA B C   1 
ATOM   877  O O   . ALA B 1 46 ? -6.131  -3.984  -12.368 1.00 18.75 ? 45  ALA B O   1 
ATOM   878  C CB  . ALA B 1 46 ? -2.765  -3.840  -12.535 1.00 19.58 ? 45  ALA B CB  1 
ATOM   879  N N   . LEU B 1 47 ? -4.938  -5.069  -10.787 1.00 18.15 ? 46  LEU B N   1 
ATOM   880  C CA  . LEU B 1 47 ? -5.787  -4.690  -9.671  1.00 18.03 ? 46  LEU B CA  1 
ATOM   881  C C   . LEU B 1 47 ? -5.131  -3.471  -9.032  1.00 16.50 ? 46  LEU B C   1 
ATOM   882  O O   . LEU B 1 47 ? -3.954  -3.504  -8.712  1.00 14.29 ? 46  LEU B O   1 
ATOM   883  C CB  . LEU B 1 47 ? -5.923  -5.828  -8.658  1.00 19.18 ? 46  LEU B CB  1 
ATOM   884  C CG  . LEU B 1 47 ? -6.486  -5.462  -7.287  1.00 19.35 ? 46  LEU B CG  1 
ATOM   885  C CD1 . LEU B 1 47 ? -7.980  -5.152  -7.385  1.00 20.47 ? 46  LEU B CD1 1 
ATOM   886  C CD2 . LEU B 1 47 ? -6.205  -6.587  -6.275  1.00 22.68 ? 46  LEU B CD2 1 
ATOM   887  N N   . VAL B 1 48 ? -5.874  -2.391  -8.870  1.00 13.30 ? 47  VAL B N   1 
ATOM   888  C CA  . VAL B 1 48 ? -5.320  -1.185  -8.273  1.00 14.69 ? 47  VAL B CA  1 
ATOM   889  C C   . VAL B 1 48 ? -6.234  -0.699  -7.162  1.00 15.86 ? 47  VAL B C   1 
ATOM   890  O O   . VAL B 1 48 ? -7.453  -0.654  -7.320  1.00 14.01 ? 47  VAL B O   1 
ATOM   891  C CB  . VAL B 1 48 ? -5.109  -0.067  -9.317  1.00 13.87 ? 47  VAL B CB  1 
ATOM   892  C CG1 . VAL B 1 48 ? -4.665  1.226   -8.637  1.00 14.44 ? 47  VAL B CG1 1 
ATOM   893  C CG2 . VAL B 1 48 ? -4.068  -0.495  -10.356 1.00 14.66 ? 47  VAL B CG2 1 
ATOM   894  N N   . LYS B 1 49 ? -5.620  -0.382  -6.022  1.00 13.48 ? 48  LYS B N   1 
ATOM   895  C CA  . LYS B 1 49 ? -6.295  0.189   -4.866  1.00 13.32 ? 48  LYS B CA  1 
ATOM   896  C C   . LYS B 1 49 ? -5.749  1.578   -4.618  1.00 11.65 ? 48  LYS B C   1 
ATOM   897  O O   . LYS B 1 49 ? -4.536  1.797   -4.703  1.00 12.74 ? 48  LYS B O   1 
ATOM   898  C CB  . LYS B 1 49 ? -6.086  -0.671  -3.616  1.00 14.22 ? 48  LYS B CB  1 
ATOM   899  C CG  . LYS B 1 49 ? -6.591  -2.097  -3.743  1.00 14.14 ? 48  LYS B CG  1 
ATOM   900  C CD  . LYS B 1 49 ? -6.279  -2.894  -2.490  1.00 15.85 ? 48  LYS B CD  1 
ATOM   901  C CE  . LYS B 1 49 ? -6.696  -4.349  -2.659  1.00 19.07 ? 48  LYS B CE  1 
ATOM   902  N NZ  . LYS B 1 49 ? -6.321  -5.171  -1.478  1.00 22.05 ? 48  LYS B NZ  1 
ATOM   903  N N   . ALA B 1 50 ? -6.652  2.508   -4.323  1.00 12.95 ? 49  ALA B N   1 
ATOM   904  C CA  . ALA B 1 50 ? -6.294  3.890   -4.040  1.00 10.04 ? 49  ALA B CA  1 
ATOM   905  C C   . ALA B 1 50 ? -6.482  4.158   -2.555  1.00 12.68 ? 49  ALA B C   1 
ATOM   906  O O   . ALA B 1 50 ? -7.546  3.885   -2.004  1.00 14.62 ? 49  ALA B O   1 
ATOM   907  C CB  . ALA B 1 50 ? -7.151  4.859   -4.870  1.00 11.67 ? 49  ALA B CB  1 
ATOM   908  N N   . PHE B 1 51 ? -5.438  4.688   -1.927  1.00 13.02 ? 50  PHE B N   1 
ATOM   909  C CA  . PHE B 1 51 ? -5.438  5.019   -0.509  1.00 14.16 ? 50  PHE B CA  1 
ATOM   910  C C   . PHE B 1 51 ? -5.262  6.520   -0.314  1.00 13.96 ? 50  PHE B C   1 
ATOM   911  O O   . PHE B 1 51 ? -4.341  7.125   -0.868  1.00 14.03 ? 50  PHE B O   1 
ATOM   912  C CB  . PHE B 1 51 ? -4.318  4.283   0.237   1.00 12.65 ? 50  PHE B CB  1 
ATOM   913  C CG  . PHE B 1 51 ? -4.532  2.804   0.341   1.00 14.40 ? 50  PHE B CG  1 
ATOM   914  C CD1 . PHE B 1 51 ? -4.150  1.966   -0.689  1.00 14.76 ? 50  PHE B CD1 1 
ATOM   915  C CD2 . PHE B 1 51 ? -5.120  2.252   1.465   1.00 14.36 ? 50  PHE B CD2 1 
ATOM   916  C CE1 . PHE B 1 51 ? -4.356  0.590   -0.599  1.00 16.63 ? 50  PHE B CE1 1 
ATOM   917  C CE2 . PHE B 1 51 ? -5.322  0.886   1.562   1.00 16.46 ? 50  PHE B CE2 1 
ATOM   918  C CZ  . PHE B 1 51 ? -4.941  0.058   0.529   1.00 18.73 ? 50  PHE B CZ  1 
ATOM   919  N N   . ILE B 1 52 ? -6.152  7.101   0.481   1.00 16.82 ? 51  ILE B N   1 
ATOM   920  C CA  . ILE B 1 52 ? -5.988  8.474   0.955   1.00 17.61 ? 51  ILE B CA  1 
ATOM   921  C C   . ILE B 1 52 ? -6.000  8.493   2.472   1.00 15.14 ? 51  ILE B C   1 
ATOM   922  O O   . ILE B 1 52 ? -6.933  7.982   3.084   1.00 18.47 ? 51  ILE B O   1 
ATOM   923  C CB  . ILE B 1 52 ? -7.088  9.399   0.458   1.00 19.91 ? 51  ILE B CB  1 
ATOM   924  C CG1 . ILE B 1 52 ? -7.139  9.391   -1.062  1.00 21.87 ? 51  ILE B CG1 1 
ATOM   925  C CG2 . ILE B 1 52 ? -6.842  10.817  0.962   1.00 21.48 ? 51  ILE B CG2 1 
ATOM   926  C CD1 . ILE B 1 52 ? -8.178  10.336  -1.587  1.00 27.48 ? 51  ILE B CD1 1 
ATOM   927  N N   . ASN B 1 53 ? -4.962  9.075   3.064   1.00 16.72 ? 52  ASN B N   1 
ATOM   928  C CA  . ASN B 1 53 ? -4.785  9.056   4.512   1.00 21.56 ? 52  ASN B CA  1 
ATOM   929  C C   . ASN B 1 53 ? -4.880  7.638   5.049   1.00 16.73 ? 52  ASN B C   1 
ATOM   930  O O   . ASN B 1 53 ? -5.481  7.398   6.096   1.00 19.47 ? 52  ASN B O   1 
ATOM   931  C CB  . ASN B 1 53 ? -5.814  9.957   5.196   1.00 23.54 ? 52  ASN B CB  1 
ATOM   932  C CG  . ASN B 1 53 ? -5.302  11.363  5.404   1.00 31.31 ? 52  ASN B CG  1 
ATOM   933  O OD1 . ASN B 1 53 ? -4.233  11.567  5.988   1.00 29.96 ? 52  ASN B OD1 1 
ATOM   934  N ND2 . ASN B 1 53 ? -6.055  12.346  4.920   1.00 32.19 ? 52  ASN B ND2 1 
ATOM   935  N N   . ASP B 1 54 ? -4.298  6.709   4.288   1.00 15.39 ? 53  ASP B N   1 
ATOM   936  C CA  . ASP B 1 54 ? -4.231  5.286   4.610   1.00 16.31 ? 53  ASP B CA  1 
ATOM   937  C C   . ASP B 1 54 ? -5.583  4.585   4.656   1.00 15.65 ? 53  ASP B C   1 
ATOM   938  O O   . ASP B 1 54 ? -5.693  3.477   5.176   1.00 19.16 ? 53  ASP B O   1 
ATOM   939  C CB  . ASP B 1 54 ? -3.491  5.074   5.936   1.00 15.91 ? 53  ASP B CB  1 
ATOM   940  C CG  . ASP B 1 54 ? -2.049  5.527   5.872   1.00 14.98 ? 53  ASP B CG  1 
ATOM   941  O OD1 . ASP B 1 54 ? -1.482  5.526   4.763   1.00 15.14 ? 53  ASP B OD1 1 
ATOM   942  O OD2 . ASP B 1 54 ? -1.482  5.883   6.926   1.00 14.80 ? 53  ASP B OD2 1 
ATOM   943  N N   . GLU B 1 55 ? -6.599  5.216   4.075   1.00 16.36 ? 54  GLU B N   1 
ATOM   944  C CA  . GLU B 1 55 ? -7.913  4.610   3.932   1.00 19.18 ? 54  GLU B CA  1 
ATOM   945  C C   . GLU B 1 55 ? -8.120  4.209   2.470   1.00 17.62 ? 54  GLU B C   1 
ATOM   946  O O   . GLU B 1 55 ? -7.909  5.034   1.583   1.00 17.70 ? 54  GLU B O   1 
ATOM   947  C CB  . GLU B 1 55 ? -8.990  5.600   4.387   1.00 22.97 ? 54  GLU B CB  1 
ATOM   948  C CG  . GLU B 1 55 ? -10.416 5.129   4.236   1.00 27.08 ? 54  GLU B CG  1 
ATOM   949  C CD  . GLU B 1 55 ? -11.416 6.225   4.578   1.00 36.19 ? 54  GLU B CD  1 
ATOM   950  O OE1 . GLU B 1 55 ? -11.048 7.148   5.340   1.00 42.97 ? 54  GLU B OE1 1 
ATOM   951  O OE2 . GLU B 1 55 ? -12.558 6.170   4.080   1.00 34.88 ? 54  GLU B OE2 1 
ATOM   952  N N   . LYS B 1 56 ? -8.501  2.961   2.203   1.00 16.64 ? 55  LYS B N   1 
ATOM   953  C CA  . LYS B 1 56 ? -8.770  2.564   0.818   1.00 17.34 ? 55  LYS B CA  1 
ATOM   954  C C   . LYS B 1 56 ? -10.052 3.233   0.347   1.00 20.83 ? 55  LYS B C   1 
ATOM   955  O O   . LYS B 1 56 ? -11.098 3.039   0.956   1.00 20.34 ? 55  LYS B O   1 
ATOM   956  C CB  . LYS B 1 56 ? -8.900  1.044   0.664   1.00 18.96 ? 55  LYS B CB  1 
ATOM   957  C CG  . LYS B 1 56 ? -9.123  0.646   -0.793  1.00 23.35 ? 55  LYS B CG  1 
ATOM   958  C CD  . LYS B 1 56 ? -9.227  -0.858  -0.985  1.00 23.59 ? 55  LYS B CD  1 
ATOM   959  C CE  . LYS B 1 56 ? -10.627 -1.362  -0.670  1.00 31.56 ? 55  LYS B CE  1 
ATOM   960  N NZ  . LYS B 1 56 ? -11.436 -1.559  -1.900  1.00 33.56 ? 55  LYS B NZ  1 
ATOM   961  N N   . VAL B 1 57 ? -9.985  4.009   -0.731  1.00 17.76 ? 56  VAL B N   1 
ATOM   962  C CA  . VAL B 1 57 ? -11.172 4.751   -1.166  1.00 20.66 ? 56  VAL B CA  1 
ATOM   963  C C   . VAL B 1 57 ? -11.749 4.271   -2.497  1.00 21.01 ? 56  VAL B C   1 
ATOM   964  O O   . VAL B 1 57 ? -12.932 4.489   -2.779  1.00 23.67 ? 56  VAL B O   1 
ATOM   965  C CB  . VAL B 1 57 ? -10.876 6.262   -1.255  1.00 21.48 ? 56  VAL B CB  1 
ATOM   966  C CG1 . VAL B 1 57 ? -10.692 6.834   0.140   1.00 20.25 ? 56  VAL B CG1 1 
ATOM   967  C CG2 . VAL B 1 57 ? -9.635  6.531   -2.107  1.00 18.47 ? 56  VAL B CG2 1 
ATOM   968  N N   . PHE B 1 58 ? -10.922 3.624   -3.313  1.00 16.14 ? 57  PHE B N   1 
ATOM   969  C CA  . PHE B 1 58 ? -11.371 3.057   -4.581  1.00 16.38 ? 57  PHE B CA  1 
ATOM   970  C C   . PHE B 1 58 ? -10.547 1.834   -4.955  1.00 17.71 ? 57  PHE B C   1 
ATOM   971  O O   . PHE B 1 58 ? -9.418  1.668   -4.502  1.00 15.54 ? 57  PHE B O   1 
ATOM   972  C CB  . PHE B 1 58 ? -11.294 4.090   -5.702  1.00 17.20 ? 57  PHE B CB  1 
ATOM   973  C CG  . PHE B 1 58 ? -12.216 5.257   -5.510  1.00 18.34 ? 57  PHE B CG  1 
ATOM   974  C CD1 . PHE B 1 58 ? -13.580 5.117   -5.733  1.00 22.29 ? 57  PHE B CD1 1 
ATOM   975  C CD2 . PHE B 1 58 ? -11.728 6.492   -5.102  1.00 19.65 ? 57  PHE B CD2 1 
ATOM   976  C CE1 . PHE B 1 58 ? -14.440 6.187   -5.551  1.00 21.73 ? 57  PHE B CE1 1 
ATOM   977  C CE2 . PHE B 1 58 ? -12.586 7.569   -4.919  1.00 21.18 ? 57  PHE B CE2 1 
ATOM   978  C CZ  . PHE B 1 58 ? -13.946 7.412   -5.139  1.00 22.66 ? 57  PHE B CZ  1 
ATOM   979  N N   . GLU B 1 59 ? -11.125 0.991   -5.801  1.00 16.67 ? 58  GLU B N   1 
ATOM   980  C CA  . GLU B 1 59 ? -10.472 -0.222  -6.253  1.00 16.76 ? 58  GLU B CA  1 
ATOM   981  C C   . GLU B 1 59 ? -11.003 -0.579  -7.633  1.00 17.53 ? 58  GLU B C   1 
ATOM   982  O O   . GLU B 1 59 ? -12.211 -0.478  -7.883  1.00 17.48 ? 58  GLU B O   1 
ATOM   983  C CB  . GLU B 1 59 ? -10.711 -1.367  -5.263  1.00 18.70 ? 58  GLU B CB  1 
ATOM   984  C CG  . GLU B 1 59 ? -10.067 -2.672  -5.664  1.00 19.31 ? 58  GLU B CG  1 
ATOM   985  C CD  . GLU B 1 59 ? -10.154 -3.723  -4.576  1.00 23.77 ? 58  GLU B CD  1 
ATOM   986  O OE1 . GLU B 1 59 ? -10.034 -3.365  -3.383  1.00 24.18 ? 58  GLU B OE1 1 
ATOM   987  O OE2 . GLU B 1 59 ? -10.342 -4.910  -4.917  1.00 28.60 ? 58  GLU B OE2 1 
ATOM   988  N N   . ALA B 1 60 ? -10.098 -0.954  -8.531  1.00 16.27 ? 59  ALA B N   1 
ATOM   989  C CA  . ALA B 1 60 ? -10.489 -1.399  -9.870  1.00 17.15 ? 59  ALA B CA  1 
ATOM   990  C C   . ALA B 1 60 ? -9.655  -2.599  -10.282 1.00 19.23 ? 59  ALA B C   1 
ATOM   991  O O   . ALA B 1 60 ? -8.473  -2.657  -9.979  1.00 16.99 ? 59  ALA B O   1 
ATOM   992  C CB  . ALA B 1 60 ? -10.334 -0.273  -10.876 1.00 16.68 ? 59  ALA B CB  1 
ATOM   993  N N   . ASP B 1 61 ? -10.269 -3.551  -10.985 1.00 21.88 ? 60  ASP B N   1 
ATOM   994  C CA  . ASP B 1 61 ? -9.598  -4.802  -11.343 1.00 20.59 ? 60  ASP B CA  1 
ATOM   995  C C   . ASP B 1 61 ? -9.707  -5.056  -12.842 1.00 22.25 ? 60  ASP B C   1 
ATOM   996  O O   . ASP B 1 61 ? -10.802 -5.293  -13.354 1.00 26.04 ? 60  ASP B O   1 
ATOM   997  C CB  . ASP B 1 61 ? -10.210 -5.972  -10.560 1.00 23.75 ? 60  ASP B CB  1 
ATOM   998  C CG  . ASP B 1 61 ? -9.370  -7.250  -10.628 1.00 19.61 ? 60  ASP B CG  1 
ATOM   999  O OD1 . ASP B 1 61 ? -8.432  -7.329  -11.445 1.00 21.38 ? 60  ASP B OD1 1 
ATOM   1000 O OD2 . ASP B 1 61 ? -9.665  -8.183  -9.852  1.00 23.48 ? 60  ASP B OD2 1 
ATOM   1001 N N   . PHE B 1 62 ? -8.580  -4.993  -13.541 1.00 19.79 ? 61  PHE B N   1 
ATOM   1002 C CA  . PHE B 1 62 ? -8.548  -5.291  -14.969 1.00 24.51 ? 61  PHE B CA  1 
ATOM   1003 C C   . PHE B 1 62 ? -7.575  -6.423  -15.288 1.00 24.01 ? 61  PHE B C   1 
ATOM   1004 O O   . PHE B 1 62 ? -6.985  -6.481  -16.367 1.00 21.97 ? 61  PHE B O   1 
ATOM   1005 C CB  . PHE B 1 62 ? -8.199  -4.037  -15.762 1.00 24.29 ? 61  PHE B CB  1 
ATOM   1006 C CG  . PHE B 1 62 ? -9.358  -3.093  -15.911 1.00 26.58 ? 61  PHE B CG  1 
ATOM   1007 C CD1 . PHE B 1 62 ? -10.239 -3.222  -16.975 1.00 27.10 ? 61  PHE B CD1 1 
ATOM   1008 C CD2 . PHE B 1 62 ? -9.590  -2.102  -14.968 1.00 24.32 ? 61  PHE B CD2 1 
ATOM   1009 C CE1 . PHE B 1 62 ? -11.324 -2.363  -17.104 1.00 30.23 ? 61  PHE B CE1 1 
ATOM   1010 C CE2 . PHE B 1 62 ? -10.670 -1.241  -15.092 1.00 25.26 ? 61  PHE B CE2 1 
ATOM   1011 C CZ  . PHE B 1 62 ? -11.535 -1.371  -16.164 1.00 28.11 ? 61  PHE B CZ  1 
ATOM   1012 N N   . ARG B 1 63 ? -7.404  -7.316  -14.327 1.00 22.13 ? 62  ARG B N   1 
ATOM   1013 C CA  . ARG B 1 63 ? -6.625  -8.518  -14.559 1.00 23.97 ? 62  ARG B CA  1 
ATOM   1014 C C   . ARG B 1 63 ? -7.439  -9.502  -15.402 1.00 25.32 ? 62  ARG B C   1 
ATOM   1015 O O   . ARG B 1 63 ? -6.896  -10.169 -16.279 1.00 35.77 ? 62  ARG B O   1 
ATOM   1016 C CB  . ARG B 1 63 ? -6.218  -9.154  -13.234 1.00 23.70 ? 62  ARG B CB  1 
ATOM   1017 C CG  . ARG B 1 63 ? -5.154  -8.381  -12.464 1.00 24.98 ? 62  ARG B CG  1 
ATOM   1018 C CD  . ARG B 1 63 ? -4.942  -8.999  -11.100 1.00 21.81 ? 62  ARG B CD  1 
ATOM   1019 N NE  . ARG B 1 63 ? -6.191  -9.082  -10.352 1.00 21.06 ? 62  ARG B NE  1 
ATOM   1020 C CZ  . ARG B 1 63 ? -6.310  -9.606  -9.136  1.00 24.92 ? 62  ARG B CZ  1 
ATOM   1021 N NH1 . ARG B 1 63 ? -5.250  -10.113 -8.519  1.00 29.43 ? 62  ARG B NH1 1 
ATOM   1022 N NH2 . ARG B 1 63 ? -7.493  -9.632  -8.538  1.00 27.43 ? 62  ARG B NH2 1 
HETATM 1023 O O   . HOH C 2 .  ? 7.606   -9.165  22.960  1.00 32.61 ? 101 HOH A O   1 
HETATM 1024 O O   . HOH C 2 .  ? 8.346   -12.657 21.085  1.00 33.63 ? 102 HOH A O   1 
HETATM 1025 O O   . HOH C 2 .  ? -4.961  -23.092 4.138   1.00 26.46 ? 103 HOH A O   1 
HETATM 1026 O O   . HOH C 2 .  ? 17.409  2.266   10.117  1.00 26.18 ? 104 HOH A O   1 
HETATM 1027 O O   . HOH C 2 .  ? 11.316  10.567  -4.632  1.00 24.68 ? 105 HOH A O   1 
HETATM 1028 O O   . HOH C 2 .  ? -9.154  1.199   4.373   1.00 17.78 ? 106 HOH A O   1 
HETATM 1029 O O   . HOH C 2 .  ? -3.125  -8.443  -1.805  1.00 24.60 ? 107 HOH A O   1 
HETATM 1030 O O   . HOH C 2 .  ? 5.962   11.443  7.209   1.00 40.98 ? 108 HOH A O   1 
HETATM 1031 O O   . HOH C 2 .  ? -0.310  -11.312 -3.111  1.00 24.56 ? 109 HOH A O   1 
HETATM 1032 O O   . HOH C 2 .  ? -5.364  -9.064  4.259   1.00 21.44 ? 110 HOH A O   1 
HETATM 1033 O O   . HOH C 2 .  ? 3.527   -18.960 13.882  1.00 33.74 ? 111 HOH A O   1 
HETATM 1034 O O   . HOH C 2 .  ? 3.685   -2.147  20.268  1.00 33.74 ? 112 HOH A O   1 
HETATM 1035 O O   . HOH C 2 .  ? 17.254  -0.869  1.470   1.00 29.33 ? 113 HOH A O   1 
HETATM 1036 O O   . HOH C 2 .  ? 17.057  -4.203  11.907  1.00 18.92 ? 114 HOH A O   1 
HETATM 1037 O O   . HOH C 2 .  ? -1.844  -15.428 10.941  1.00 15.88 ? 115 HOH A O   1 
HETATM 1038 O O   . HOH C 2 .  ? 17.702  2.090   14.606  1.00 23.16 ? 116 HOH A O   1 
HETATM 1039 O O   . HOH C 2 .  ? 12.584  7.895   12.508  1.00 26.95 ? 117 HOH A O   1 
HETATM 1040 O O   . HOH C 2 .  ? 8.337   4.125   14.349  1.00 22.77 ? 118 HOH A O   1 
HETATM 1041 O O   . HOH C 2 .  ? -2.439  -16.881 14.253  1.00 33.12 ? 119 HOH A O   1 
HETATM 1042 O O   . HOH C 2 .  ? -1.929  -22.782 5.060   1.00 24.76 ? 120 HOH A O   1 
HETATM 1043 O O   . HOH C 2 .  ? 6.778   9.487   -2.217  1.00 26.63 ? 121 HOH A O   1 
HETATM 1044 O O   . HOH C 2 .  ? 9.195   -9.442  19.726  1.00 29.91 ? 122 HOH A O   1 
HETATM 1045 O O   . HOH C 2 .  ? 15.693  5.196   3.150   1.00 19.29 ? 123 HOH A O   1 
HETATM 1046 O O   . HOH C 2 .  ? -7.028  -21.611 11.956  1.00 21.14 ? 124 HOH A O   1 
HETATM 1047 O O   . HOH C 2 .  ? 9.923   9.520   2.587   1.00 15.43 ? 125 HOH A O   1 
HETATM 1048 O O   . HOH C 2 .  ? -5.597  -15.265 9.150   1.00 25.80 ? 126 HOH A O   1 
HETATM 1049 O O   . HOH C 2 .  ? -5.523  -12.354 5.296   1.00 22.09 ? 127 HOH A O   1 
HETATM 1050 O O   . HOH C 2 .  ? -11.656 -3.352  1.401   1.00 42.24 ? 128 HOH A O   1 
HETATM 1051 O O   . HOH C 2 .  ? -3.768  -26.824 7.488   1.00 17.69 ? 129 HOH A O   1 
HETATM 1052 O O   . HOH C 2 .  ? 6.620   -7.202  -3.964  1.00 19.49 ? 130 HOH A O   1 
HETATM 1053 O O   . HOH C 2 .  ? -3.774  -20.173 4.592   1.00 24.63 ? 131 HOH A O   1 
HETATM 1054 O O   . HOH C 2 .  ? 11.286  11.976  2.680   1.00 30.17 ? 132 HOH A O   1 
HETATM 1055 O O   . HOH C 2 .  ? 2.467   -13.057 16.836  1.00 19.57 ? 133 HOH A O   1 
HETATM 1056 O O   . HOH C 2 .  ? 10.634  10.652  9.742   1.00 29.43 ? 134 HOH A O   1 
HETATM 1057 O O   . HOH C 2 .  ? 4.641   -9.316  -2.787  1.00 22.54 ? 135 HOH A O   1 
HETATM 1058 O O   . HOH C 2 .  ? -3.419  -7.738  2.667   1.00 16.83 ? 136 HOH A O   1 
HETATM 1059 O O   . HOH C 2 .  ? -4.524  -5.218  2.860   1.00 20.13 ? 137 HOH A O   1 
HETATM 1060 O O   . HOH C 2 .  ? -5.491  -16.888 13.060  1.00 32.32 ? 138 HOH A O   1 
HETATM 1061 O O   . HOH C 2 .  ? -7.749  -5.329  9.607   1.00 22.83 ? 139 HOH A O   1 
HETATM 1062 O O   . HOH C 2 .  ? 8.075   -2.763  -4.457  1.00 26.21 ? 140 HOH A O   1 
HETATM 1063 O O   . HOH C 2 .  ? 9.083   4.431   -6.150  1.00 21.82 ? 141 HOH A O   1 
HETATM 1064 O O   . HOH C 2 .  ? 1.083   -11.996 19.139  1.00 28.43 ? 142 HOH A O   1 
HETATM 1065 O O   . HOH C 2 .  ? 17.697  6.429   9.160   1.00 40.17 ? 143 HOH A O   1 
HETATM 1066 O O   . HOH C 2 .  ? 10.822  -8.032  8.144   1.00 13.41 ? 144 HOH A O   1 
HETATM 1067 O O   . HOH C 2 .  ? 9.313   -4.921  -2.275  1.00 24.86 ? 145 HOH A O   1 
HETATM 1068 O O   . HOH C 2 .  ? -8.323  -3.193  11.009  1.00 32.95 ? 146 HOH A O   1 
HETATM 1069 O O   . HOH C 2 .  ? 0.396   -19.236 15.148  1.00 29.13 ? 147 HOH A O   1 
HETATM 1070 O O   . HOH C 2 .  ? 7.096   12.236  4.205   1.00 34.80 ? 148 HOH A O   1 
HETATM 1071 O O   . HOH C 2 .  ? 1.117   1.999   14.495  1.00 23.03 ? 149 HOH A O   1 
HETATM 1072 O O   . HOH C 2 .  ? 13.994  -5.928  3.523   1.00 29.69 ? 150 HOH A O   1 
HETATM 1073 O O   . HOH C 2 .  ? 2.084   8.676   5.164   1.00 22.47 ? 151 HOH A O   1 
HETATM 1074 O O   . HOH C 2 .  ? 7.061   -11.401 -0.289  1.00 35.29 ? 152 HOH A O   1 
HETATM 1075 O O   . HOH C 2 .  ? 17.332  3.499   1.942   1.00 28.92 ? 153 HOH A O   1 
HETATM 1076 O O   . HOH C 2 .  ? 16.384  5.752   12.453  1.00 29.20 ? 154 HOH A O   1 
HETATM 1077 O O   . HOH C 2 .  ? 11.107  -5.407  17.521  1.00 23.01 ? 155 HOH A O   1 
HETATM 1078 O O   . HOH C 2 .  ? 4.612   10.179  5.783   1.00 31.43 ? 156 HOH A O   1 
HETATM 1079 O O   . HOH C 2 .  ? 17.797  3.582   12.159  1.00 31.73 ? 157 HOH A O   1 
HETATM 1080 O O   . HOH C 2 .  ? 21.035  0.348   13.987  1.00 46.18 ? 158 HOH A O   1 
HETATM 1081 O O   . HOH C 2 .  ? 5.420   10.266  2.679   1.00 25.49 ? 159 HOH A O   1 
HETATM 1082 O O   . HOH C 2 .  ? 2.831   -15.757 17.181  1.00 29.34 ? 160 HOH A O   1 
HETATM 1083 O O   . HOH C 2 .  ? 4.092   9.214   3.573   1.00 28.06 ? 161 HOH A O   1 
HETATM 1084 O O   . HOH C 2 .  ? 12.746  -7.522  6.294   1.00 26.36 ? 162 HOH A O   1 
HETATM 1085 O O   . HOH C 2 .  ? 7.801   10.251  1.000   1.00 27.57 ? 163 HOH A O   1 
HETATM 1086 O O   . HOH C 2 .  ? 14.402  6.969   14.466  1.00 28.89 ? 164 HOH A O   1 
HETATM 1087 O O   . HOH C 2 .  ? 19.276  -3.357  10.600  1.00 29.89 ? 165 HOH A O   1 
HETATM 1088 O O   . HOH C 2 .  ? -6.201  3.772   9.590   1.00 31.87 ? 166 HOH A O   1 
HETATM 1089 O O   . HOH C 2 .  ? 9.141   13.612  3.022   1.00 37.07 ? 167 HOH A O   1 
HETATM 1090 O O   . HOH C 2 .  ? 5.321   -20.631 15.145  1.00 44.28 ? 168 HOH A O   1 
HETATM 1091 O O   . HOH D 2 .  ? -10.048 13.446  -1.151  1.00 36.01 ? 101 HOH B O   1 
HETATM 1092 O O   . HOH D 2 .  ? -11.346 -8.118  -8.275  1.00 33.07 ? 102 HOH B O   1 
HETATM 1093 O O   . HOH D 2 .  ? 4.596   15.010  -1.966  1.00 30.38 ? 103 HOH B O   1 
HETATM 1094 O O   . HOH D 2 .  ? -9.410  -6.712  -3.691  1.00 38.62 ? 104 HOH B O   1 
HETATM 1095 O O   . HOH D 2 .  ? -4.413  -6.065  -0.274  1.00 23.97 ? 105 HOH B O   1 
HETATM 1096 O O   . HOH D 2 .  ? -2.310  -10.693 -9.227  1.00 28.63 ? 106 HOH B O   1 
HETATM 1097 O O   . HOH D 2 .  ? -11.707 -5.524  -6.906  1.00 32.93 ? 107 HOH B O   1 
HETATM 1098 O O   . HOH D 2 .  ? -2.955  10.448  1.213   1.00 26.82 ? 108 HOH B O   1 
HETATM 1099 O O   . HOH D 2 .  ? -14.698 5.793   -1.561  1.00 32.82 ? 109 HOH B O   1 
HETATM 1100 O O   . HOH D 2 .  ? -17.863 4.867   -7.084  1.00 30.41 ? 110 HOH B O   1 
HETATM 1101 O O   . HOH D 2 .  ? -0.222  -14.845 -10.520 1.00 37.33 ? 111 HOH B O   1 
HETATM 1102 O O   . HOH D 2 .  ? 4.953   -9.486  -13.720 1.00 35.35 ? 112 HOH B O   1 
HETATM 1103 O O   . HOH D 2 .  ? -1.423  -8.084  -15.339 1.00 27.75 ? 113 HOH B O   1 
HETATM 1104 O O   . HOH D 2 .  ? 0.892   -10.357 -14.970 1.00 30.23 ? 114 HOH B O   1 
HETATM 1105 O O   . HOH D 2 .  ? -10.845 5.782   7.614   1.00 39.75 ? 115 HOH B O   1 
HETATM 1106 O O   . HOH D 2 .  ? 6.662   -3.755  -10.245 1.00 34.63 ? 116 HOH B O   1 
HETATM 1107 O O   . HOH D 2 .  ? 6.720   4.706   -6.756  1.00 26.00 ? 117 HOH B O   1 
HETATM 1108 O O   . HOH D 2 .  ? -1.137  8.809   0.664   1.00 22.88 ? 118 HOH B O   1 
HETATM 1109 O O   . HOH D 2 .  ? 2.689   10.581  0.201   1.00 31.90 ? 119 HOH B O   1 
HETATM 1110 O O   . HOH D 2 .  ? -10.105 6.748   -18.715 1.00 31.63 ? 120 HOH B O   1 
HETATM 1111 O O   . HOH D 2 .  ? -3.226  6.933   -14.465 1.00 28.48 ? 121 HOH B O   1 
HETATM 1112 O O   . HOH D 2 .  ? -18.667 6.877   -8.749  1.00 24.18 ? 122 HOH B O   1 
HETATM 1113 O O   . HOH D 2 .  ? -16.298 15.674  -5.271  1.00 22.12 ? 123 HOH B O   1 
HETATM 1114 O O   . HOH D 2 .  ? -16.820 8.899   -7.086  1.00 30.10 ? 124 HOH B O   1 
HETATM 1115 O O   . HOH D 2 .  ? -0.138  13.866  -10.694 1.00 21.38 ? 125 HOH B O   1 
HETATM 1116 O O   . HOH D 2 .  ? -9.431  9.067   3.503   1.00 27.95 ? 126 HOH B O   1 
HETATM 1117 O O   . HOH D 2 .  ? -6.541  2.123   7.428   1.00 17.29 ? 127 HOH B O   1 
HETATM 1118 O O   . HOH D 2 .  ? -3.584  10.371  -15.524 1.00 37.11 ? 128 HOH B O   1 
HETATM 1119 O O   . HOH D 2 .  ? -7.285  -3.741  -19.378 1.00 31.48 ? 129 HOH B O   1 
HETATM 1120 O O   . HOH D 2 .  ? 6.246   -7.481  -6.589  1.00 22.76 ? 130 HOH B O   1 
HETATM 1121 O O   . HOH D 2 .  ? -14.731 2.701   -8.529  1.00 28.03 ? 131 HOH B O   1 
HETATM 1122 O O   . HOH D 2 .  ? -15.393 9.273   -10.975 1.00 15.82 ? 132 HOH B O   1 
HETATM 1123 O O   . HOH D 2 .  ? -19.305 10.471  -7.464  1.00 33.98 ? 133 HOH B O   1 
HETATM 1124 O O   . HOH D 2 .  ? -10.262 19.907  -5.465  1.00 23.30 ? 134 HOH B O   1 
HETATM 1125 O O   . HOH D 2 .  ? -2.827  6.877   1.874   1.00 17.38 ? 135 HOH B O   1 
HETATM 1126 O O   . HOH D 2 .  ? -13.132 0.640   -2.495  1.00 38.44 ? 136 HOH B O   1 
HETATM 1127 O O   . HOH D 2 .  ? 0.419   3.422   -15.729 1.00 37.86 ? 137 HOH B O   1 
HETATM 1128 O O   . HOH D 2 .  ? 5.470   13.017  -0.446  1.00 31.73 ? 138 HOH B O   1 
HETATM 1129 O O   . HOH D 2 .  ? -1.159  4.461   2.111   1.00 22.32 ? 139 HOH B O   1 
HETATM 1130 O O   . HOH D 2 .  ? 1.928   13.934  -8.874  1.00 20.80 ? 140 HOH B O   1 
HETATM 1131 O O   . HOH D 2 .  ? -0.437  8.074   3.828   1.00 20.16 ? 141 HOH B O   1 
HETATM 1132 O O   . HOH D 2 .  ? -14.285 17.034  -2.214  1.00 34.63 ? 142 HOH B O   1 
HETATM 1133 O O   . HOH D 2 .  ? -14.044 1.294   -6.200  1.00 23.33 ? 143 HOH B O   1 
HETATM 1134 O O   . HOH D 2 .  ? -14.919 20.852  -5.551  1.00 36.55 ? 144 HOH B O   1 
HETATM 1135 O O   . HOH D 2 .  ? -10.146 4.405   -18.533 1.00 30.50 ? 145 HOH B O   1 
HETATM 1136 O O   . HOH D 2 .  ? 4.100   9.216   -9.251  1.00 28.00 ? 146 HOH B O   1 
HETATM 1137 O O   . HOH D 2 .  ? -13.453 1.525   -0.182  1.00 36.62 ? 147 HOH B O   1 
HETATM 1138 O O   . HOH D 2 .  ? 7.432   -4.699  -6.274  1.00 33.99 ? 148 HOH B O   1 
HETATM 1139 O O   . HOH D 2 .  ? -14.935 14.614  -3.059  1.00 23.39 ? 149 HOH B O   1 
HETATM 1140 O O   . HOH D 2 .  ? -1.973  19.381  -0.571  1.00 37.26 ? 150 HOH B O   1 
HETATM 1141 O O   . HOH D 2 .  ? -2.371  15.383  0.959   1.00 36.72 ? 151 HOH B O   1 
HETATM 1142 O O   . HOH D 2 .  ? -3.336  14.522  5.766   1.00 34.92 ? 152 HOH B O   1 
HETATM 1143 O O   . HOH D 2 .  ? -4.208  13.925  2.745   1.00 43.74 ? 153 HOH B O   1 
HETATM 1144 O O   . HOH D 2 .  ? -4.282  -10.523 -5.429  1.00 37.51 ? 154 HOH B O   1 
HETATM 1145 O O   . HOH D 2 .  ? -15.166 2.297   -3.731  1.00 33.81 ? 155 HOH B O   1 
HETATM 1146 O O   . HOH D 2 .  ? -8.356  14.833  0.467   1.00 38.30 ? 156 HOH B O   1 
HETATM 1147 O O   . HOH D 2 .  ? -13.513 -3.885  -8.242  1.00 32.19 ? 157 HOH B O   1 
HETATM 1148 O O   . HOH D 2 .  ? 2.431   -9.387  -15.611 1.00 37.30 ? 158 HOH B O   1 
HETATM 1149 O O   . HOH D 2 .  ? -15.168 8.386   -2.183  1.00 36.90 ? 159 HOH B O   1 
HETATM 1150 O O   . HOH D 2 .  ? 2.192   9.296   1.934   1.00 25.06 ? 160 HOH B O   1 
HETATM 1151 O O   . HOH D 2 .  ? -2.025  -11.216 -6.807  1.00 34.51 ? 161 HOH B O   1 
HETATM 1152 O O   . HOH D 2 .  ? -9.013  13.809  2.972   1.00 43.79 ? 162 HOH B O   1 
HETATM 1153 O O   . HOH D 2 .  ? -2.084  12.447  2.894   1.00 31.32 ? 163 HOH B O   1 
HETATM 1154 O O   . HOH D 2 .  ? -2.076  5.265   -16.433 1.00 32.74 ? 164 HOH B O   1 
HETATM 1155 O O   . HOH D 2 .  ? -19.496 6.211   -7.142  1.00 36.35 ? 165 HOH B O   1 
HETATM 1156 O O   . HOH D 2 .  ? -9.258  2.283   6.953   1.00 37.64 ? 166 HOH B O   1 
HETATM 1157 O O   . HOH D 2 .  ? -1.618  6.259   -18.842 1.00 45.01 ? 167 HOH B O   1 
HETATM 1158 O O   . HOH D 2 .  ? -1.773  10.355  -13.780 1.00 38.84 ? 168 HOH B O   1 
HETATM 1159 O O   . HOH D 2 .  ? 6.294   -1.596  -12.007 1.00 37.48 ? 169 HOH B O   1 
HETATM 1160 O O   . HOH D 2 .  ? -1.132  14.574  -13.388 1.00 30.97 ? 170 HOH B O   1 
HETATM 1161 O O   . HOH D 2 .  ? -17.014 9.079   -4.075  1.00 35.02 ? 171 HOH B O   1 
# 
loop_
_pdbx_poly_seq_scheme.asym_id 
_pdbx_poly_seq_scheme.entity_id 
_pdbx_poly_seq_scheme.seq_id 
_pdbx_poly_seq_scheme.mon_id 
_pdbx_poly_seq_scheme.ndb_seq_num 
_pdbx_poly_seq_scheme.pdb_seq_num 
_pdbx_poly_seq_scheme.auth_seq_num 
_pdbx_poly_seq_scheme.pdb_mon_id 
_pdbx_poly_seq_scheme.auth_mon_id 
_pdbx_poly_seq_scheme.pdb_strand_id 
_pdbx_poly_seq_scheme.pdb_ins_code 
_pdbx_poly_seq_scheme.hetero 
A 1 1  SER 1  0  0  SER SER A . n 
A 1 2  MET 2  1  1  MET MET A . n 
A 1 3  SER 3  2  2  SER SER A . n 
A 1 4  LYS 4  3  3  LYS LYS A . n 
A 1 5  LEU 5  4  4  LEU LEU A . n 
A 1 6  THR 6  5  5  THR THR A . n 
A 1 7  LYS 7  6  6  LYS LYS A . n 
A 1 8  VAL 8  7  7  VAL VAL A . n 
A 1 9  THR 9  8  8  THR THR A . n 
A 1 10 PHE 10 9  9  PHE PHE A . n 
A 1 11 ILE 11 10 10 ILE ILE A . n 
A 1 12 GLY 12 11 11 GLY GLY A . n 
A 1 13 TRP 13 12 12 TRP TRP A . n 
A 1 14 PHE 14 13 13 PHE PHE A . n 
A 1 15 LYS 15 14 14 LYS LYS A . n 
A 1 16 SER 16 15 15 SER SER A . n 
A 1 17 GLY 17 16 16 GLY GLY A . n 
A 1 18 GLU 18 17 17 GLU GLU A . n 
A 1 19 MET 19 18 18 MET MET A . n 
A 1 20 PHE 20 19 19 PHE PHE A . n 
A 1 21 THR 21 20 20 THR THR A . n 
A 1 22 LYS 22 21 21 LYS LYS A . n 
A 1 23 ASP 23 22 22 ASP ASP A . n 
A 1 24 ILE 24 23 23 ILE ILE A . n 
A 1 25 MET 25 24 24 MET MET A . n 
A 1 26 LEU 26 25 25 LEU LEU A . n 
A 1 27 SER 27 26 26 SER SER A . n 
A 1 28 GLY 28 27 27 GLY GLY A . n 
A 1 29 ASP 29 28 28 ASP ASP A . n 
A 1 30 ARG 30 29 29 ARG ARG A . n 
A 1 31 GLU 31 30 30 GLU GLU A . n 
A 1 32 GLU 32 31 31 GLU GLU A . n 
A 1 33 ILE 33 32 32 ILE ILE A . n 
A 1 34 GLU 34 33 33 GLU GLU A . n 
A 1 35 TRP 35 34 34 TRP TRP A . n 
A 1 36 VAL 36 35 35 VAL VAL A . n 
A 1 37 THR 37 36 36 THR THR A . n 
A 1 38 VAL 38 37 37 VAL VAL A . n 
A 1 39 GLN 39 38 38 GLN GLN A . n 
A 1 40 LEU 40 39 39 LEU LEU A . n 
A 1 41 ALA 41 40 40 ALA ALA A . n 
A 1 42 GLU 42 41 41 GLU GLU A . n 
A 1 43 VAL 43 42 42 VAL VAL A . n 
A 1 44 ASN 44 43 43 ASN ASN A . n 
A 1 45 ASN 45 44 44 ASN ASN A . n 
A 1 46 ALA 46 45 45 ALA ALA A . n 
A 1 47 LEU 47 46 46 LEU LEU A . n 
A 1 48 VAL 48 47 47 VAL VAL A . n 
A 1 49 LYS 49 48 48 LYS LYS A . n 
A 1 50 ALA 50 49 49 ALA ALA A . n 
A 1 51 PHE 51 50 50 PHE PHE A . n 
A 1 52 ILE 52 51 51 ILE ILE A . n 
A 1 53 ASN 53 52 52 ASN ASN A . n 
A 1 54 ASP 54 53 53 ASP ASP A . n 
A 1 55 GLU 55 54 54 GLU GLU A . n 
A 1 56 LYS 56 55 55 LYS LYS A . n 
A 1 57 VAL 57 56 56 VAL VAL A . n 
A 1 58 PHE 58 57 57 PHE PHE A . n 
A 1 59 GLU 59 58 58 GLU GLU A . n 
A 1 60 ALA 60 59 59 ALA ALA A . n 
A 1 61 ASP 61 60 60 ASP ASP A . n 
A 1 62 PHE 62 61 61 PHE PHE A . n 
A 1 63 ARG 63 62 62 ARG ARG A . n 
A 1 64 GLY 64 63 63 GLY GLY A . n 
B 1 1  SER 1  0  ?  ?   ?   B . n 
B 1 2  MET 2  1  1  MET MET B . n 
B 1 3  SER 3  2  2  SER SER B . n 
B 1 4  LYS 4  3  3  LYS LYS B . n 
B 1 5  LEU 5  4  4  LEU LEU B . n 
B 1 6  THR 6  5  5  THR THR B . n 
B 1 7  LYS 7  6  6  LYS LYS B . n 
B 1 8  VAL 8  7  7  VAL VAL B . n 
B 1 9  THR 9  8  8  THR THR B . n 
B 1 10 PHE 10 9  9  PHE PHE B . n 
B 1 11 ILE 11 10 10 ILE ILE B . n 
B 1 12 GLY 12 11 11 GLY GLY B . n 
B 1 13 TRP 13 12 12 TRP TRP B . n 
B 1 14 PHE 14 13 13 PHE PHE B . n 
B 1 15 LYS 15 14 14 LYS LYS B . n 
B 1 16 SER 16 15 15 SER SER B . n 
B 1 17 GLY 17 16 16 GLY GLY B . n 
B 1 18 GLU 18 17 17 GLU GLU B . n 
B 1 19 MET 19 18 18 MET MET B . n 
B 1 20 PHE 20 19 19 PHE PHE B . n 
B 1 21 THR 21 20 20 THR THR B . n 
B 1 22 LYS 22 21 21 LYS LYS B . n 
B 1 23 ASP 23 22 22 ASP ASP B . n 
B 1 24 ILE 24 23 23 ILE ILE B . n 
B 1 25 MET 25 24 24 MET MET B . n 
B 1 26 LEU 26 25 25 LEU LEU B . n 
B 1 27 SER 27 26 26 SER SER B . n 
B 1 28 GLY 28 27 27 GLY GLY B . n 
B 1 29 ASP 29 28 28 ASP ASP B . n 
B 1 30 ARG 30 29 29 ARG ARG B . n 
B 1 31 GLU 31 30 30 GLU GLU B . n 
B 1 32 GLU 32 31 31 GLU GLU B . n 
B 1 33 ILE 33 32 32 ILE ILE B . n 
B 1 34 GLU 34 33 33 GLU GLU B . n 
B 1 35 TRP 35 34 34 TRP TRP B . n 
B 1 36 VAL 36 35 35 VAL VAL B . n 
B 1 37 THR 37 36 36 THR THR B . n 
B 1 38 VAL 38 37 37 VAL VAL B . n 
B 1 39 GLN 39 38 38 GLN GLN B . n 
B 1 40 LEU 40 39 39 LEU LEU B . n 
B 1 41 ALA 41 40 40 ALA ALA B . n 
B 1 42 GLU 42 41 41 GLU GLU B . n 
B 1 43 VAL 43 42 42 VAL VAL B . n 
B 1 44 ASN 44 43 43 ASN ASN B . n 
B 1 45 ASN 45 44 44 ASN ASN B . n 
B 1 46 ALA 46 45 45 ALA ALA B . n 
B 1 47 LEU 47 46 46 LEU LEU B . n 
B 1 48 VAL 48 47 47 VAL VAL B . n 
B 1 49 LYS 49 48 48 LYS LYS B . n 
B 1 50 ALA 50 49 49 ALA ALA B . n 
B 1 51 PHE 51 50 50 PHE PHE B . n 
B 1 52 ILE 52 51 51 ILE ILE B . n 
B 1 53 ASN 53 52 52 ASN ASN B . n 
B 1 54 ASP 54 53 53 ASP ASP B . n 
B 1 55 GLU 55 54 54 GLU GLU B . n 
B 1 56 LYS 56 55 55 LYS LYS B . n 
B 1 57 VAL 57 56 56 VAL VAL B . n 
B 1 58 PHE 58 57 57 PHE PHE B . n 
B 1 59 GLU 59 58 58 GLU GLU B . n 
B 1 60 ALA 60 59 59 ALA ALA B . n 
B 1 61 ASP 61 60 60 ASP ASP B . n 
B 1 62 PHE 62 61 61 PHE PHE B . n 
B 1 63 ARG 63 62 62 ARG ARG B . n 
B 1 64 GLY 64 63 ?  ?   ?   B . n 
# 
loop_
_pdbx_nonpoly_scheme.asym_id 
_pdbx_nonpoly_scheme.entity_id 
_pdbx_nonpoly_scheme.mon_id 
_pdbx_nonpoly_scheme.ndb_seq_num 
_pdbx_nonpoly_scheme.pdb_seq_num 
_pdbx_nonpoly_scheme.auth_seq_num 
_pdbx_nonpoly_scheme.pdb_mon_id 
_pdbx_nonpoly_scheme.auth_mon_id 
_pdbx_nonpoly_scheme.pdb_strand_id 
_pdbx_nonpoly_scheme.pdb_ins_code 
C 2 HOH 1  101 39  HOH HOH A . 
C 2 HOH 2  102 115 HOH HOH A . 
C 2 HOH 3  103 40  HOH HOH A . 
C 2 HOH 4  104 64  HOH HOH A . 
C 2 HOH 5  105 49  HOH HOH A . 
C 2 HOH 6  106 12  HOH HOH A . 
C 2 HOH 7  107 47  HOH HOH A . 
C 2 HOH 8  108 116 HOH HOH A . 
C 2 HOH 9  109 31  HOH HOH A . 
C 2 HOH 10 110 29  HOH HOH A . 
C 2 HOH 11 111 67  HOH HOH A . 
C 2 HOH 12 112 113 HOH HOH A . 
C 2 HOH 13 113 77  HOH HOH A . 
C 2 HOH 14 114 10  HOH HOH A . 
C 2 HOH 15 115 1   HOH HOH A . 
C 2 HOH 16 116 15  HOH HOH A . 
C 2 HOH 17 117 73  HOH HOH A . 
C 2 HOH 18 118 55  HOH HOH A . 
C 2 HOH 19 119 66  HOH HOH A . 
C 2 HOH 20 120 18  HOH HOH A . 
C 2 HOH 21 121 54  HOH HOH A . 
C 2 HOH 22 122 118 HOH HOH A . 
C 2 HOH 23 123 5   HOH HOH A . 
C 2 HOH 24 124 14  HOH HOH A . 
C 2 HOH 25 125 2   HOH HOH A . 
C 2 HOH 26 126 38  HOH HOH A . 
C 2 HOH 27 127 36  HOH HOH A . 
C 2 HOH 28 128 92  HOH HOH A . 
C 2 HOH 29 129 6   HOH HOH A . 
C 2 HOH 30 130 17  HOH HOH A . 
C 2 HOH 31 131 98  HOH HOH A . 
C 2 HOH 32 132 56  HOH HOH A . 
C 2 HOH 33 133 11  HOH HOH A . 
C 2 HOH 34 134 71  HOH HOH A . 
C 2 HOH 35 135 24  HOH HOH A . 
C 2 HOH 36 136 4   HOH HOH A . 
C 2 HOH 37 137 37  HOH HOH A . 
C 2 HOH 38 138 45  HOH HOH A . 
C 2 HOH 39 139 19  HOH HOH A . 
C 2 HOH 40 140 23  HOH HOH A . 
C 2 HOH 41 141 34  HOH HOH A . 
C 2 HOH 42 142 43  HOH HOH A . 
C 2 HOH 43 143 125 HOH HOH A . 
C 2 HOH 44 144 9   HOH HOH A . 
C 2 HOH 45 145 96  HOH HOH A . 
C 2 HOH 46 146 53  HOH HOH A . 
C 2 HOH 47 147 44  HOH HOH A . 
C 2 HOH 48 148 58  HOH HOH A . 
C 2 HOH 49 149 41  HOH HOH A . 
C 2 HOH 50 150 99  HOH HOH A . 
C 2 HOH 51 151 22  HOH HOH A . 
C 2 HOH 52 152 135 HOH HOH A . 
C 2 HOH 53 153 80  HOH HOH A . 
C 2 HOH 54 154 83  HOH HOH A . 
C 2 HOH 55 155 97  HOH HOH A . 
C 2 HOH 56 156 94  HOH HOH A . 
C 2 HOH 57 157 59  HOH HOH A . 
C 2 HOH 58 158 68  HOH HOH A . 
C 2 HOH 59 159 32  HOH HOH A . 
C 2 HOH 60 160 106 HOH HOH A . 
C 2 HOH 61 161 57  HOH HOH A . 
C 2 HOH 62 162 20  HOH HOH A . 
C 2 HOH 63 163 61  HOH HOH A . 
C 2 HOH 64 164 79  HOH HOH A . 
C 2 HOH 65 165 69  HOH HOH A . 
C 2 HOH 66 166 117 HOH HOH A . 
C 2 HOH 67 167 109 HOH HOH A . 
C 2 HOH 68 168 139 HOH HOH A . 
D 2 HOH 1  101 60  HOH HOH B . 
D 2 HOH 2  102 100 HOH HOH B . 
D 2 HOH 3  103 52  HOH HOH B . 
D 2 HOH 4  104 105 HOH HOH B . 
D 2 HOH 5  105 48  HOH HOH B . 
D 2 HOH 6  106 42  HOH HOH B . 
D 2 HOH 7  107 86  HOH HOH B . 
D 2 HOH 8  108 75  HOH HOH B . 
D 2 HOH 9  109 87  HOH HOH B . 
D 2 HOH 10 110 81  HOH HOH B . 
D 2 HOH 11 111 136 HOH HOH B . 
D 2 HOH 12 112 70  HOH HOH B . 
D 2 HOH 13 113 63  HOH HOH B . 
D 2 HOH 14 114 65  HOH HOH B . 
D 2 HOH 15 115 84  HOH HOH B . 
D 2 HOH 16 116 137 HOH HOH B . 
D 2 HOH 17 117 27  HOH HOH B . 
D 2 HOH 18 118 33  HOH HOH B . 
D 2 HOH 19 119 51  HOH HOH B . 
D 2 HOH 20 120 132 HOH HOH B . 
D 2 HOH 21 121 129 HOH HOH B . 
D 2 HOH 22 122 25  HOH HOH B . 
D 2 HOH 23 123 28  HOH HOH B . 
D 2 HOH 24 124 111 HOH HOH B . 
D 2 HOH 25 125 21  HOH HOH B . 
D 2 HOH 26 126 91  HOH HOH B . 
D 2 HOH 27 127 13  HOH HOH B . 
D 2 HOH 28 128 90  HOH HOH B . 
D 2 HOH 29 129 121 HOH HOH B . 
D 2 HOH 30 130 26  HOH HOH B . 
D 2 HOH 31 131 78  HOH HOH B . 
D 2 HOH 32 132 7   HOH HOH B . 
D 2 HOH 33 133 72  HOH HOH B . 
D 2 HOH 34 134 62  HOH HOH B . 
D 2 HOH 35 135 3   HOH HOH B . 
D 2 HOH 36 136 120 HOH HOH B . 
D 2 HOH 37 137 107 HOH HOH B . 
D 2 HOH 38 138 93  HOH HOH B . 
D 2 HOH 39 139 104 HOH HOH B . 
D 2 HOH 40 140 16  HOH HOH B . 
D 2 HOH 41 141 35  HOH HOH B . 
D 2 HOH 42 142 50  HOH HOH B . 
D 2 HOH 43 143 30  HOH HOH B . 
D 2 HOH 44 144 134 HOH HOH B . 
D 2 HOH 45 145 112 HOH HOH B . 
D 2 HOH 46 146 89  HOH HOH B . 
D 2 HOH 47 147 119 HOH HOH B . 
D 2 HOH 48 148 103 HOH HOH B . 
D 2 HOH 49 149 8   HOH HOH B . 
D 2 HOH 50 150 123 HOH HOH B . 
D 2 HOH 51 151 122 HOH HOH B . 
D 2 HOH 52 152 76  HOH HOH B . 
D 2 HOH 53 153 124 HOH HOH B . 
D 2 HOH 54 154 128 HOH HOH B . 
D 2 HOH 55 155 82  HOH HOH B . 
D 2 HOH 56 156 133 HOH HOH B . 
D 2 HOH 57 157 74  HOH HOH B . 
D 2 HOH 58 158 108 HOH HOH B . 
D 2 HOH 59 159 110 HOH HOH B . 
D 2 HOH 60 160 95  HOH HOH B . 
D 2 HOH 61 161 127 HOH HOH B . 
D 2 HOH 62 162 131 HOH HOH B . 
D 2 HOH 63 163 46  HOH HOH B . 
D 2 HOH 64 164 130 HOH HOH B . 
D 2 HOH 65 165 126 HOH HOH B . 
D 2 HOH 66 166 88  HOH HOH B . 
D 2 HOH 67 167 138 HOH HOH B . 
D 2 HOH 68 168 85  HOH HOH B . 
D 2 HOH 69 169 114 HOH HOH B . 
D 2 HOH 70 170 102 HOH HOH B . 
D 2 HOH 71 171 101 HOH HOH B . 
# 
_pdbx_struct_assembly.id                   1 
_pdbx_struct_assembly.details              author_and_software_defined_assembly 
_pdbx_struct_assembly.method_details       PISA 
_pdbx_struct_assembly.oligomeric_details   dimeric 
_pdbx_struct_assembly.oligomeric_count     2 
# 
_pdbx_struct_assembly_gen.assembly_id       1 
_pdbx_struct_assembly_gen.oper_expression   1 
_pdbx_struct_assembly_gen.asym_id_list      A,B,C,D 
# 
loop_
_pdbx_struct_assembly_prop.biol_id 
_pdbx_struct_assembly_prop.type 
_pdbx_struct_assembly_prop.value 
_pdbx_struct_assembly_prop.details 
1 'ABSA (A^2)' 980  ? 
1 MORE         -8   ? 
1 'SSA (A^2)'  7440 ? 
# 
_pdbx_struct_oper_list.id                   1 
_pdbx_struct_oper_list.type                 'identity operation' 
_pdbx_struct_oper_list.name                 1_555 
_pdbx_struct_oper_list.symmetry_operation   x,y,z 
_pdbx_struct_oper_list.matrix[1][1]         1.0000000000 
_pdbx_struct_oper_list.matrix[1][2]         0.0000000000 
_pdbx_struct_oper_list.matrix[1][3]         0.0000000000 
_pdbx_struct_oper_list.vector[1]            0.0000000000 
_pdbx_struct_oper_list.matrix[2][1]         0.0000000000 
_pdbx_struct_oper_list.matrix[2][2]         1.0000000000 
_pdbx_struct_oper_list.matrix[2][3]         0.0000000000 
_pdbx_struct_oper_list.vector[2]            0.0000000000 
_pdbx_struct_oper_list.matrix[3][1]         0.0000000000 
_pdbx_struct_oper_list.matrix[3][2]         0.0000000000 
_pdbx_struct_oper_list.matrix[3][3]         1.0000000000 
_pdbx_struct_oper_list.vector[3]            0.0000000000 
# 
loop_
_pdbx_audit_revision_history.ordinal 
_pdbx_audit_revision_history.data_content_type 
_pdbx_audit_revision_history.major_revision 
_pdbx_audit_revision_history.minor_revision 
_pdbx_audit_revision_history.revision_date 
1 'Structure model' 1 0 2017-02-15 
2 'Structure model' 1 1 2023-11-08 
# 
_pdbx_audit_revision_details.ordinal             1 
_pdbx_audit_revision_details.revision_ordinal    1 
_pdbx_audit_revision_details.data_content_type   'Structure model' 
_pdbx_audit_revision_details.provider            repository 
_pdbx_audit_revision_details.type                'Initial release' 
_pdbx_audit_revision_details.description         ? 
_pdbx_audit_revision_details.details             ? 
# 
loop_
_pdbx_audit_revision_group.ordinal 
_pdbx_audit_revision_group.revision_ordinal 
_pdbx_audit_revision_group.data_content_type 
_pdbx_audit_revision_group.group 
1 2 'Structure model' 'Data collection'        
2 2 'Structure model' 'Database references'    
3 2 'Structure model' 'Refinement description' 
# 
loop_
_pdbx_audit_revision_category.ordinal 
_pdbx_audit_revision_category.revision_ordinal 
_pdbx_audit_revision_category.data_content_type 
_pdbx_audit_revision_category.category 
1 2 'Structure model' chem_comp_atom                
2 2 'Structure model' chem_comp_bond                
3 2 'Structure model' database_2                    
4 2 'Structure model' pdbx_initial_refinement_model 
# 
loop_
_pdbx_audit_revision_item.ordinal 
_pdbx_audit_revision_item.revision_ordinal 
_pdbx_audit_revision_item.data_content_type 
_pdbx_audit_revision_item.item 
1 2 'Structure model' '_database_2.pdbx_DOI'                
2 2 'Structure model' '_database_2.pdbx_database_accession' 
# 
loop_
_software.citation_id 
_software.classification 
_software.compiler_name 
_software.compiler_version 
_software.contact_author 
_software.contact_author_email 
_software.date 
_software.description 
_software.dependencies 
_software.hardware 
_software.language 
_software.location 
_software.mods 
_software.name 
_software.os 
_software.os_version 
_software.type 
_software.version 
_software.pdbx_ordinal 
? refinement       ? ? ? ? ? ? ? ? ? ? ? PHENIX   ? ? ? 1.9_1692 1 
? 'data reduction' ? ? ? ? ? ? ? ? ? ? ? HKL-2000 ? ? ? .        2 
? 'data scaling'   ? ? ? ? ? ? ? ? ? ? ? HKL-2000 ? ? ? .        3 
? phasing          ? ? ? ? ? ? ? ? ? ? ? PHASER   ? ? ? .        4 
# 
loop_
_pdbx_validate_close_contact.id 
_pdbx_validate_close_contact.PDB_model_num 
_pdbx_validate_close_contact.auth_atom_id_1 
_pdbx_validate_close_contact.auth_asym_id_1 
_pdbx_validate_close_contact.auth_comp_id_1 
_pdbx_validate_close_contact.auth_seq_id_1 
_pdbx_validate_close_contact.PDB_ins_code_1 
_pdbx_validate_close_contact.label_alt_id_1 
_pdbx_validate_close_contact.auth_atom_id_2 
_pdbx_validate_close_contact.auth_asym_id_2 
_pdbx_validate_close_contact.auth_comp_id_2 
_pdbx_validate_close_contact.auth_seq_id_2 
_pdbx_validate_close_contact.PDB_ins_code_2 
_pdbx_validate_close_contact.label_alt_id_2 
_pdbx_validate_close_contact.dist 
1 1 O   A HOH 159 ? ? O A HOH 161 ? ? 1.92 
2 1 O   B HOH 122 ? ? O B HOH 165 ? ? 1.93 
3 1 O   B HOH 114 ? ? O B HOH 158 ? ? 1.93 
4 1 NH1 B ARG 29  ? ? O B HOH 101 ? ? 2.06 
5 1 O   B HOH 110 ? ? O B HOH 165 ? ? 2.12 
# 
_pdbx_validate_symm_contact.id                1 
_pdbx_validate_symm_contact.PDB_model_num     1 
_pdbx_validate_symm_contact.auth_atom_id_1    O 
_pdbx_validate_symm_contact.auth_asym_id_1    A 
_pdbx_validate_symm_contact.auth_comp_id_1    HOH 
_pdbx_validate_symm_contact.auth_seq_id_1     122 
_pdbx_validate_symm_contact.PDB_ins_code_1    ? 
_pdbx_validate_symm_contact.label_alt_id_1    ? 
_pdbx_validate_symm_contact.site_symmetry_1   1_555 
_pdbx_validate_symm_contact.auth_atom_id_2    O 
_pdbx_validate_symm_contact.auth_asym_id_2    B 
_pdbx_validate_symm_contact.auth_comp_id_2    HOH 
_pdbx_validate_symm_contact.auth_seq_id_2     120 
_pdbx_validate_symm_contact.PDB_ins_code_2    ? 
_pdbx_validate_symm_contact.label_alt_id_2    ? 
_pdbx_validate_symm_contact.site_symmetry_2   2_555 
_pdbx_validate_symm_contact.dist              2.08 
# 
_pdbx_validate_torsion.id              1 
_pdbx_validate_torsion.PDB_model_num   1 
_pdbx_validate_torsion.auth_comp_id    ASP 
_pdbx_validate_torsion.auth_asym_id    A 
_pdbx_validate_torsion.auth_seq_id     28 
_pdbx_validate_torsion.PDB_ins_code    ? 
_pdbx_validate_torsion.label_alt_id    ? 
_pdbx_validate_torsion.phi             -135.00 
_pdbx_validate_torsion.psi             -143.52 
# 
loop_
_pdbx_unobs_or_zero_occ_residues.id 
_pdbx_unobs_or_zero_occ_residues.PDB_model_num 
_pdbx_unobs_or_zero_occ_residues.polymer_flag 
_pdbx_unobs_or_zero_occ_residues.occupancy_flag 
_pdbx_unobs_or_zero_occ_residues.auth_asym_id 
_pdbx_unobs_or_zero_occ_residues.auth_comp_id 
_pdbx_unobs_or_zero_occ_residues.auth_seq_id 
_pdbx_unobs_or_zero_occ_residues.PDB_ins_code 
_pdbx_unobs_or_zero_occ_residues.label_asym_id 
_pdbx_unobs_or_zero_occ_residues.label_comp_id 
_pdbx_unobs_or_zero_occ_residues.label_seq_id 
1 1 Y 1 B SER 0  ? B SER 1  
2 1 Y 1 B GLY 63 ? B GLY 64 
# 
loop_
_chem_comp_atom.comp_id 
_chem_comp_atom.atom_id 
_chem_comp_atom.type_symbol 
_chem_comp_atom.pdbx_aromatic_flag 
_chem_comp_atom.pdbx_stereo_config 
_chem_comp_atom.pdbx_ordinal 
ALA N    N N N 1   
ALA CA   C N S 2   
ALA C    C N N 3   
ALA O    O N N 4   
ALA CB   C N N 5   
ALA OXT  O N N 6   
ALA H    H N N 7   
ALA H2   H N N 8   
ALA HA   H N N 9   
ALA HB1  H N N 10  
ALA HB2  H N N 11  
ALA HB3  H N N 12  
ALA HXT  H N N 13  
ARG N    N N N 14  
ARG CA   C N S 15  
ARG C    C N N 16  
ARG O    O N N 17  
ARG CB   C N N 18  
ARG CG   C N N 19  
ARG CD   C N N 20  
ARG NE   N N N 21  
ARG CZ   C N N 22  
ARG NH1  N N N 23  
ARG NH2  N N N 24  
ARG OXT  O N N 25  
ARG H    H N N 26  
ARG H2   H N N 27  
ARG HA   H N N 28  
ARG HB2  H N N 29  
ARG HB3  H N N 30  
ARG HG2  H N N 31  
ARG HG3  H N N 32  
ARG HD2  H N N 33  
ARG HD3  H N N 34  
ARG HE   H N N 35  
ARG HH11 H N N 36  
ARG HH12 H N N 37  
ARG HH21 H N N 38  
ARG HH22 H N N 39  
ARG HXT  H N N 40  
ASN N    N N N 41  
ASN CA   C N S 42  
ASN C    C N N 43  
ASN O    O N N 44  
ASN CB   C N N 45  
ASN CG   C N N 46  
ASN OD1  O N N 47  
ASN ND2  N N N 48  
ASN OXT  O N N 49  
ASN H    H N N 50  
ASN H2   H N N 51  
ASN HA   H N N 52  
ASN HB2  H N N 53  
ASN HB3  H N N 54  
ASN HD21 H N N 55  
ASN HD22 H N N 56  
ASN HXT  H N N 57  
ASP N    N N N 58  
ASP CA   C N S 59  
ASP C    C N N 60  
ASP O    O N N 61  
ASP CB   C N N 62  
ASP CG   C N N 63  
ASP OD1  O N N 64  
ASP OD2  O N N 65  
ASP OXT  O N N 66  
ASP H    H N N 67  
ASP H2   H N N 68  
ASP HA   H N N 69  
ASP HB2  H N N 70  
ASP HB3  H N N 71  
ASP HD2  H N N 72  
ASP HXT  H N N 73  
GLN N    N N N 74  
GLN CA   C N S 75  
GLN C    C N N 76  
GLN O    O N N 77  
GLN CB   C N N 78  
GLN CG   C N N 79  
GLN CD   C N N 80  
GLN OE1  O N N 81  
GLN NE2  N N N 82  
GLN OXT  O N N 83  
GLN H    H N N 84  
GLN H2   H N N 85  
GLN HA   H N N 86  
GLN HB2  H N N 87  
GLN HB3  H N N 88  
GLN HG2  H N N 89  
GLN HG3  H N N 90  
GLN HE21 H N N 91  
GLN HE22 H N N 92  
GLN HXT  H N N 93  
GLU N    N N N 94  
GLU CA   C N S 95  
GLU C    C N N 96  
GLU O    O N N 97  
GLU CB   C N N 98  
GLU CG   C N N 99  
GLU CD   C N N 100 
GLU OE1  O N N 101 
GLU OE2  O N N 102 
GLU OXT  O N N 103 
GLU H    H N N 104 
GLU H2   H N N 105 
GLU HA   H N N 106 
GLU HB2  H N N 107 
GLU HB3  H N N 108 
GLU HG2  H N N 109 
GLU HG3  H N N 110 
GLU HE2  H N N 111 
GLU HXT  H N N 112 
GLY N    N N N 113 
GLY CA   C N N 114 
GLY C    C N N 115 
GLY O    O N N 116 
GLY OXT  O N N 117 
GLY H    H N N 118 
GLY H2   H N N 119 
GLY HA2  H N N 120 
GLY HA3  H N N 121 
GLY HXT  H N N 122 
HOH O    O N N 123 
HOH H1   H N N 124 
HOH H2   H N N 125 
ILE N    N N N 126 
ILE CA   C N S 127 
ILE C    C N N 128 
ILE O    O N N 129 
ILE CB   C N S 130 
ILE CG1  C N N 131 
ILE CG2  C N N 132 
ILE CD1  C N N 133 
ILE OXT  O N N 134 
ILE H    H N N 135 
ILE H2   H N N 136 
ILE HA   H N N 137 
ILE HB   H N N 138 
ILE HG12 H N N 139 
ILE HG13 H N N 140 
ILE HG21 H N N 141 
ILE HG22 H N N 142 
ILE HG23 H N N 143 
ILE HD11 H N N 144 
ILE HD12 H N N 145 
ILE HD13 H N N 146 
ILE HXT  H N N 147 
LEU N    N N N 148 
LEU CA   C N S 149 
LEU C    C N N 150 
LEU O    O N N 151 
LEU CB   C N N 152 
LEU CG   C N N 153 
LEU CD1  C N N 154 
LEU CD2  C N N 155 
LEU OXT  O N N 156 
LEU H    H N N 157 
LEU H2   H N N 158 
LEU HA   H N N 159 
LEU HB2  H N N 160 
LEU HB3  H N N 161 
LEU HG   H N N 162 
LEU HD11 H N N 163 
LEU HD12 H N N 164 
LEU HD13 H N N 165 
LEU HD21 H N N 166 
LEU HD22 H N N 167 
LEU HD23 H N N 168 
LEU HXT  H N N 169 
LYS N    N N N 170 
LYS CA   C N S 171 
LYS C    C N N 172 
LYS O    O N N 173 
LYS CB   C N N 174 
LYS CG   C N N 175 
LYS CD   C N N 176 
LYS CE   C N N 177 
LYS NZ   N N N 178 
LYS OXT  O N N 179 
LYS H    H N N 180 
LYS H2   H N N 181 
LYS HA   H N N 182 
LYS HB2  H N N 183 
LYS HB3  H N N 184 
LYS HG2  H N N 185 
LYS HG3  H N N 186 
LYS HD2  H N N 187 
LYS HD3  H N N 188 
LYS HE2  H N N 189 
LYS HE3  H N N 190 
LYS HZ1  H N N 191 
LYS HZ2  H N N 192 
LYS HZ3  H N N 193 
LYS HXT  H N N 194 
MET N    N N N 195 
MET CA   C N S 196 
MET C    C N N 197 
MET O    O N N 198 
MET CB   C N N 199 
MET CG   C N N 200 
MET SD   S N N 201 
MET CE   C N N 202 
MET OXT  O N N 203 
MET H    H N N 204 
MET H2   H N N 205 
MET HA   H N N 206 
MET HB2  H N N 207 
MET HB3  H N N 208 
MET HG2  H N N 209 
MET HG3  H N N 210 
MET HE1  H N N 211 
MET HE2  H N N 212 
MET HE3  H N N 213 
MET HXT  H N N 214 
PHE N    N N N 215 
PHE CA   C N S 216 
PHE C    C N N 217 
PHE O    O N N 218 
PHE CB   C N N 219 
PHE CG   C Y N 220 
PHE CD1  C Y N 221 
PHE CD2  C Y N 222 
PHE CE1  C Y N 223 
PHE CE2  C Y N 224 
PHE CZ   C Y N 225 
PHE OXT  O N N 226 
PHE H    H N N 227 
PHE H2   H N N 228 
PHE HA   H N N 229 
PHE HB2  H N N 230 
PHE HB3  H N N 231 
PHE HD1  H N N 232 
PHE HD2  H N N 233 
PHE HE1  H N N 234 
PHE HE2  H N N 235 
PHE HZ   H N N 236 
PHE HXT  H N N 237 
SER N    N N N 238 
SER CA   C N S 239 
SER C    C N N 240 
SER O    O N N 241 
SER CB   C N N 242 
SER OG   O N N 243 
SER OXT  O N N 244 
SER H    H N N 245 
SER H2   H N N 246 
SER HA   H N N 247 
SER HB2  H N N 248 
SER HB3  H N N 249 
SER HG   H N N 250 
SER HXT  H N N 251 
THR N    N N N 252 
THR CA   C N S 253 
THR C    C N N 254 
THR O    O N N 255 
THR CB   C N R 256 
THR OG1  O N N 257 
THR CG2  C N N 258 
THR OXT  O N N 259 
THR H    H N N 260 
THR H2   H N N 261 
THR HA   H N N 262 
THR HB   H N N 263 
THR HG1  H N N 264 
THR HG21 H N N 265 
THR HG22 H N N 266 
THR HG23 H N N 267 
THR HXT  H N N 268 
TRP N    N N N 269 
TRP CA   C N S 270 
TRP C    C N N 271 
TRP O    O N N 272 
TRP CB   C N N 273 
TRP CG   C Y N 274 
TRP CD1  C Y N 275 
TRP CD2  C Y N 276 
TRP NE1  N Y N 277 
TRP CE2  C Y N 278 
TRP CE3  C Y N 279 
TRP CZ2  C Y N 280 
TRP CZ3  C Y N 281 
TRP CH2  C Y N 282 
TRP OXT  O N N 283 
TRP H    H N N 284 
TRP H2   H N N 285 
TRP HA   H N N 286 
TRP HB2  H N N 287 
TRP HB3  H N N 288 
TRP HD1  H N N 289 
TRP HE1  H N N 290 
TRP HE3  H N N 291 
TRP HZ2  H N N 292 
TRP HZ3  H N N 293 
TRP HH2  H N N 294 
TRP HXT  H N N 295 
VAL N    N N N 296 
VAL CA   C N S 297 
VAL C    C N N 298 
VAL O    O N N 299 
VAL CB   C N N 300 
VAL CG1  C N N 301 
VAL CG2  C N N 302 
VAL OXT  O N N 303 
VAL H    H N N 304 
VAL H2   H N N 305 
VAL HA   H N N 306 
VAL HB   H N N 307 
VAL HG11 H N N 308 
VAL HG12 H N N 309 
VAL HG13 H N N 310 
VAL HG21 H N N 311 
VAL HG22 H N N 312 
VAL HG23 H N N 313 
VAL HXT  H N N 314 
# 
loop_
_chem_comp_bond.comp_id 
_chem_comp_bond.atom_id_1 
_chem_comp_bond.atom_id_2 
_chem_comp_bond.value_order 
_chem_comp_bond.pdbx_aromatic_flag 
_chem_comp_bond.pdbx_stereo_config 
_chem_comp_bond.pdbx_ordinal 
ALA N   CA   sing N N 1   
ALA N   H    sing N N 2   
ALA N   H2   sing N N 3   
ALA CA  C    sing N N 4   
ALA CA  CB   sing N N 5   
ALA CA  HA   sing N N 6   
ALA C   O    doub N N 7   
ALA C   OXT  sing N N 8   
ALA CB  HB1  sing N N 9   
ALA CB  HB2  sing N N 10  
ALA CB  HB3  sing N N 11  
ALA OXT HXT  sing N N 12  
ARG N   CA   sing N N 13  
ARG N   H    sing N N 14  
ARG N   H2   sing N N 15  
ARG CA  C    sing N N 16  
ARG CA  CB   sing N N 17  
ARG CA  HA   sing N N 18  
ARG C   O    doub N N 19  
ARG C   OXT  sing N N 20  
ARG CB  CG   sing N N 21  
ARG CB  HB2  sing N N 22  
ARG CB  HB3  sing N N 23  
ARG CG  CD   sing N N 24  
ARG CG  HG2  sing N N 25  
ARG CG  HG3  sing N N 26  
ARG CD  NE   sing N N 27  
ARG CD  HD2  sing N N 28  
ARG CD  HD3  sing N N 29  
ARG NE  CZ   sing N N 30  
ARG NE  HE   sing N N 31  
ARG CZ  NH1  sing N N 32  
ARG CZ  NH2  doub N N 33  
ARG NH1 HH11 sing N N 34  
ARG NH1 HH12 sing N N 35  
ARG NH2 HH21 sing N N 36  
ARG NH2 HH22 sing N N 37  
ARG OXT HXT  sing N N 38  
ASN N   CA   sing N N 39  
ASN N   H    sing N N 40  
ASN N   H2   sing N N 41  
ASN CA  C    sing N N 42  
ASN CA  CB   sing N N 43  
ASN CA  HA   sing N N 44  
ASN C   O    doub N N 45  
ASN C   OXT  sing N N 46  
ASN CB  CG   sing N N 47  
ASN CB  HB2  sing N N 48  
ASN CB  HB3  sing N N 49  
ASN CG  OD1  doub N N 50  
ASN CG  ND2  sing N N 51  
ASN ND2 HD21 sing N N 52  
ASN ND2 HD22 sing N N 53  
ASN OXT HXT  sing N N 54  
ASP N   CA   sing N N 55  
ASP N   H    sing N N 56  
ASP N   H2   sing N N 57  
ASP CA  C    sing N N 58  
ASP CA  CB   sing N N 59  
ASP CA  HA   sing N N 60  
ASP C   O    doub N N 61  
ASP C   OXT  sing N N 62  
ASP CB  CG   sing N N 63  
ASP CB  HB2  sing N N 64  
ASP CB  HB3  sing N N 65  
ASP CG  OD1  doub N N 66  
ASP CG  OD2  sing N N 67  
ASP OD2 HD2  sing N N 68  
ASP OXT HXT  sing N N 69  
GLN N   CA   sing N N 70  
GLN N   H    sing N N 71  
GLN N   H2   sing N N 72  
GLN CA  C    sing N N 73  
GLN CA  CB   sing N N 74  
GLN CA  HA   sing N N 75  
GLN C   O    doub N N 76  
GLN C   OXT  sing N N 77  
GLN CB  CG   sing N N 78  
GLN CB  HB2  sing N N 79  
GLN CB  HB3  sing N N 80  
GLN CG  CD   sing N N 81  
GLN CG  HG2  sing N N 82  
GLN CG  HG3  sing N N 83  
GLN CD  OE1  doub N N 84  
GLN CD  NE2  sing N N 85  
GLN NE2 HE21 sing N N 86  
GLN NE2 HE22 sing N N 87  
GLN OXT HXT  sing N N 88  
GLU N   CA   sing N N 89  
GLU N   H    sing N N 90  
GLU N   H2   sing N N 91  
GLU CA  C    sing N N 92  
GLU CA  CB   sing N N 93  
GLU CA  HA   sing N N 94  
GLU C   O    doub N N 95  
GLU C   OXT  sing N N 96  
GLU CB  CG   sing N N 97  
GLU CB  HB2  sing N N 98  
GLU CB  HB3  sing N N 99  
GLU CG  CD   sing N N 100 
GLU CG  HG2  sing N N 101 
GLU CG  HG3  sing N N 102 
GLU CD  OE1  doub N N 103 
GLU CD  OE2  sing N N 104 
GLU OE2 HE2  sing N N 105 
GLU OXT HXT  sing N N 106 
GLY N   CA   sing N N 107 
GLY N   H    sing N N 108 
GLY N   H2   sing N N 109 
GLY CA  C    sing N N 110 
GLY CA  HA2  sing N N 111 
GLY CA  HA3  sing N N 112 
GLY C   O    doub N N 113 
GLY C   OXT  sing N N 114 
GLY OXT HXT  sing N N 115 
HOH O   H1   sing N N 116 
HOH O   H2   sing N N 117 
ILE N   CA   sing N N 118 
ILE N   H    sing N N 119 
ILE N   H2   sing N N 120 
ILE CA  C    sing N N 121 
ILE CA  CB   sing N N 122 
ILE CA  HA   sing N N 123 
ILE C   O    doub N N 124 
ILE C   OXT  sing N N 125 
ILE CB  CG1  sing N N 126 
ILE CB  CG2  sing N N 127 
ILE CB  HB   sing N N 128 
ILE CG1 CD1  sing N N 129 
ILE CG1 HG12 sing N N 130 
ILE CG1 HG13 sing N N 131 
ILE CG2 HG21 sing N N 132 
ILE CG2 HG22 sing N N 133 
ILE CG2 HG23 sing N N 134 
ILE CD1 HD11 sing N N 135 
ILE CD1 HD12 sing N N 136 
ILE CD1 HD13 sing N N 137 
ILE OXT HXT  sing N N 138 
LEU N   CA   sing N N 139 
LEU N   H    sing N N 140 
LEU N   H2   sing N N 141 
LEU CA  C    sing N N 142 
LEU CA  CB   sing N N 143 
LEU CA  HA   sing N N 144 
LEU C   O    doub N N 145 
LEU C   OXT  sing N N 146 
LEU CB  CG   sing N N 147 
LEU CB  HB2  sing N N 148 
LEU CB  HB3  sing N N 149 
LEU CG  CD1  sing N N 150 
LEU CG  CD2  sing N N 151 
LEU CG  HG   sing N N 152 
LEU CD1 HD11 sing N N 153 
LEU CD1 HD12 sing N N 154 
LEU CD1 HD13 sing N N 155 
LEU CD2 HD21 sing N N 156 
LEU CD2 HD22 sing N N 157 
LEU CD2 HD23 sing N N 158 
LEU OXT HXT  sing N N 159 
LYS N   CA   sing N N 160 
LYS N   H    sing N N 161 
LYS N   H2   sing N N 162 
LYS CA  C    sing N N 163 
LYS CA  CB   sing N N 164 
LYS CA  HA   sing N N 165 
LYS C   O    doub N N 166 
LYS C   OXT  sing N N 167 
LYS CB  CG   sing N N 168 
LYS CB  HB2  sing N N 169 
LYS CB  HB3  sing N N 170 
LYS CG  CD   sing N N 171 
LYS CG  HG2  sing N N 172 
LYS CG  HG3  sing N N 173 
LYS CD  CE   sing N N 174 
LYS CD  HD2  sing N N 175 
LYS CD  HD3  sing N N 176 
LYS CE  NZ   sing N N 177 
LYS CE  HE2  sing N N 178 
LYS CE  HE3  sing N N 179 
LYS NZ  HZ1  sing N N 180 
LYS NZ  HZ2  sing N N 181 
LYS NZ  HZ3  sing N N 182 
LYS OXT HXT  sing N N 183 
MET N   CA   sing N N 184 
MET N   H    sing N N 185 
MET N   H2   sing N N 186 
MET CA  C    sing N N 187 
MET CA  CB   sing N N 188 
MET CA  HA   sing N N 189 
MET C   O    doub N N 190 
MET C   OXT  sing N N 191 
MET CB  CG   sing N N 192 
MET CB  HB2  sing N N 193 
MET CB  HB3  sing N N 194 
MET CG  SD   sing N N 195 
MET CG  HG2  sing N N 196 
MET CG  HG3  sing N N 197 
MET SD  CE   sing N N 198 
MET CE  HE1  sing N N 199 
MET CE  HE2  sing N N 200 
MET CE  HE3  sing N N 201 
MET OXT HXT  sing N N 202 
PHE N   CA   sing N N 203 
PHE N   H    sing N N 204 
PHE N   H2   sing N N 205 
PHE CA  C    sing N N 206 
PHE CA  CB   sing N N 207 
PHE CA  HA   sing N N 208 
PHE C   O    doub N N 209 
PHE C   OXT  sing N N 210 
PHE CB  CG   sing N N 211 
PHE CB  HB2  sing N N 212 
PHE CB  HB3  sing N N 213 
PHE CG  CD1  doub Y N 214 
PHE CG  CD2  sing Y N 215 
PHE CD1 CE1  sing Y N 216 
PHE CD1 HD1  sing N N 217 
PHE CD2 CE2  doub Y N 218 
PHE CD2 HD2  sing N N 219 
PHE CE1 CZ   doub Y N 220 
PHE CE1 HE1  sing N N 221 
PHE CE2 CZ   sing Y N 222 
PHE CE2 HE2  sing N N 223 
PHE CZ  HZ   sing N N 224 
PHE OXT HXT  sing N N 225 
SER N   CA   sing N N 226 
SER N   H    sing N N 227 
SER N   H2   sing N N 228 
SER CA  C    sing N N 229 
SER CA  CB   sing N N 230 
SER CA  HA   sing N N 231 
SER C   O    doub N N 232 
SER C   OXT  sing N N 233 
SER CB  OG   sing N N 234 
SER CB  HB2  sing N N 235 
SER CB  HB3  sing N N 236 
SER OG  HG   sing N N 237 
SER OXT HXT  sing N N 238 
THR N   CA   sing N N 239 
THR N   H    sing N N 240 
THR N   H2   sing N N 241 
THR CA  C    sing N N 242 
THR CA  CB   sing N N 243 
THR CA  HA   sing N N 244 
THR C   O    doub N N 245 
THR C   OXT  sing N N 246 
THR CB  OG1  sing N N 247 
THR CB  CG2  sing N N 248 
THR CB  HB   sing N N 249 
THR OG1 HG1  sing N N 250 
THR CG2 HG21 sing N N 251 
THR CG2 HG22 sing N N 252 
THR CG2 HG23 sing N N 253 
THR OXT HXT  sing N N 254 
TRP N   CA   sing N N 255 
TRP N   H    sing N N 256 
TRP N   H2   sing N N 257 
TRP CA  C    sing N N 258 
TRP CA  CB   sing N N 259 
TRP CA  HA   sing N N 260 
TRP C   O    doub N N 261 
TRP C   OXT  sing N N 262 
TRP CB  CG   sing N N 263 
TRP CB  HB2  sing N N 264 
TRP CB  HB3  sing N N 265 
TRP CG  CD1  doub Y N 266 
TRP CG  CD2  sing Y N 267 
TRP CD1 NE1  sing Y N 268 
TRP CD1 HD1  sing N N 269 
TRP CD2 CE2  doub Y N 270 
TRP CD2 CE3  sing Y N 271 
TRP NE1 CE2  sing Y N 272 
TRP NE1 HE1  sing N N 273 
TRP CE2 CZ2  sing Y N 274 
TRP CE3 CZ3  doub Y N 275 
TRP CE3 HE3  sing N N 276 
TRP CZ2 CH2  doub Y N 277 
TRP CZ2 HZ2  sing N N 278 
TRP CZ3 CH2  sing Y N 279 
TRP CZ3 HZ3  sing N N 280 
TRP CH2 HH2  sing N N 281 
TRP OXT HXT  sing N N 282 
VAL N   CA   sing N N 283 
VAL N   H    sing N N 284 
VAL N   H2   sing N N 285 
VAL CA  C    sing N N 286 
VAL CA  CB   sing N N 287 
VAL CA  HA   sing N N 288 
VAL C   O    doub N N 289 
VAL C   OXT  sing N N 290 
VAL CB  CG1  sing N N 291 
VAL CB  CG2  sing N N 292 
VAL CB  HB   sing N N 293 
VAL CG1 HG11 sing N N 294 
VAL CG1 HG12 sing N N 295 
VAL CG1 HG13 sing N N 296 
VAL CG2 HG21 sing N N 297 
VAL CG2 HG22 sing N N 298 
VAL CG2 HG23 sing N N 299 
VAL OXT HXT  sing N N 300 
# 
_pdbx_entity_nonpoly.entity_id   2 
_pdbx_entity_nonpoly.name        water 
_pdbx_entity_nonpoly.comp_id     HOH 
# 
_pdbx_initial_refinement_model.id               1 
_pdbx_initial_refinement_model.entity_id_list   ? 
_pdbx_initial_refinement_model.type             'experimental model' 
_pdbx_initial_refinement_model.source_name      PDB 
_pdbx_initial_refinement_model.accession_code   4I8R 
_pdbx_initial_refinement_model.details          ? 
# 
